data_7REN
#
_entry.id   7REN
#
_cell.length_a   53.200
_cell.length_b   138.440
_cell.length_c   177.490
_cell.angle_alpha   90.000
_cell.angle_beta   93.435
_cell.angle_gamma   90.000
#
_symmetry.space_group_name_H-M   'P 1 21 1'
#
loop_
_entity.id
_entity.type
_entity.pdbx_description
1 polymer 'Glutaminase kidney isoform, mitochondrial'
2 non-polymer 2-phenyl-N-{5-[4-({5-[(phenylacetyl)amino]-1,3,4-thiadiazol-2-yl}amino)piperidin-1-yl]-1,3,4-thiadiazol-2-yl}acetamide
3 water water
#
_entity_poly.entity_id   1
_entity_poly.type   'polypeptide(L)'
_entity_poly.pdbx_seq_one_letter_code
;MRGSHHHHHHGSLSSSPSEILQELGKGSTHPQPGVSPPAAPAAPGPKDGPGETDAFGNSEGKELVASGENKIKQGLLPSL
EDLLFYTIAEGQEKIPVHKFITALKSTGLRTSDPRLKECMDMLRLTLQTTSDGVMLDKDLFKKCVQSNIVLLTQAFRRKF
VIPDFMSFTSHIDELYESAKKQSGGKVADYIPQLAKFSPDLWGVSVCTVDGQRHSTGDTKVPFCLQSCVKPLKYAIAVND
LGTEYVHRYVGKEPSGLRFNKLFLNEDDKPHNPMVNAGAIVVTSLIKQGVNNAEKFDYVMQFLNKMAGNEYVGFSNATFQ
SERESGDRNFAIGYYLKEKKCFPEGTDMVGILDFYFQLCSIEVTCESASVMAATLANGGFCPITGERVLSPEAVRNTLSL
MHSCGMYDFSGQFAFHVGLPAKSGVAGGILLVVPNVMGMMCWSPPLDKMGNSVKGIHFCHDLVSLCNFHNYDNLRHFAKK
LDPRREGGDQRHSFGPLDYESLQQELALKETVWKKVSPESNEDISTTVVYRMESLGEKS
;
_entity_poly.pdbx_strand_id   A,B,C,D
#
# COMPACT_ATOMS: atom_id res chain seq x y z
N PRO A 78 -39.28 -20.01 -56.99
CA PRO A 78 -39.78 -20.18 -55.61
C PRO A 78 -40.04 -21.62 -55.16
N SER A 79 -39.13 -22.14 -54.31
CA SER A 79 -39.28 -23.40 -53.57
C SER A 79 -37.99 -23.72 -52.81
N LEU A 80 -37.83 -23.06 -51.66
CA LEU A 80 -36.57 -23.05 -50.92
C LEU A 80 -36.26 -24.42 -50.33
N GLU A 81 -37.31 -25.14 -49.91
CA GLU A 81 -37.13 -26.48 -49.38
C GLU A 81 -36.67 -27.46 -50.46
N ASP A 82 -37.01 -27.19 -51.74
CA ASP A 82 -36.48 -28.00 -52.84
C ASP A 82 -35.00 -27.71 -53.05
N LEU A 83 -34.60 -26.43 -52.94
CA LEU A 83 -33.22 -26.05 -53.19
C LEU A 83 -32.25 -26.87 -52.34
N LEU A 84 -32.63 -27.19 -51.10
CA LEU A 84 -31.80 -28.05 -50.26
C LEU A 84 -31.82 -29.49 -50.75
N PHE A 85 -32.97 -29.97 -51.25
CA PHE A 85 -33.08 -31.35 -51.72
C PHE A 85 -31.97 -31.69 -52.69
N TYR A 86 -31.85 -30.92 -53.77
CA TYR A 86 -30.84 -31.22 -54.77
C TYR A 86 -29.44 -30.87 -54.28
N THR A 87 -29.32 -29.87 -53.40
CA THR A 87 -28.00 -29.45 -52.95
C THR A 87 -27.30 -30.51 -52.10
N ILE A 88 -28.02 -31.54 -51.63
CA ILE A 88 -27.40 -32.62 -50.85
C ILE A 88 -27.37 -33.93 -51.66
N ALA A 89 -28.48 -34.28 -52.31
CA ALA A 89 -28.49 -35.39 -53.25
C ALA A 89 -27.51 -35.13 -54.39
N GLU A 90 -27.05 -36.21 -55.03
CA GLU A 90 -26.11 -36.09 -56.14
C GLU A 90 -26.79 -35.43 -57.36
N GLY A 91 -27.79 -34.60 -57.12
CA GLY A 91 -28.70 -34.21 -58.19
C GLY A 91 -29.46 -35.38 -58.77
N GLN A 92 -29.73 -36.40 -57.96
CA GLN A 92 -30.11 -37.72 -58.41
C GLN A 92 -31.44 -38.13 -57.77
N GLU A 93 -31.83 -39.37 -58.10
CA GLU A 93 -32.55 -40.32 -57.23
C GLU A 93 -33.29 -39.69 -56.05
N LYS A 94 -32.67 -39.82 -54.89
CA LYS A 94 -33.28 -39.53 -53.60
C LYS A 94 -32.23 -38.84 -52.74
N ILE A 95 -32.37 -38.95 -51.43
CA ILE A 95 -31.26 -38.83 -50.48
C ILE A 95 -31.38 -39.98 -49.53
N PRO A 96 -30.31 -40.76 -49.28
CA PRO A 96 -30.30 -41.63 -48.11
C PRO A 96 -30.20 -40.76 -46.87
N VAL A 97 -30.74 -41.24 -45.77
CA VAL A 97 -30.81 -40.38 -44.59
C VAL A 97 -29.50 -40.38 -43.79
N HIS A 98 -28.73 -41.47 -43.83
CA HIS A 98 -27.45 -41.46 -43.14
C HIS A 98 -26.51 -40.43 -43.73
N LYS A 99 -26.60 -40.18 -45.03
CA LYS A 99 -25.82 -39.13 -45.66
C LYS A 99 -26.47 -37.75 -45.49
N PHE A 100 -27.70 -37.69 -44.97
CA PHE A 100 -28.24 -36.40 -44.57
C PHE A 100 -27.73 -36.00 -43.20
N ILE A 101 -27.59 -36.95 -42.29
CA ILE A 101 -27.16 -36.56 -40.96
C ILE A 101 -25.64 -36.38 -40.90
N THR A 102 -24.87 -37.11 -41.71
CA THR A 102 -23.44 -36.83 -41.75
C THR A 102 -23.12 -35.62 -42.63
N ALA A 103 -23.99 -35.29 -43.60
CA ALA A 103 -23.96 -33.95 -44.18
C ALA A 103 -24.36 -32.89 -43.17
N LEU A 104 -25.09 -33.29 -42.13
CA LEU A 104 -25.48 -32.36 -41.07
C LEU A 104 -24.46 -32.32 -39.93
N LYS A 105 -23.94 -33.49 -39.52
CA LYS A 105 -22.92 -33.52 -38.48
C LYS A 105 -21.68 -32.74 -38.89
N SER A 106 -21.34 -32.76 -40.19
CA SER A 106 -20.17 -32.02 -40.64
C SER A 106 -20.40 -30.51 -40.58
N THR A 107 -21.63 -30.05 -40.76
CA THR A 107 -21.86 -28.61 -40.66
C THR A 107 -21.69 -28.07 -39.25
N GLY A 108 -21.44 -28.94 -38.27
CA GLY A 108 -21.26 -28.53 -36.88
C GLY A 108 -22.38 -29.02 -35.98
N LEU A 109 -23.62 -28.92 -36.44
CA LEU A 109 -24.75 -29.15 -35.56
C LEU A 109 -24.78 -30.60 -35.09
N ARG A 110 -25.35 -30.80 -33.92
CA ARG A 110 -25.62 -32.14 -33.46
C ARG A 110 -27.08 -32.44 -33.73
N THR A 111 -27.38 -33.72 -34.00
CA THR A 111 -28.76 -34.14 -34.19
C THR A 111 -29.62 -33.73 -33.00
N SER A 112 -29.00 -33.42 -31.87
CA SER A 112 -29.67 -33.05 -30.64
C SER A 112 -30.14 -31.60 -30.60
N ASP A 113 -29.71 -30.76 -31.54
CA ASP A 113 -30.05 -29.33 -31.50
C ASP A 113 -31.54 -29.13 -31.24
N PRO A 114 -31.90 -28.28 -30.27
CA PRO A 114 -33.34 -28.01 -30.00
C PRO A 114 -34.03 -27.18 -31.05
N ARG A 115 -33.31 -26.43 -31.88
CA ARG A 115 -33.92 -25.72 -33.01
C ARG A 115 -34.26 -26.66 -34.16
N LEU A 116 -33.98 -27.94 -33.99
CA LEU A 116 -34.14 -28.93 -35.04
C LEU A 116 -35.00 -30.11 -34.59
N LYS A 117 -35.69 -30.02 -33.45
CA LYS A 117 -36.40 -31.20 -33.00
C LYS A 117 -37.56 -31.56 -33.94
N GLU A 118 -38.32 -30.57 -34.40
CA GLU A 118 -39.42 -30.85 -35.33
C GLU A 118 -38.92 -31.62 -36.54
N CYS A 119 -37.88 -31.11 -37.20
CA CYS A 119 -37.21 -31.87 -38.25
C CYS A 119 -36.79 -33.25 -37.73
N MET A 120 -35.97 -33.27 -36.67
CA MET A 120 -35.57 -34.55 -36.11
C MET A 120 -36.78 -35.41 -35.79
N ASP A 121 -37.87 -34.80 -35.37
CA ASP A 121 -39.06 -35.55 -35.04
C ASP A 121 -39.63 -36.23 -36.28
N MET A 122 -39.94 -35.44 -37.29
CA MET A 122 -40.66 -35.97 -38.44
C MET A 122 -39.82 -36.92 -39.28
N LEU A 123 -38.52 -37.09 -38.99
CA LEU A 123 -37.75 -38.19 -39.55
C LEU A 123 -37.76 -39.41 -38.66
N ARG A 124 -37.79 -39.21 -37.33
CA ARG A 124 -38.03 -40.31 -36.40
C ARG A 124 -39.40 -40.95 -36.63
N LEU A 125 -40.31 -40.25 -37.30
CA LEU A 125 -41.59 -40.84 -37.75
C LEU A 125 -41.39 -41.65 -39.05
N THR A 126 -41.14 -40.97 -40.16
CA THR A 126 -41.16 -41.58 -41.49
C THR A 126 -40.10 -42.68 -41.65
N LEU A 127 -39.30 -42.95 -40.62
CA LEU A 127 -38.40 -44.08 -40.60
C LEU A 127 -38.87 -45.21 -39.69
N GLN A 128 -40.00 -45.03 -39.01
CA GLN A 128 -40.79 -46.16 -38.53
C GLN A 128 -41.79 -46.65 -39.59
N THR A 129 -41.75 -46.07 -40.80
CA THR A 129 -42.63 -46.47 -41.91
C THR A 129 -42.04 -47.66 -42.66
N THR A 130 -40.90 -47.45 -43.32
CA THR A 130 -40.17 -48.48 -44.05
C THR A 130 -39.30 -49.29 -43.09
N SER A 131 -38.92 -50.48 -43.52
CA SER A 131 -37.97 -51.29 -42.78
C SER A 131 -36.81 -51.69 -43.68
N ASP A 132 -36.15 -50.70 -44.29
CA ASP A 132 -34.98 -50.97 -45.13
C ASP A 132 -34.05 -49.76 -45.21
N GLY A 133 -34.47 -48.74 -45.96
CA GLY A 133 -33.63 -47.57 -46.20
C GLY A 133 -33.38 -46.72 -44.97
N VAL A 134 -34.10 -45.62 -44.82
CA VAL A 134 -35.05 -45.18 -45.83
C VAL A 134 -34.32 -44.11 -46.64
N MET A 135 -34.82 -43.82 -47.83
CA MET A 135 -34.38 -42.67 -48.60
C MET A 135 -35.58 -41.78 -48.85
N LEU A 136 -35.40 -40.48 -48.70
CA LEU A 136 -36.51 -39.54 -48.82
C LEU A 136 -36.57 -38.99 -50.23
N ASP A 137 -37.79 -38.70 -50.69
CA ASP A 137 -38.00 -38.11 -52.00
C ASP A 137 -38.06 -36.59 -51.90
N LYS A 138 -38.31 -35.90 -53.02
CA LYS A 138 -38.48 -34.45 -52.94
C LYS A 138 -39.59 -34.09 -51.95
N ASP A 139 -40.76 -34.72 -52.05
CA ASP A 139 -41.85 -34.35 -51.16
C ASP A 139 -41.66 -34.83 -49.74
N LEU A 140 -41.08 -36.02 -49.55
CA LEU A 140 -40.91 -36.56 -48.19
C LEU A 140 -39.79 -35.84 -47.45
N PHE A 141 -38.65 -35.62 -48.11
CA PHE A 141 -37.61 -34.74 -47.57
C PHE A 141 -38.23 -33.45 -47.09
N LYS A 142 -39.05 -32.82 -47.93
CA LYS A 142 -39.38 -31.41 -47.70
C LYS A 142 -40.22 -31.21 -46.46
N LYS A 143 -41.13 -32.15 -46.15
CA LYS A 143 -42.01 -31.89 -45.01
C LYS A 143 -41.31 -32.14 -43.69
N CYS A 144 -40.11 -32.72 -43.69
CA CYS A 144 -39.35 -32.77 -42.44
C CYS A 144 -38.66 -31.45 -42.16
N VAL A 145 -38.19 -30.74 -43.21
CA VAL A 145 -37.31 -29.59 -43.08
C VAL A 145 -38.01 -28.26 -43.32
N GLN A 146 -39.32 -28.25 -43.58
CA GLN A 146 -39.99 -26.98 -43.84
C GLN A 146 -40.01 -26.10 -42.60
N SER A 147 -40.15 -26.70 -41.41
CA SER A 147 -40.35 -25.95 -40.17
C SER A 147 -39.05 -25.30 -39.68
N ASN A 148 -37.91 -25.86 -40.04
CA ASN A 148 -36.61 -25.24 -39.79
C ASN A 148 -35.88 -25.01 -41.10
N ILE A 149 -36.59 -24.58 -42.15
CA ILE A 149 -35.93 -24.45 -43.45
C ILE A 149 -34.87 -23.37 -43.38
N VAL A 150 -35.15 -22.27 -42.69
CA VAL A 150 -34.18 -21.19 -42.73
C VAL A 150 -32.97 -21.54 -41.88
N LEU A 151 -33.16 -22.24 -40.76
CA LEU A 151 -31.97 -22.65 -40.03
C LEU A 151 -31.15 -23.66 -40.83
N LEU A 152 -31.82 -24.63 -41.46
CA LEU A 152 -31.09 -25.69 -42.13
C LEU A 152 -30.49 -25.25 -43.46
N THR A 153 -31.02 -24.19 -44.06
CA THR A 153 -30.36 -23.64 -45.25
C THR A 153 -29.03 -23.00 -44.89
N GLN A 154 -28.97 -22.30 -43.75
CA GLN A 154 -27.75 -21.61 -43.32
C GLN A 154 -26.60 -22.59 -43.15
N ALA A 155 -26.88 -23.76 -42.55
CA ALA A 155 -25.84 -24.75 -42.34
C ALA A 155 -25.20 -25.18 -43.66
N PHE A 156 -26.03 -25.50 -44.66
CA PHE A 156 -25.54 -26.07 -45.92
C PHE A 156 -25.16 -25.03 -46.95
N ARG A 157 -25.70 -23.79 -46.85
CA ARG A 157 -25.21 -22.62 -47.58
C ARG A 157 -24.08 -21.90 -46.84
N ARG A 158 -23.45 -22.56 -45.87
CA ARG A 158 -22.25 -22.09 -45.19
C ARG A 158 -22.37 -20.63 -44.73
N LYS A 159 -23.58 -20.25 -44.29
CA LYS A 159 -23.80 -18.91 -43.74
C LYS A 159 -23.55 -18.84 -42.23
N PHE A 160 -22.85 -19.82 -41.67
CA PHE A 160 -22.54 -19.88 -40.26
C PHE A 160 -21.29 -19.05 -39.93
N VAL A 161 -21.15 -18.68 -38.66
CA VAL A 161 -20.02 -17.87 -38.23
C VAL A 161 -18.70 -18.59 -38.45
N ILE A 162 -18.73 -19.92 -38.50
CA ILE A 162 -17.57 -20.68 -38.98
C ILE A 162 -18.06 -21.62 -40.07
N PRO A 163 -17.65 -21.40 -41.32
CA PRO A 163 -18.09 -22.28 -42.42
C PRO A 163 -17.43 -23.65 -42.44
N ASP A 164 -16.10 -23.70 -42.39
CA ASP A 164 -15.39 -24.98 -42.50
C ASP A 164 -15.04 -25.52 -41.12
N PHE A 165 -16.11 -25.70 -40.34
CA PHE A 165 -16.01 -26.27 -39.00
C PHE A 165 -15.17 -27.56 -38.98
N MET A 166 -15.31 -28.41 -40.01
CA MET A 166 -14.58 -29.67 -40.01
C MET A 166 -13.07 -29.45 -39.80
N SER A 167 -12.47 -28.53 -40.53
CA SER A 167 -11.03 -28.33 -40.39
C SER A 167 -10.67 -27.55 -39.12
N PHE A 168 -11.52 -26.59 -38.73
CA PHE A 168 -11.31 -25.86 -37.48
C PHE A 168 -11.19 -26.78 -36.28
N THR A 169 -11.85 -27.93 -36.29
CA THR A 169 -11.78 -28.84 -35.15
C THR A 169 -10.51 -29.68 -35.16
N SER A 170 -10.02 -30.09 -36.34
CA SER A 170 -8.78 -30.84 -36.38
C SER A 170 -7.63 -30.04 -35.78
N HIS A 171 -7.67 -28.71 -35.89
CA HIS A 171 -6.70 -27.85 -35.18
C HIS A 171 -6.95 -27.86 -33.69
N ILE A 172 -8.21 -27.77 -33.27
CA ILE A 172 -8.54 -27.87 -31.85
C ILE A 172 -7.97 -29.15 -31.26
N ASP A 173 -7.98 -30.23 -32.05
CA ASP A 173 -7.42 -31.48 -31.55
C ASP A 173 -5.91 -31.38 -31.43
N GLU A 174 -5.25 -30.83 -32.45
CA GLU A 174 -3.81 -30.57 -32.35
C GLU A 174 -3.50 -29.71 -31.13
N LEU A 175 -4.17 -28.56 -31.00
CA LEU A 175 -3.96 -27.68 -29.85
C LEU A 175 -4.26 -28.40 -28.55
N TYR A 176 -5.23 -29.31 -28.56
CA TYR A 176 -5.49 -30.13 -27.39
C TYR A 176 -4.40 -31.18 -27.21
N GLU A 177 -3.77 -31.60 -28.31
CA GLU A 177 -2.80 -32.68 -28.23
C GLU A 177 -1.47 -32.18 -27.68
N SER A 178 -0.94 -31.10 -28.24
CA SER A 178 0.33 -30.59 -27.71
C SER A 178 0.16 -30.16 -26.26
N ALA A 179 -1.02 -29.63 -25.90
CA ALA A 179 -1.30 -29.26 -24.51
C ALA A 179 -1.41 -30.48 -23.60
N LYS A 180 -1.55 -31.68 -24.18
CA LYS A 180 -1.69 -32.92 -23.41
C LYS A 180 -0.49 -33.18 -22.51
N LYS A 181 0.70 -32.81 -22.97
CA LYS A 181 1.96 -33.20 -22.34
C LYS A 181 2.54 -32.13 -21.42
N GLN A 182 1.77 -31.09 -21.09
CA GLN A 182 2.23 -30.14 -20.09
C GLN A 182 2.13 -30.76 -18.70
N SER A 183 3.28 -30.86 -18.04
CA SER A 183 3.61 -31.82 -16.99
C SER A 183 3.10 -31.43 -15.61
N GLY A 184 3.62 -30.33 -15.07
CA GLY A 184 3.45 -30.00 -13.68
C GLY A 184 2.06 -29.52 -13.32
N GLY A 185 1.90 -29.22 -12.05
CA GLY A 185 0.60 -28.88 -11.54
C GLY A 185 0.25 -29.73 -10.35
N LYS A 186 -0.35 -29.10 -9.35
CA LYS A 186 -0.92 -29.80 -8.21
C LYS A 186 -2.44 -29.61 -8.27
N VAL A 187 -3.17 -30.70 -8.08
CA VAL A 187 -4.63 -30.65 -7.92
C VAL A 187 -4.95 -30.16 -6.52
N ALA A 188 -6.03 -29.41 -6.37
CA ALA A 188 -6.29 -28.74 -5.10
C ALA A 188 -6.83 -29.72 -4.05
N ASP A 189 -6.88 -29.26 -2.79
CA ASP A 189 -7.45 -30.02 -1.68
C ASP A 189 -7.87 -29.14 -0.49
N LYS A 196 -9.30 -33.07 -5.56
CA LYS A 196 -9.33 -34.42 -5.04
C LYS A 196 -9.51 -35.48 -6.16
N PHE A 197 -9.42 -35.04 -7.43
CA PHE A 197 -9.72 -35.82 -8.65
C PHE A 197 -8.56 -36.69 -9.13
N SER A 198 -8.39 -36.81 -10.45
CA SER A 198 -7.26 -37.51 -11.10
C SER A 198 -6.49 -36.58 -12.02
N PRO A 199 -5.16 -36.58 -11.97
CA PRO A 199 -4.36 -35.51 -12.62
C PRO A 199 -4.30 -35.60 -14.14
N ASP A 200 -4.81 -36.66 -14.75
CA ASP A 200 -4.66 -36.86 -16.19
C ASP A 200 -5.91 -36.49 -16.97
N LEU A 201 -6.92 -35.93 -16.30
CA LEU A 201 -8.12 -35.51 -16.99
C LEU A 201 -7.87 -34.22 -17.76
N TRP A 202 -8.49 -34.14 -18.94
CA TRP A 202 -8.25 -33.07 -19.91
C TRP A 202 -9.27 -33.21 -21.04
N GLY A 203 -10.16 -32.23 -21.16
CA GLY A 203 -11.06 -32.14 -22.30
C GLY A 203 -11.32 -30.69 -22.65
N VAL A 204 -11.64 -30.45 -23.93
CA VAL A 204 -12.05 -29.13 -24.41
C VAL A 204 -13.36 -29.28 -25.15
N SER A 205 -14.20 -28.26 -25.09
CA SER A 205 -15.44 -28.27 -25.86
C SER A 205 -15.79 -26.86 -26.30
N VAL A 206 -16.38 -26.74 -27.50
CA VAL A 206 -16.56 -25.49 -28.22
C VAL A 206 -17.99 -25.41 -28.77
N CYS A 207 -18.53 -24.19 -28.81
CA CYS A 207 -19.88 -23.97 -29.35
C CYS A 207 -19.99 -22.56 -29.91
N THR A 208 -20.13 -22.45 -31.23
CA THR A 208 -20.18 -21.17 -31.94
C THR A 208 -21.50 -20.44 -31.67
N VAL A 209 -21.51 -19.12 -31.94
CA VAL A 209 -22.73 -18.33 -31.79
C VAL A 209 -23.90 -18.87 -32.63
N ASP A 210 -23.69 -19.89 -33.44
CA ASP A 210 -24.73 -20.41 -34.34
C ASP A 210 -25.16 -21.82 -33.98
N GLY A 211 -24.51 -22.45 -33.00
CA GLY A 211 -24.86 -23.78 -32.56
C GLY A 211 -23.80 -24.83 -32.80
N GLN A 212 -22.77 -24.57 -33.60
CA GLN A 212 -21.86 -25.63 -33.98
C GLN A 212 -21.01 -26.12 -32.79
N ARG A 213 -20.92 -27.44 -32.62
CA ARG A 213 -20.31 -28.06 -31.44
C ARG A 213 -19.16 -29.00 -31.81
N HIS A 214 -18.08 -28.93 -31.02
CA HIS A 214 -17.01 -29.91 -31.05
C HIS A 214 -16.48 -30.15 -29.63
N SER A 215 -15.91 -31.34 -29.39
CA SER A 215 -15.33 -31.71 -28.11
C SER A 215 -14.28 -32.81 -28.30
N THR A 216 -13.13 -32.66 -27.63
CA THR A 216 -12.11 -33.71 -27.60
C THR A 216 -11.63 -33.91 -26.17
N GLY A 217 -11.33 -35.16 -25.83
CA GLY A 217 -11.03 -35.56 -24.47
C GLY A 217 -12.24 -35.79 -23.58
N ASP A 218 -11.96 -35.74 -22.28
CA ASP A 218 -12.92 -36.03 -21.20
C ASP A 218 -13.88 -34.84 -21.04
N THR A 219 -14.82 -34.71 -21.98
CA THR A 219 -15.66 -33.53 -22.00
C THR A 219 -17.02 -33.71 -21.32
N LYS A 220 -17.37 -34.91 -20.83
CA LYS A 220 -18.66 -35.10 -20.17
C LYS A 220 -18.54 -35.54 -18.71
N VAL A 221 -17.39 -35.38 -18.08
CA VAL A 221 -17.27 -35.59 -16.64
C VAL A 221 -17.75 -34.33 -15.92
N PRO A 222 -18.58 -34.44 -14.90
CA PRO A 222 -19.03 -33.24 -14.21
C PRO A 222 -17.93 -32.68 -13.32
N PHE A 223 -17.92 -31.36 -13.20
CA PHE A 223 -17.11 -30.70 -12.19
C PHE A 223 -17.89 -29.48 -11.70
N CYS A 224 -17.35 -28.79 -10.70
CA CYS A 224 -17.99 -27.59 -10.18
C CYS A 224 -17.46 -26.38 -10.92
N LEU A 225 -18.36 -25.43 -11.20
CA LEU A 225 -17.90 -24.16 -11.74
C LEU A 225 -16.84 -23.55 -10.82
N GLN A 226 -17.12 -23.50 -9.52
CA GLN A 226 -16.41 -22.67 -8.55
C GLN A 226 -16.47 -21.22 -9.04
N SER A 227 -15.35 -20.51 -9.17
CA SER A 227 -15.40 -19.08 -9.50
C SER A 227 -15.71 -18.82 -10.97
N CYS A 228 -15.86 -19.86 -11.79
CA CYS A 228 -16.39 -19.64 -13.13
C CYS A 228 -17.82 -19.12 -13.08
N VAL A 229 -18.48 -19.17 -11.90
CA VAL A 229 -19.88 -18.79 -11.75
C VAL A 229 -20.04 -17.29 -11.55
N LYS A 230 -18.98 -16.60 -11.08
CA LYS A 230 -19.12 -15.19 -10.71
C LYS A 230 -19.57 -14.29 -11.85
N PRO A 231 -19.16 -14.48 -13.12
CA PRO A 231 -19.75 -13.66 -14.19
C PRO A 231 -21.24 -13.89 -14.35
N LEU A 232 -21.62 -15.18 -14.44
CA LEU A 232 -22.99 -15.59 -14.73
C LEU A 232 -23.99 -15.00 -13.72
N LYS A 233 -23.65 -15.02 -12.41
CA LYS A 233 -24.58 -14.38 -11.46
C LYS A 233 -24.52 -12.86 -11.55
N TYR A 234 -23.36 -12.29 -11.89
CA TYR A 234 -23.34 -10.87 -12.20
C TYR A 234 -24.30 -10.53 -13.33
N ALA A 235 -24.22 -11.28 -14.44
CA ALA A 235 -25.16 -11.09 -15.54
C ALA A 235 -26.60 -11.07 -15.05
N ILE A 236 -26.97 -12.04 -14.20
CA ILE A 236 -28.36 -12.13 -13.75
C ILE A 236 -28.75 -10.87 -12.98
N ALA A 237 -27.82 -10.37 -12.14
CA ALA A 237 -28.15 -9.25 -11.27
C ALA A 237 -28.42 -7.99 -12.08
N VAL A 238 -27.50 -7.65 -12.99
CA VAL A 238 -27.70 -6.43 -13.78
C VAL A 238 -28.89 -6.60 -14.73
N ASN A 239 -29.10 -7.81 -15.25
CA ASN A 239 -30.24 -8.01 -16.15
C ASN A 239 -31.55 -7.72 -15.45
N ASP A 240 -31.63 -8.01 -14.15
CA ASP A 240 -32.86 -7.80 -13.40
C ASP A 240 -32.93 -6.40 -12.77
N LEU A 241 -31.79 -5.77 -12.48
CA LEU A 241 -31.78 -4.50 -11.76
C LEU A 241 -31.22 -3.33 -12.53
N GLY A 242 -30.35 -3.56 -13.50
CA GLY A 242 -29.81 -2.48 -14.29
C GLY A 242 -28.37 -2.17 -13.90
N THR A 243 -27.61 -1.63 -14.86
CA THR A 243 -26.25 -1.21 -14.54
C THR A 243 -26.23 -0.28 -13.34
N GLU A 244 -27.17 0.67 -13.29
CA GLU A 244 -27.06 1.76 -12.31
C GLU A 244 -27.22 1.25 -10.89
N TYR A 245 -28.35 0.59 -10.60
CA TYR A 245 -28.61 0.09 -9.25
C TYR A 245 -27.51 -0.85 -8.77
N VAL A 246 -27.18 -1.87 -9.58
CA VAL A 246 -26.13 -2.83 -9.20
C VAL A 246 -24.84 -2.11 -8.81
N HIS A 247 -24.44 -1.10 -9.56
CA HIS A 247 -23.14 -0.53 -9.29
C HIS A 247 -23.18 0.57 -8.26
N ARG A 248 -24.32 0.73 -7.56
CA ARG A 248 -24.29 1.34 -6.24
C ARG A 248 -23.61 0.46 -5.19
N TYR A 249 -23.51 -0.86 -5.41
CA TYR A 249 -22.97 -1.78 -4.41
C TYR A 249 -21.66 -2.48 -4.77
N VAL A 250 -21.28 -2.55 -6.04
CA VAL A 250 -19.98 -3.09 -6.44
C VAL A 250 -19.39 -2.19 -7.52
N GLY A 251 -18.06 -2.07 -7.51
CA GLY A 251 -17.36 -1.26 -8.49
C GLY A 251 -17.05 -2.03 -9.75
N LYS A 252 -16.42 -1.34 -10.72
CA LYS A 252 -16.22 -1.90 -12.05
C LYS A 252 -14.76 -2.00 -12.48
N GLU A 253 -13.81 -1.52 -11.72
CA GLU A 253 -12.44 -1.56 -12.17
C GLU A 253 -11.77 -2.82 -11.65
N PRO A 254 -10.60 -3.16 -12.16
CA PRO A 254 -9.81 -4.21 -11.50
C PRO A 254 -9.19 -3.66 -10.22
N SER A 255 -8.34 -4.41 -9.54
CA SER A 255 -7.74 -3.93 -8.29
C SER A 255 -6.28 -3.54 -8.43
N GLY A 256 -5.47 -4.34 -9.10
CA GLY A 256 -4.03 -4.12 -9.13
C GLY A 256 -3.36 -5.21 -8.31
N LEU A 257 -2.18 -5.64 -8.76
CA LEU A 257 -1.64 -6.91 -8.27
C LEU A 257 -1.28 -6.88 -6.78
N ARG A 258 -0.98 -5.71 -6.21
CA ARG A 258 -0.75 -5.64 -4.77
C ARG A 258 -2.05 -5.73 -3.98
N PHE A 259 -3.19 -5.60 -4.65
CA PHE A 259 -4.50 -5.55 -3.98
C PHE A 259 -5.29 -6.85 -4.16
N ASN A 260 -4.61 -7.96 -4.45
CA ASN A 260 -5.13 -9.31 -4.21
C ASN A 260 -5.72 -9.45 -2.80
N LYS A 261 -5.21 -8.71 -1.83
CA LYS A 261 -5.49 -8.94 -0.43
C LYS A 261 -6.41 -7.91 0.21
N LEU A 262 -6.81 -6.86 -0.49
CA LEU A 262 -7.84 -5.96 0.03
C LEU A 262 -9.24 -6.41 -0.39
N PHE A 263 -10.26 -5.81 0.22
CA PHE A 263 -11.64 -6.20 -0.05
C PHE A 263 -12.47 -5.09 -0.66
N LEU A 264 -12.19 -3.85 -0.30
CA LEU A 264 -12.97 -2.69 -0.71
C LEU A 264 -12.08 -1.66 -1.39
N ASN A 265 -12.63 -1.03 -2.41
CA ASN A 265 -12.01 0.14 -2.98
C ASN A 265 -12.25 1.34 -2.05
N GLU A 266 -11.71 2.50 -2.46
CA GLU A 266 -11.70 3.70 -1.61
C GLU A 266 -13.11 4.17 -1.25
N ASP A 267 -14.11 3.85 -2.07
CA ASP A 267 -15.50 4.23 -1.82
C ASP A 267 -16.27 3.14 -1.06
N ASP A 268 -15.57 2.31 -0.29
CA ASP A 268 -16.18 1.29 0.56
C ASP A 268 -17.02 0.29 -0.21
N LYS A 269 -16.70 0.08 -1.50
CA LYS A 269 -17.33 -0.93 -2.34
C LYS A 269 -16.29 -1.93 -2.82
N PRO A 270 -16.63 -3.23 -2.86
CA PRO A 270 -15.68 -4.21 -3.38
C PRO A 270 -15.30 -3.88 -4.82
N HIS A 271 -14.03 -4.16 -5.16
CA HIS A 271 -13.41 -3.58 -6.35
C HIS A 271 -14.19 -3.87 -7.63
N ASN A 272 -14.62 -5.11 -7.78
CA ASN A 272 -15.24 -5.60 -9.00
C ASN A 272 -15.93 -6.91 -8.65
N PRO A 273 -16.80 -7.41 -9.51
CA PRO A 273 -17.58 -8.58 -9.10
C PRO A 273 -16.93 -9.93 -9.39
N MET A 274 -15.61 -10.01 -9.61
CA MET A 274 -14.96 -11.31 -9.84
C MET A 274 -14.04 -11.73 -8.71
N VAL A 275 -13.92 -10.88 -7.67
CA VAL A 275 -13.23 -11.21 -6.43
C VAL A 275 -14.27 -11.57 -5.41
N ASN A 276 -13.91 -12.49 -4.50
CA ASN A 276 -14.89 -13.02 -3.56
C ASN A 276 -15.67 -11.90 -2.87
N ALA A 277 -15.05 -10.74 -2.62
CA ALA A 277 -15.79 -9.72 -1.90
C ALA A 277 -16.89 -9.09 -2.73
N GLY A 278 -16.73 -8.99 -4.05
CA GLY A 278 -17.78 -8.38 -4.86
C GLY A 278 -18.83 -9.39 -5.27
N ALA A 279 -18.37 -10.59 -5.63
CA ALA A 279 -19.23 -11.75 -5.80
C ALA A 279 -20.27 -11.85 -4.68
N ILE A 280 -19.82 -12.04 -3.45
CA ILE A 280 -20.68 -12.05 -2.27
C ILE A 280 -21.71 -10.91 -2.30
N VAL A 281 -21.30 -9.72 -2.75
CA VAL A 281 -22.28 -8.63 -2.75
C VAL A 281 -23.26 -8.77 -3.90
N VAL A 282 -22.79 -9.26 -5.05
CA VAL A 282 -23.69 -9.55 -6.17
C VAL A 282 -24.80 -10.46 -5.72
N THR A 283 -24.44 -11.55 -5.03
CA THR A 283 -25.41 -12.56 -4.65
C THR A 283 -26.44 -12.05 -3.63
N SER A 284 -26.16 -10.93 -2.97
CA SER A 284 -27.15 -10.35 -2.06
C SER A 284 -28.23 -9.57 -2.79
N LEU A 285 -27.96 -9.15 -4.04
CA LEU A 285 -28.86 -8.32 -4.83
C LEU A 285 -29.89 -9.12 -5.61
N ILE A 286 -29.48 -10.31 -6.09
CA ILE A 286 -30.35 -11.29 -6.74
C ILE A 286 -31.60 -11.51 -5.89
N LYS A 287 -32.67 -10.82 -6.27
CA LYS A 287 -34.02 -10.98 -5.71
C LYS A 287 -34.00 -10.99 -4.18
N GLN A 288 -33.63 -9.81 -3.64
CA GLN A 288 -33.78 -9.57 -2.21
C GLN A 288 -35.22 -9.82 -1.79
N GLY A 289 -35.39 -10.30 -0.55
CA GLY A 289 -36.71 -10.47 0.02
C GLY A 289 -37.37 -11.83 -0.17
N VAL A 290 -36.78 -12.71 -0.97
CA VAL A 290 -37.26 -14.07 -1.14
C VAL A 290 -36.19 -15.02 -0.60
N ASN A 291 -36.61 -16.16 -0.06
CA ASN A 291 -35.72 -17.06 0.70
C ASN A 291 -34.73 -17.79 -0.23
N ASN A 292 -33.75 -18.46 0.39
CA ASN A 292 -32.59 -18.98 -0.34
C ASN A 292 -32.84 -20.35 -1.00
N ALA A 293 -33.94 -21.02 -0.66
CA ALA A 293 -34.38 -22.16 -1.46
C ALA A 293 -35.00 -21.68 -2.78
N GLU A 294 -35.89 -20.68 -2.70
CA GLU A 294 -36.45 -20.07 -3.90
C GLU A 294 -35.39 -19.34 -4.71
N LYS A 295 -34.47 -18.62 -4.05
CA LYS A 295 -33.41 -17.91 -4.76
C LYS A 295 -32.62 -18.85 -5.66
N PHE A 296 -32.15 -19.97 -5.10
CA PHE A 296 -31.39 -20.95 -5.89
C PHE A 296 -32.17 -21.47 -7.11
N ASP A 297 -33.49 -21.67 -6.98
CA ASP A 297 -34.26 -22.14 -8.13
C ASP A 297 -34.18 -21.14 -9.28
N TYR A 298 -34.44 -19.87 -8.99
CA TYR A 298 -34.30 -18.80 -9.97
C TYR A 298 -32.99 -18.93 -10.74
N VAL A 299 -31.86 -18.91 -10.02
CA VAL A 299 -30.57 -18.98 -10.70
C VAL A 299 -30.49 -20.23 -11.56
N MET A 300 -30.84 -21.38 -10.99
CA MET A 300 -30.80 -22.62 -11.76
C MET A 300 -31.67 -22.50 -13.03
N GLN A 301 -32.87 -21.93 -12.89
CA GLN A 301 -33.69 -21.65 -14.06
C GLN A 301 -32.93 -20.80 -15.06
N PHE A 302 -32.35 -19.69 -14.59
CA PHE A 302 -31.54 -18.84 -15.46
C PHE A 302 -30.35 -19.60 -16.02
N LEU A 303 -29.67 -20.39 -15.18
CA LEU A 303 -28.56 -21.22 -15.64
C LEU A 303 -29.03 -22.38 -16.51
N ASN A 304 -30.34 -22.61 -16.60
CA ASN A 304 -30.84 -23.53 -17.60
C ASN A 304 -31.01 -22.82 -18.95
N LYS A 305 -31.74 -21.68 -18.94
CA LYS A 305 -31.85 -20.84 -20.12
C LYS A 305 -30.51 -20.58 -20.79
N MET A 306 -29.41 -20.58 -20.03
CA MET A 306 -28.12 -20.26 -20.61
C MET A 306 -27.41 -21.48 -21.20
N ALA A 307 -27.71 -22.68 -20.74
CA ALA A 307 -27.07 -23.86 -21.29
C ALA A 307 -27.95 -24.55 -22.31
N GLY A 308 -29.00 -23.87 -22.78
CA GLY A 308 -29.95 -24.47 -23.69
C GLY A 308 -30.62 -25.69 -23.14
N ASN A 309 -30.65 -25.80 -21.81
CA ASN A 309 -31.18 -26.96 -21.09
C ASN A 309 -30.26 -28.18 -21.26
N GLU A 310 -28.94 -27.96 -21.20
CA GLU A 310 -27.97 -29.05 -21.04
C GLU A 310 -27.56 -29.17 -19.56
N TYR A 311 -26.55 -30.01 -19.27
CA TYR A 311 -26.30 -30.47 -17.90
C TYR A 311 -25.84 -29.34 -16.98
N VAL A 312 -26.71 -28.93 -16.06
CA VAL A 312 -26.33 -28.11 -14.91
C VAL A 312 -26.68 -28.90 -13.66
N GLY A 313 -25.65 -29.23 -12.87
CA GLY A 313 -25.87 -29.98 -11.64
C GLY A 313 -25.51 -29.24 -10.36
N PHE A 314 -25.23 -30.01 -9.31
CA PHE A 314 -24.89 -29.51 -7.98
C PHE A 314 -24.42 -30.68 -7.10
N SER A 315 -23.21 -30.60 -6.58
CA SER A 315 -22.71 -31.61 -5.66
C SER A 315 -22.83 -31.06 -4.24
N ASN A 316 -23.76 -31.63 -3.46
CA ASN A 316 -23.81 -31.36 -2.03
C ASN A 316 -22.52 -31.77 -1.34
N ALA A 317 -21.68 -32.57 -2.00
CA ALA A 317 -20.43 -33.02 -1.39
C ALA A 317 -19.41 -31.89 -1.31
N THR A 318 -19.15 -31.20 -2.42
CA THR A 318 -18.24 -30.06 -2.30
C THR A 318 -18.92 -28.91 -1.57
N PHE A 319 -20.27 -28.81 -1.63
CA PHE A 319 -20.93 -27.64 -1.07
C PHE A 319 -20.67 -27.51 0.42
N GLN A 320 -20.55 -28.62 1.12
CA GLN A 320 -20.33 -28.51 2.56
C GLN A 320 -18.86 -28.62 2.95
N SER A 321 -18.04 -29.28 2.15
CA SER A 321 -16.60 -29.10 2.32
C SER A 321 -16.19 -27.64 2.05
N GLU A 322 -16.86 -26.98 1.10
CA GLU A 322 -16.67 -25.55 0.89
C GLU A 322 -17.22 -24.70 2.03
N ARG A 323 -18.00 -25.31 2.92
CA ARG A 323 -18.62 -24.60 4.02
C ARG A 323 -17.78 -24.68 5.29
N GLU A 324 -17.13 -25.83 5.49
CA GLU A 324 -16.31 -26.08 6.66
C GLU A 324 -14.88 -25.59 6.50
N SER A 325 -14.52 -25.10 5.31
CA SER A 325 -13.21 -24.53 5.05
C SER A 325 -13.29 -23.10 4.56
N GLY A 326 -14.49 -22.53 4.43
CA GLY A 326 -14.63 -21.21 3.84
C GLY A 326 -14.26 -20.10 4.79
N ASP A 327 -13.30 -20.39 5.67
CA ASP A 327 -12.91 -19.42 6.69
C ASP A 327 -12.60 -18.07 6.08
N ARG A 328 -11.84 -18.06 4.97
CA ARG A 328 -11.54 -16.80 4.31
C ARG A 328 -12.81 -16.06 3.91
N ASN A 329 -13.85 -16.80 3.53
CA ASN A 329 -15.05 -16.15 3.03
C ASN A 329 -15.91 -15.57 4.15
N PHE A 330 -15.98 -16.25 5.29
CA PHE A 330 -16.66 -15.64 6.44
C PHE A 330 -15.96 -14.33 6.83
N ALA A 331 -14.63 -14.33 6.80
CA ALA A 331 -13.88 -13.08 7.01
C ALA A 331 -14.46 -11.96 6.15
N ILE A 332 -14.50 -12.18 4.83
CA ILE A 332 -15.04 -11.17 3.92
C ILE A 332 -16.49 -10.85 4.27
N GLY A 333 -17.26 -11.88 4.63
CA GLY A 333 -18.64 -11.66 5.00
C GLY A 333 -18.80 -10.63 6.09
N TYR A 334 -18.13 -10.84 7.22
CA TYR A 334 -18.33 -9.93 8.33
C TYR A 334 -17.82 -8.53 7.99
N TYR A 335 -16.68 -8.44 7.26
CA TYR A 335 -16.15 -7.11 6.89
C TYR A 335 -17.16 -6.31 6.08
N LEU A 336 -17.87 -6.97 5.16
CA LEU A 336 -18.86 -6.26 4.36
C LEU A 336 -20.10 -5.93 5.18
N LYS A 337 -20.46 -6.82 6.12
CA LYS A 337 -21.56 -6.51 7.04
C LYS A 337 -21.27 -5.21 7.77
N GLU A 338 -20.08 -5.14 8.37
CA GLU A 338 -19.75 -4.02 9.25
C GLU A 338 -19.70 -2.71 8.47
N LYS A 339 -19.24 -2.77 7.21
CA LYS A 339 -19.09 -1.56 6.41
C LYS A 339 -20.37 -1.22 5.63
N LYS A 340 -21.49 -1.88 5.94
CA LYS A 340 -22.82 -1.55 5.40
C LYS A 340 -22.87 -1.66 3.87
N CYS A 341 -22.24 -2.73 3.34
CA CYS A 341 -22.07 -2.94 1.91
C CYS A 341 -23.17 -3.78 1.26
N PHE A 342 -24.12 -4.31 2.04
CA PHE A 342 -25.26 -5.06 1.55
C PHE A 342 -26.50 -4.15 1.51
N PRO A 343 -27.51 -4.48 0.69
CA PRO A 343 -28.83 -3.86 0.91
C PRO A 343 -29.37 -4.25 2.27
N GLU A 344 -30.14 -3.35 2.88
CA GLU A 344 -30.72 -3.65 4.18
C GLU A 344 -31.69 -4.81 4.09
N GLY A 345 -31.82 -5.55 5.19
CA GLY A 345 -32.59 -6.78 5.20
C GLY A 345 -31.80 -8.01 4.81
N THR A 346 -30.52 -7.84 4.49
CA THR A 346 -29.66 -8.93 4.05
C THR A 346 -29.21 -9.76 5.25
N ASP A 347 -29.49 -11.05 5.24
CA ASP A 347 -28.97 -11.95 6.26
C ASP A 347 -27.58 -12.41 5.81
N MET A 348 -26.55 -11.74 6.31
CA MET A 348 -25.17 -11.97 5.88
C MET A 348 -24.80 -13.45 5.80
N VAL A 349 -25.16 -14.23 6.82
CA VAL A 349 -24.72 -15.62 6.84
C VAL A 349 -25.53 -16.44 5.82
N GLY A 350 -26.80 -16.10 5.64
CA GLY A 350 -27.57 -16.75 4.59
C GLY A 350 -26.92 -16.56 3.25
N ILE A 351 -26.62 -15.32 2.88
CA ILE A 351 -25.95 -15.01 1.63
C ILE A 351 -24.64 -15.78 1.44
N LEU A 352 -23.93 -16.11 2.52
CA LEU A 352 -22.73 -16.92 2.30
C LEU A 352 -23.09 -18.32 1.87
N ASP A 353 -24.16 -18.89 2.45
CA ASP A 353 -24.56 -20.24 2.06
C ASP A 353 -25.01 -20.27 0.62
N PHE A 354 -25.84 -19.29 0.23
CA PHE A 354 -26.16 -19.06 -1.17
C PHE A 354 -24.89 -19.06 -2.03
N TYR A 355 -23.89 -18.24 -1.67
CA TYR A 355 -22.64 -18.18 -2.42
C TYR A 355 -21.96 -19.55 -2.46
N PHE A 356 -21.83 -20.20 -1.30
CA PHE A 356 -21.23 -21.54 -1.28
C PHE A 356 -22.02 -22.50 -2.15
N GLN A 357 -23.34 -22.37 -2.14
CA GLN A 357 -24.17 -23.18 -3.03
C GLN A 357 -23.72 -23.01 -4.46
N LEU A 358 -23.87 -21.77 -4.98
CA LEU A 358 -23.57 -21.44 -6.37
C LEU A 358 -22.18 -21.93 -6.78
N CYS A 359 -21.20 -21.85 -5.90
CA CYS A 359 -19.85 -22.28 -6.25
C CYS A 359 -19.77 -23.77 -6.54
N SER A 360 -20.70 -24.54 -6.02
CA SER A 360 -20.68 -25.99 -6.11
C SER A 360 -21.60 -26.50 -7.21
N ILE A 361 -22.23 -25.59 -7.98
CA ILE A 361 -22.98 -25.99 -9.16
C ILE A 361 -22.11 -26.83 -10.08
N GLU A 362 -22.69 -27.90 -10.59
CA GLU A 362 -21.98 -28.75 -11.51
C GLU A 362 -22.38 -28.38 -12.93
N VAL A 363 -21.42 -28.50 -13.83
CA VAL A 363 -21.63 -28.36 -15.25
C VAL A 363 -20.76 -29.44 -15.86
N THR A 364 -20.67 -29.49 -17.19
CA THR A 364 -19.56 -30.19 -17.81
C THR A 364 -18.95 -29.30 -18.89
N CYS A 365 -17.82 -29.75 -19.44
CA CYS A 365 -17.22 -29.04 -20.56
C CYS A 365 -18.28 -28.69 -21.57
N GLU A 366 -19.01 -29.71 -22.03
CA GLU A 366 -20.05 -29.55 -23.03
C GLU A 366 -21.08 -28.50 -22.61
N SER A 367 -21.69 -28.68 -21.42
CA SER A 367 -22.83 -27.84 -21.07
C SER A 367 -22.40 -26.41 -20.74
N ALA A 368 -21.16 -26.21 -20.30
CA ALA A 368 -20.70 -24.87 -19.96
C ALA A 368 -20.19 -24.11 -21.19
N SER A 369 -19.80 -24.81 -22.24
CA SER A 369 -19.48 -24.14 -23.50
C SER A 369 -20.71 -23.47 -24.13
N VAL A 370 -21.92 -23.94 -23.80
CA VAL A 370 -23.10 -23.24 -24.31
C VAL A 370 -23.36 -21.96 -23.52
N MET A 371 -23.12 -21.98 -22.21
CA MET A 371 -23.34 -20.78 -21.43
C MET A 371 -22.39 -19.68 -21.87
N ALA A 372 -21.12 -20.04 -22.13
CA ALA A 372 -20.16 -19.10 -22.69
C ALA A 372 -20.71 -18.49 -23.97
N ALA A 373 -21.19 -19.38 -24.87
CA ALA A 373 -21.72 -18.98 -26.17
C ALA A 373 -22.96 -18.09 -26.05
N THR A 374 -23.75 -18.25 -24.99
CA THR A 374 -24.86 -17.32 -24.78
C THR A 374 -24.37 -15.89 -24.63
N LEU A 375 -23.20 -15.72 -23.98
CA LEU A 375 -22.62 -14.41 -23.74
C LEU A 375 -21.83 -13.94 -24.95
N ALA A 376 -21.12 -14.88 -25.61
CA ALA A 376 -20.58 -14.59 -26.93
C ALA A 376 -21.65 -14.17 -27.93
N ASN A 377 -22.94 -14.31 -27.56
CA ASN A 377 -24.03 -14.12 -28.51
C ASN A 377 -25.07 -13.10 -28.05
N GLY A 378 -24.70 -12.13 -27.24
CA GLY A 378 -25.53 -10.94 -27.18
C GLY A 378 -26.76 -11.08 -26.35
N GLY A 379 -26.85 -12.17 -25.58
CA GLY A 379 -27.98 -12.47 -24.73
C GLY A 379 -28.82 -13.65 -25.17
N PHE A 380 -28.60 -14.17 -26.38
CA PHE A 380 -29.46 -15.17 -26.99
C PHE A 380 -28.76 -16.52 -27.01
N CYS A 381 -29.41 -17.54 -26.39
CA CYS A 381 -28.80 -18.88 -26.35
C CYS A 381 -28.65 -19.38 -27.78
N PRO A 382 -27.46 -19.84 -28.17
CA PRO A 382 -27.26 -20.22 -29.57
C PRO A 382 -27.86 -21.56 -29.98
N ILE A 383 -28.44 -22.35 -29.07
CA ILE A 383 -29.13 -23.58 -29.44
C ILE A 383 -30.61 -23.53 -29.13
N THR A 384 -31.13 -22.39 -28.68
CA THR A 384 -32.58 -22.23 -28.54
C THR A 384 -33.12 -20.90 -29.04
N GLY A 385 -32.28 -19.93 -29.39
CA GLY A 385 -32.74 -18.66 -29.89
C GLY A 385 -33.54 -17.80 -28.92
N GLU A 386 -33.65 -18.23 -27.65
CA GLU A 386 -34.28 -17.43 -26.62
C GLU A 386 -33.36 -16.31 -26.13
N ARG A 387 -33.97 -15.19 -25.75
CA ARG A 387 -33.26 -14.07 -25.15
C ARG A 387 -33.19 -14.29 -23.64
N VAL A 388 -32.03 -14.76 -23.18
CA VAL A 388 -31.81 -14.94 -21.74
C VAL A 388 -31.48 -13.61 -21.07
N LEU A 389 -30.44 -12.93 -21.57
CA LEU A 389 -29.84 -11.79 -20.89
C LEU A 389 -30.00 -10.55 -21.74
N SER A 390 -30.37 -9.41 -21.09
CA SER A 390 -30.42 -8.08 -21.70
C SER A 390 -29.05 -7.78 -22.27
N PRO A 391 -28.92 -6.95 -23.31
CA PRO A 391 -27.56 -6.77 -23.87
C PRO A 391 -26.68 -6.02 -22.89
N GLU A 392 -27.21 -4.94 -22.32
CA GLU A 392 -26.67 -4.27 -21.15
C GLU A 392 -25.95 -5.24 -20.22
N ALA A 393 -26.61 -6.32 -19.83
CA ALA A 393 -25.98 -7.26 -18.91
C ALA A 393 -24.85 -8.03 -19.58
N VAL A 394 -24.98 -8.36 -20.87
CA VAL A 394 -23.93 -9.14 -21.54
C VAL A 394 -22.69 -8.28 -21.75
N ARG A 395 -22.87 -6.97 -21.96
CA ARG A 395 -21.73 -6.11 -22.21
C ARG A 395 -20.89 -5.96 -20.97
N ASN A 396 -21.54 -5.69 -19.83
CA ASN A 396 -20.79 -5.48 -18.61
C ASN A 396 -20.08 -6.76 -18.18
N THR A 397 -20.68 -7.93 -18.42
CA THR A 397 -20.03 -9.15 -17.96
C THR A 397 -18.78 -9.44 -18.77
N LEU A 398 -18.80 -9.16 -20.07
CA LEU A 398 -17.62 -9.40 -20.89
C LEU A 398 -16.55 -8.32 -20.63
N SER A 399 -16.95 -7.06 -20.44
CA SER A 399 -16.03 -6.03 -19.93
C SER A 399 -15.26 -6.53 -18.71
N LEU A 400 -15.98 -6.98 -17.69
CA LEU A 400 -15.36 -7.24 -16.41
C LEU A 400 -14.62 -8.57 -16.42
N MET A 401 -15.14 -9.58 -17.13
CA MET A 401 -14.34 -10.79 -17.32
C MET A 401 -12.99 -10.47 -17.93
N HIS A 402 -12.97 -9.48 -18.81
CA HIS A 402 -11.76 -9.18 -19.60
C HIS A 402 -10.61 -8.77 -18.70
N SER A 403 -10.87 -7.88 -17.74
CA SER A 403 -9.85 -7.29 -16.89
C SER A 403 -9.66 -8.01 -15.57
N CYS A 404 -10.74 -8.47 -14.94
CA CYS A 404 -10.71 -9.09 -13.63
C CYS A 404 -10.93 -10.61 -13.68
N GLY A 405 -10.46 -11.27 -14.72
CA GLY A 405 -10.98 -12.60 -14.89
C GLY A 405 -10.11 -13.75 -14.43
N MET A 406 -8.80 -13.55 -14.43
CA MET A 406 -7.95 -14.72 -14.25
C MET A 406 -7.06 -14.55 -13.03
N TYR A 407 -7.66 -14.05 -11.95
CA TYR A 407 -6.94 -13.85 -10.70
C TYR A 407 -5.77 -12.91 -10.97
N ASP A 408 -4.60 -13.18 -10.43
CA ASP A 408 -3.47 -12.27 -10.62
C ASP A 408 -2.95 -12.28 -12.05
N PHE A 409 -3.16 -13.38 -12.77
CA PHE A 409 -2.75 -13.54 -14.16
C PHE A 409 -3.63 -12.80 -15.16
N SER A 410 -4.60 -11.99 -14.75
CA SER A 410 -5.46 -11.42 -15.79
C SER A 410 -4.72 -10.38 -16.61
N GLY A 411 -3.82 -9.61 -15.99
CA GLY A 411 -3.08 -8.62 -16.75
C GLY A 411 -2.30 -9.24 -17.90
N GLN A 412 -1.60 -10.34 -17.62
CA GLN A 412 -0.87 -11.00 -18.70
C GLN A 412 -1.81 -11.67 -19.66
N PHE A 413 -2.86 -12.28 -19.12
CA PHE A 413 -3.81 -13.02 -19.94
C PHE A 413 -4.53 -12.08 -20.88
N ALA A 414 -4.97 -10.93 -20.37
CA ALA A 414 -5.62 -9.94 -21.23
C ALA A 414 -4.66 -9.36 -22.27
N PHE A 415 -3.36 -9.60 -22.14
CA PHE A 415 -2.36 -9.10 -23.07
C PHE A 415 -2.03 -10.09 -24.17
N HIS A 416 -1.64 -11.31 -23.81
CA HIS A 416 -1.24 -12.28 -24.82
C HIS A 416 -2.42 -12.98 -25.45
N VAL A 417 -3.47 -13.22 -24.66
CA VAL A 417 -4.68 -13.91 -25.10
C VAL A 417 -5.76 -12.90 -25.45
N GLY A 418 -6.15 -12.08 -24.48
CA GLY A 418 -7.08 -11.01 -24.78
C GLY A 418 -8.50 -11.43 -25.01
N LEU A 419 -8.88 -12.60 -24.54
CA LEU A 419 -10.30 -12.96 -24.57
C LEU A 419 -10.90 -12.85 -23.18
N PRO A 420 -12.13 -12.35 -23.01
CA PRO A 420 -12.77 -12.42 -21.69
C PRO A 420 -12.85 -13.88 -21.27
N ALA A 421 -12.21 -14.20 -20.15
CA ALA A 421 -12.20 -15.56 -19.64
C ALA A 421 -12.64 -15.52 -18.20
N LYS A 422 -12.57 -16.66 -17.52
CA LYS A 422 -12.79 -16.72 -16.07
C LYS A 422 -12.33 -18.07 -15.53
N SER A 423 -11.40 -18.08 -14.61
CA SER A 423 -10.85 -19.36 -14.21
C SER A 423 -11.52 -19.87 -12.95
N GLY A 424 -11.31 -21.14 -12.71
CA GLY A 424 -11.99 -21.81 -11.62
C GLY A 424 -11.04 -22.82 -11.04
N VAL A 425 -11.07 -22.94 -9.72
CA VAL A 425 -10.09 -23.78 -9.05
C VAL A 425 -10.30 -25.25 -9.40
N ALA A 426 -11.48 -25.57 -9.92
CA ALA A 426 -11.76 -26.93 -10.36
C ALA A 426 -10.92 -27.35 -11.55
N GLY A 427 -10.33 -26.38 -12.26
CA GLY A 427 -9.74 -26.62 -13.55
C GLY A 427 -10.48 -25.96 -14.69
N GLY A 428 -11.55 -25.22 -14.41
CA GLY A 428 -12.33 -24.61 -15.46
C GLY A 428 -11.76 -23.30 -15.97
N ILE A 429 -11.87 -23.10 -17.28
CA ILE A 429 -11.74 -21.78 -17.89
C ILE A 429 -12.92 -21.57 -18.82
N LEU A 430 -13.72 -20.54 -18.55
CA LEU A 430 -14.93 -20.22 -19.30
C LEU A 430 -14.56 -19.18 -20.33
N LEU A 431 -14.16 -19.64 -21.51
CA LEU A 431 -13.67 -18.74 -22.55
C LEU A 431 -14.81 -18.17 -23.36
N VAL A 432 -14.59 -16.99 -23.94
CA VAL A 432 -15.59 -16.35 -24.80
C VAL A 432 -14.87 -15.61 -25.91
N VAL A 433 -15.13 -16.01 -27.15
CA VAL A 433 -14.68 -15.25 -28.31
C VAL A 433 -15.88 -14.53 -28.90
N PRO A 434 -16.13 -13.27 -28.54
CA PRO A 434 -17.44 -12.65 -28.83
C PRO A 434 -17.77 -12.66 -30.31
N ASN A 435 -19.05 -12.81 -30.60
CA ASN A 435 -19.60 -12.94 -31.95
C ASN A 435 -19.03 -14.14 -32.70
N VAL A 436 -18.34 -15.05 -32.03
CA VAL A 436 -17.82 -16.26 -32.68
C VAL A 436 -18.29 -17.48 -31.91
N MET A 437 -17.76 -17.66 -30.71
CA MET A 437 -17.91 -18.94 -30.04
C MET A 437 -17.66 -18.81 -28.55
N GLY A 438 -18.09 -19.82 -27.83
CA GLY A 438 -17.77 -19.99 -26.43
C GLY A 438 -17.09 -21.33 -26.26
N MET A 439 -16.28 -21.44 -25.20
CA MET A 439 -15.65 -22.71 -24.88
C MET A 439 -15.57 -22.89 -23.38
N MET A 440 -15.18 -24.11 -23.01
CA MET A 440 -14.80 -24.46 -21.65
C MET A 440 -13.70 -25.51 -21.73
N CYS A 441 -12.60 -25.25 -21.01
CA CYS A 441 -11.50 -26.18 -20.82
C CYS A 441 -11.46 -26.69 -19.40
N TRP A 442 -10.89 -27.89 -19.25
CA TRP A 442 -10.86 -28.56 -17.97
C TRP A 442 -9.69 -29.53 -17.90
N SER A 443 -8.78 -29.29 -16.94
CA SER A 443 -7.80 -30.21 -16.39
C SER A 443 -7.63 -29.72 -14.97
N PRO A 444 -7.55 -30.62 -13.99
CA PRO A 444 -7.54 -30.20 -12.58
C PRO A 444 -6.18 -29.72 -12.10
N PRO A 445 -5.03 -30.23 -12.66
CA PRO A 445 -3.75 -29.56 -12.37
C PRO A 445 -3.73 -28.06 -12.61
N LEU A 446 -3.48 -27.29 -11.54
CA LEU A 446 -3.37 -25.85 -11.55
C LEU A 446 -1.91 -25.40 -11.45
N ASP A 447 -1.65 -24.12 -11.75
CA ASP A 447 -0.29 -23.61 -11.67
C ASP A 447 -0.14 -22.78 -10.38
N LYS A 448 0.89 -21.94 -10.32
CA LYS A 448 1.15 -21.15 -9.13
C LYS A 448 0.03 -20.15 -8.84
N MET A 449 -0.81 -19.82 -9.82
CA MET A 449 -1.82 -18.77 -9.66
C MET A 449 -3.25 -19.28 -9.58
N GLY A 450 -3.46 -20.59 -9.65
CA GLY A 450 -4.78 -21.16 -9.49
C GLY A 450 -5.52 -21.39 -10.77
N ASN A 451 -4.80 -21.47 -11.90
CA ASN A 451 -5.36 -21.53 -13.23
C ASN A 451 -4.88 -22.80 -13.92
N SER A 452 -5.83 -23.61 -14.40
CA SER A 452 -5.55 -24.89 -15.04
C SER A 452 -4.30 -24.82 -15.92
N VAL A 453 -3.42 -25.80 -15.77
CA VAL A 453 -2.15 -25.76 -16.49
C VAL A 453 -2.37 -25.95 -17.98
N LYS A 454 -2.90 -27.13 -18.36
CA LYS A 454 -3.25 -27.37 -19.76
C LYS A 454 -4.27 -26.35 -20.24
N GLY A 455 -5.22 -25.96 -19.38
CA GLY A 455 -6.13 -24.89 -19.73
C GLY A 455 -5.42 -23.63 -20.16
N ILE A 456 -4.43 -23.20 -19.36
CA ILE A 456 -3.66 -21.99 -19.67
C ILE A 456 -2.91 -22.14 -20.99
N HIS A 457 -2.18 -23.25 -21.14
CA HIS A 457 -1.37 -23.46 -22.34
C HIS A 457 -2.24 -23.43 -23.59
N PHE A 458 -3.43 -24.06 -23.54
CA PHE A 458 -4.29 -24.19 -24.71
C PHE A 458 -4.65 -22.81 -25.28
N CYS A 459 -5.24 -21.95 -24.46
CA CYS A 459 -5.60 -20.60 -24.90
C CYS A 459 -4.47 -19.90 -25.64
N HIS A 460 -3.33 -19.80 -24.98
CA HIS A 460 -2.16 -19.20 -25.60
C HIS A 460 -1.95 -19.72 -27.02
N ASP A 461 -1.97 -21.05 -27.18
CA ASP A 461 -1.84 -21.67 -28.50
C ASP A 461 -3.01 -21.29 -29.41
N LEU A 462 -4.24 -21.36 -28.89
CA LEU A 462 -5.39 -21.11 -29.75
C LEU A 462 -5.32 -19.71 -30.34
N VAL A 463 -5.07 -18.72 -29.49
CA VAL A 463 -4.88 -17.36 -30.02
C VAL A 463 -3.53 -17.20 -30.72
N SER A 464 -2.56 -18.08 -30.44
CA SER A 464 -1.34 -18.06 -31.24
C SER A 464 -1.60 -18.47 -32.66
N LEU A 465 -2.73 -19.14 -32.92
CA LEU A 465 -3.08 -19.69 -34.23
C LEU A 465 -4.25 -18.98 -34.89
N CYS A 466 -5.27 -18.52 -34.17
CA CYS A 466 -6.36 -17.79 -34.81
C CYS A 466 -6.42 -16.36 -34.32
N ASN A 467 -6.89 -15.47 -35.19
CA ASN A 467 -6.90 -14.03 -34.92
C ASN A 467 -8.06 -13.63 -34.04
N PHE A 468 -8.23 -14.35 -32.93
CA PHE A 468 -9.33 -14.15 -32.01
C PHE A 468 -9.05 -13.10 -30.94
N HIS A 469 -7.79 -12.71 -30.75
CA HIS A 469 -7.45 -11.66 -29.78
C HIS A 469 -8.32 -10.43 -30.00
N ASN A 470 -8.85 -9.90 -28.91
CA ASN A 470 -9.83 -8.82 -28.97
C ASN A 470 -9.35 -7.63 -29.82
N TYR A 471 -8.04 -7.40 -29.88
CA TYR A 471 -7.51 -6.28 -30.65
C TYR A 471 -6.65 -6.76 -31.82
N ASP A 472 -6.78 -8.03 -32.20
CA ASP A 472 -6.37 -8.43 -33.52
C ASP A 472 -7.19 -7.69 -34.55
N ASN A 473 -6.58 -7.42 -35.70
CA ASN A 473 -7.33 -6.90 -36.84
C ASN A 473 -8.02 -8.04 -37.59
N LEU A 474 -9.19 -7.73 -38.12
CA LEU A 474 -9.93 -8.67 -38.96
C LEU A 474 -9.56 -8.54 -40.44
N ARG A 475 -8.72 -7.57 -40.81
CA ARG A 475 -8.27 -7.39 -42.18
C ARG A 475 -6.79 -7.67 -42.37
N HIS A 476 -5.93 -7.22 -41.45
CA HIS A 476 -4.47 -7.39 -41.53
C HIS A 476 -3.98 -8.07 -40.26
N PHE A 477 -3.96 -9.40 -40.29
CA PHE A 477 -3.62 -10.20 -39.12
C PHE A 477 -2.42 -11.10 -39.39
N ALA A 478 -1.60 -10.72 -40.37
CA ALA A 478 -0.30 -11.35 -40.62
C ALA A 478 -0.50 -12.85 -40.80
N LYS A 479 0.13 -13.70 -40.00
CA LYS A 479 0.22 -15.12 -40.29
C LYS A 479 -0.79 -15.96 -39.52
N LYS A 480 -1.71 -15.36 -38.77
CA LYS A 480 -2.71 -16.17 -38.09
C LYS A 480 -3.91 -16.50 -39.00
N LEU A 481 -4.64 -17.55 -38.61
CA LEU A 481 -5.70 -18.14 -39.41
C LEU A 481 -7.07 -17.66 -38.94
N ASP A 482 -7.90 -17.19 -39.88
CA ASP A 482 -9.24 -16.71 -39.54
C ASP A 482 -10.23 -17.80 -39.84
N PRO A 483 -10.89 -18.36 -38.83
CA PRO A 483 -11.87 -19.42 -39.09
C PRO A 483 -13.19 -18.90 -39.65
N ARG A 484 -13.42 -17.60 -39.61
CA ARG A 484 -14.62 -17.01 -40.20
C ARG A 484 -14.56 -16.91 -41.73
N ARG A 485 -13.55 -17.49 -42.38
CA ARG A 485 -13.36 -17.33 -43.82
C ARG A 485 -12.86 -18.64 -44.41
N GLU A 486 -13.42 -19.02 -45.56
CA GLU A 486 -13.11 -20.31 -46.20
C GLU A 486 -11.89 -20.20 -47.12
N GLY A 487 -11.39 -21.36 -47.53
CA GLY A 487 -10.21 -21.44 -48.38
C GLY A 487 -8.97 -21.03 -47.61
N PRO B 78 21.09 3.17 68.62
CA PRO B 78 20.04 2.58 67.78
C PRO B 78 18.65 2.73 68.40
N SER B 79 17.71 3.33 67.66
CA SER B 79 16.35 3.57 68.18
C SER B 79 15.39 3.92 67.05
N LEU B 80 15.22 3.00 66.09
CA LEU B 80 14.60 3.37 64.82
C LEU B 80 13.13 3.77 64.97
N GLU B 81 12.40 3.11 65.88
CA GLU B 81 11.02 3.52 66.15
C GLU B 81 10.98 4.80 66.97
N ASP B 82 12.01 5.05 67.80
CA ASP B 82 12.12 6.31 68.50
C ASP B 82 12.43 7.45 67.55
N LEU B 83 13.17 7.17 66.47
CA LEU B 83 13.65 8.22 65.58
C LEU B 83 12.51 9.07 65.04
N LEU B 84 11.32 8.49 64.87
CA LEU B 84 10.21 9.20 64.25
C LEU B 84 9.31 9.89 65.27
N PHE B 85 9.34 9.50 66.55
CA PHE B 85 8.42 10.08 67.52
C PHE B 85 8.59 11.60 67.58
N TYR B 86 9.77 12.09 67.98
CA TYR B 86 9.89 13.54 68.01
C TYR B 86 10.24 14.14 66.66
N THR B 87 10.07 13.37 65.57
CA THR B 87 10.01 13.95 64.24
C THR B 87 8.62 14.47 63.88
N ILE B 88 7.56 13.84 64.41
CA ILE B 88 6.20 14.39 64.35
C ILE B 88 5.89 15.23 65.60
N ALA B 89 6.34 14.76 66.76
CA ALA B 89 6.16 15.49 68.02
C ALA B 89 7.32 16.46 68.16
N GLU B 90 7.08 17.72 67.83
CA GLU B 90 8.10 18.76 67.89
C GLU B 90 8.71 18.84 69.29
N GLY B 91 9.50 17.84 69.67
CA GLY B 91 10.11 17.79 70.99
C GLY B 91 9.12 17.65 72.11
N GLN B 92 7.84 17.48 71.75
CA GLN B 92 6.74 17.32 72.69
C GLN B 92 6.71 15.88 73.18
N GLU B 93 5.90 15.65 74.22
CA GLU B 93 5.86 14.36 74.89
C GLU B 93 4.78 13.44 74.33
N LYS B 94 3.59 13.98 74.07
CA LYS B 94 2.55 13.25 73.36
C LYS B 94 2.43 13.73 71.93
N ILE B 95 1.73 12.93 71.14
CA ILE B 95 1.26 13.30 69.81
C ILE B 95 -0.23 12.99 69.74
N PRO B 96 -1.09 13.94 69.40
CA PRO B 96 -2.47 13.58 69.05
C PRO B 96 -2.48 12.62 67.88
N VAL B 97 -3.33 11.58 67.97
CA VAL B 97 -3.36 10.60 66.89
C VAL B 97 -3.70 11.27 65.56
N HIS B 98 -4.65 12.20 65.58
CA HIS B 98 -5.06 12.84 64.32
C HIS B 98 -3.96 13.73 63.75
N LYS B 99 -3.10 14.30 64.60
CA LYS B 99 -1.95 15.06 64.10
C LYS B 99 -0.90 14.13 63.48
N PHE B 100 -0.86 12.88 63.93
CA PHE B 100 0.02 11.92 63.29
C PHE B 100 -0.56 11.44 61.97
N ILE B 101 -1.87 11.18 61.93
CA ILE B 101 -2.43 10.68 60.68
C ILE B 101 -2.62 11.83 59.71
N THR B 102 -2.86 13.05 60.20
CA THR B 102 -2.80 14.14 59.23
C THR B 102 -1.38 14.30 58.71
N ALA B 103 -0.37 14.06 59.55
CA ALA B 103 1.01 13.95 59.06
C ALA B 103 1.23 12.72 58.19
N LEU B 104 0.27 11.80 58.11
CA LEU B 104 0.38 10.66 57.22
C LEU B 104 -0.45 10.84 55.96
N LYS B 105 -1.63 11.44 56.06
CA LYS B 105 -2.35 11.80 54.84
C LYS B 105 -1.52 12.74 53.98
N SER B 106 -0.67 13.56 54.60
CA SER B 106 0.24 14.44 53.87
C SER B 106 1.26 13.65 53.07
N THR B 107 1.67 12.47 53.55
CA THR B 107 2.62 11.66 52.79
C THR B 107 2.02 11.12 51.50
N GLY B 108 0.75 11.37 51.23
CA GLY B 108 0.05 10.80 50.09
C GLY B 108 -0.56 9.45 50.41
N LEU B 109 0.17 8.58 51.13
CA LEU B 109 -0.38 7.29 51.54
C LEU B 109 -1.74 7.52 52.18
N ARG B 110 -2.64 6.56 51.99
CA ARG B 110 -3.95 6.64 52.59
C ARG B 110 -4.06 5.58 53.69
N THR B 111 -4.74 5.94 54.78
CA THR B 111 -4.78 5.15 56.00
C THR B 111 -5.21 3.70 55.77
N SER B 112 -5.56 3.37 54.53
CA SER B 112 -5.99 2.04 54.16
C SER B 112 -4.95 1.31 53.30
N ASP B 113 -3.70 1.77 53.31
CA ASP B 113 -2.66 0.99 52.67
C ASP B 113 -2.63 -0.42 53.28
N PRO B 114 -2.44 -1.45 52.46
CA PRO B 114 -2.30 -2.81 53.00
C PRO B 114 -0.95 -3.14 53.63
N ARG B 115 0.11 -2.40 53.34
CA ARG B 115 1.36 -2.53 54.10
C ARG B 115 1.33 -1.71 55.38
N LEU B 116 0.18 -1.11 55.70
CA LEU B 116 -0.01 -0.30 56.88
C LEU B 116 -1.04 -0.87 57.83
N LYS B 117 -1.70 -1.98 57.48
CA LYS B 117 -2.86 -2.39 58.25
C LYS B 117 -2.49 -2.89 59.63
N GLU B 118 -1.35 -3.60 59.76
CA GLU B 118 -0.88 -3.98 61.09
C GLU B 118 -0.76 -2.77 61.99
N CYS B 119 -0.22 -1.68 61.45
CA CYS B 119 -0.10 -0.45 62.22
C CYS B 119 -1.47 0.17 62.50
N MET B 120 -2.40 0.07 61.54
CA MET B 120 -3.73 0.65 61.71
C MET B 120 -4.57 -0.13 62.70
N ASP B 121 -4.45 -1.46 62.68
CA ASP B 121 -5.18 -2.30 63.61
C ASP B 121 -4.74 -2.00 65.04
N MET B 122 -3.43 -1.91 65.27
CA MET B 122 -2.92 -1.63 66.61
C MET B 122 -3.14 -0.18 67.01
N LEU B 123 -3.46 0.69 66.07
CA LEU B 123 -3.80 2.05 66.41
C LEU B 123 -5.23 2.14 66.95
N ARG B 124 -6.18 1.46 66.28
CA ARG B 124 -7.55 1.45 66.75
C ARG B 124 -7.69 0.59 68.00
N LEU B 125 -6.74 -0.33 68.25
CA LEU B 125 -6.74 -1.09 69.50
C LEU B 125 -6.45 -0.19 70.69
N THR B 126 -5.33 0.53 70.65
CA THR B 126 -4.99 1.42 71.74
C THR B 126 -5.91 2.63 71.80
N LEU B 127 -6.51 3.04 70.70
CA LEU B 127 -7.42 4.16 70.81
C LEU B 127 -8.77 3.75 71.41
N GLN B 128 -9.09 2.45 71.50
CA GLN B 128 -10.25 2.05 72.31
C GLN B 128 -9.85 1.67 73.73
N THR B 129 -8.55 1.63 74.03
CA THR B 129 -7.98 1.60 75.39
C THR B 129 -8.19 2.97 76.07
N THR B 130 -8.79 3.92 75.35
CA THR B 130 -9.47 5.07 75.94
C THR B 130 -10.70 5.40 75.08
N SER B 131 -11.41 6.48 75.41
CA SER B 131 -12.33 7.12 74.46
C SER B 131 -12.35 8.63 74.66
N ASP B 132 -11.46 9.18 75.50
CA ASP B 132 -11.34 10.63 75.70
C ASP B 132 -10.79 11.29 74.44
N GLY B 133 -9.51 11.69 74.45
CA GLY B 133 -8.85 12.18 73.24
C GLY B 133 -8.56 11.07 72.25
N VAL B 134 -7.35 10.49 72.31
CA VAL B 134 -6.21 11.04 73.07
C VAL B 134 -4.93 10.57 72.41
N MET B 135 -3.82 10.80 73.13
CA MET B 135 -2.48 10.86 72.60
C MET B 135 -1.70 9.57 72.86
N LEU B 136 -0.52 9.50 72.23
CA LEU B 136 0.36 8.34 72.28
C LEU B 136 1.71 8.79 72.82
N ASP B 137 2.21 8.08 73.83
CA ASP B 137 3.58 8.30 74.29
C ASP B 137 4.55 7.47 73.45
N LYS B 138 5.84 7.78 73.58
CA LYS B 138 6.85 7.12 72.75
C LYS B 138 6.90 5.61 72.96
N ASP B 139 6.37 5.10 74.07
CA ASP B 139 6.33 3.66 74.29
C ASP B 139 5.18 3.00 73.54
N LEU B 140 4.07 3.73 73.39
CA LEU B 140 2.82 3.29 72.78
C LEU B 140 2.85 3.39 71.26
N PHE B 141 3.17 4.58 70.74
CA PHE B 141 3.41 4.75 69.30
C PHE B 141 4.44 3.74 68.79
N LYS B 142 5.37 3.34 69.65
CA LYS B 142 6.48 2.49 69.25
C LYS B 142 6.06 1.05 68.93
N LYS B 143 4.92 0.56 69.40
CA LYS B 143 4.47 -0.76 68.98
C LYS B 143 3.21 -0.71 68.13
N CYS B 144 2.61 0.47 67.93
CA CYS B 144 1.76 0.63 66.75
C CYS B 144 2.63 0.49 65.50
N VAL B 145 3.52 1.47 65.28
CA VAL B 145 4.29 1.56 64.04
C VAL B 145 5.56 0.70 64.08
N GLN B 146 5.68 -0.20 65.06
CA GLN B 146 6.81 -1.14 65.05
C GLN B 146 6.70 -2.09 63.87
N SER B 147 5.50 -2.59 63.63
CA SER B 147 5.13 -3.41 62.47
C SER B 147 5.73 -2.95 61.14
N ASN B 148 5.22 -1.83 60.61
CA ASN B 148 5.63 -1.34 59.30
C ASN B 148 6.49 -0.09 59.44
N ILE B 149 7.50 -0.16 60.30
CA ILE B 149 8.36 0.99 60.49
C ILE B 149 9.18 1.25 59.23
N VAL B 150 9.68 0.20 58.59
CA VAL B 150 10.64 0.36 57.51
C VAL B 150 10.09 1.30 56.42
N LEU B 151 8.81 1.18 56.07
CA LEU B 151 8.31 2.10 55.05
C LEU B 151 7.64 3.32 55.69
N LEU B 152 7.21 3.18 56.94
CA LEU B 152 6.74 4.36 57.67
C LEU B 152 7.88 5.34 57.94
N THR B 153 9.11 4.84 57.98
CA THR B 153 10.27 5.73 58.11
C THR B 153 10.48 6.55 56.84
N GLN B 154 10.51 5.88 55.69
CA GLN B 154 10.78 6.61 54.46
C GLN B 154 9.61 7.50 54.07
N ALA B 155 8.40 7.15 54.47
CA ALA B 155 7.29 8.08 54.26
C ALA B 155 7.57 9.40 54.96
N PHE B 156 8.07 9.34 56.18
CA PHE B 156 8.28 10.54 56.98
C PHE B 156 9.69 11.09 56.90
N ARG B 157 10.60 10.42 56.20
CA ARG B 157 11.93 10.95 55.91
C ARG B 157 12.04 11.48 54.47
N ARG B 158 10.92 11.84 53.85
CA ARG B 158 10.78 12.20 52.45
C ARG B 158 11.72 11.42 51.54
N LYS B 159 11.85 10.11 51.81
CA LYS B 159 12.55 9.18 50.94
C LYS B 159 11.64 8.56 49.87
N PHE B 160 10.45 9.12 49.64
CA PHE B 160 9.57 8.63 48.58
C PHE B 160 9.85 9.39 47.27
N VAL B 161 9.40 8.78 46.16
CA VAL B 161 9.80 9.26 44.83
C VAL B 161 9.37 10.71 44.61
N ILE B 162 8.20 11.09 45.12
CA ILE B 162 7.72 12.47 45.02
C ILE B 162 7.61 13.06 46.42
N PRO B 163 8.68 13.70 46.94
CA PRO B 163 8.67 14.13 48.35
C PRO B 163 7.56 15.11 48.71
N ASP B 164 7.50 16.28 48.08
CA ASP B 164 6.41 17.20 48.40
C ASP B 164 5.20 16.84 47.54
N PHE B 165 4.63 15.68 47.90
CA PHE B 165 3.43 15.21 47.25
C PHE B 165 2.27 16.20 47.38
N MET B 166 2.30 17.10 48.35
CA MET B 166 1.13 17.93 48.58
C MET B 166 0.99 19.04 47.54
N SER B 167 2.09 19.55 46.97
CA SER B 167 1.98 20.60 45.96
C SER B 167 1.85 20.01 44.55
N PHE B 168 2.38 18.80 44.33
CA PHE B 168 2.15 18.11 43.06
C PHE B 168 0.65 18.00 42.78
N THR B 169 -0.14 17.63 43.80
CA THR B 169 -1.58 17.52 43.64
C THR B 169 -2.24 18.85 43.30
N SER B 170 -1.67 19.98 43.74
CA SER B 170 -2.25 21.25 43.32
C SER B 170 -2.17 21.38 41.81
N HIS B 171 -1.09 20.89 41.20
CA HIS B 171 -0.99 20.96 39.76
C HIS B 171 -1.90 19.95 39.08
N ILE B 172 -1.99 18.74 39.63
CA ILE B 172 -2.95 17.79 39.09
C ILE B 172 -4.35 18.40 39.13
N ASP B 173 -4.66 19.16 40.18
CA ASP B 173 -5.93 19.88 40.22
C ASP B 173 -5.98 20.95 39.14
N GLU B 174 -4.98 21.83 39.13
CA GLU B 174 -4.73 22.83 38.08
C GLU B 174 -5.05 22.33 36.68
N LEU B 175 -4.27 21.33 36.22
CA LEU B 175 -4.46 20.77 34.89
C LEU B 175 -5.79 20.05 34.76
N TYR B 176 -6.29 19.48 35.84
CA TYR B 176 -7.64 18.93 35.81
C TYR B 176 -8.66 20.02 35.50
N GLU B 177 -8.63 21.12 36.26
CA GLU B 177 -9.64 22.15 36.10
C GLU B 177 -9.49 22.87 34.76
N SER B 178 -8.29 22.90 34.17
CA SER B 178 -8.15 23.46 32.84
C SER B 178 -8.82 22.55 31.81
N ALA B 179 -8.46 21.27 31.79
CA ALA B 179 -9.03 20.29 30.87
C ALA B 179 -10.54 20.13 31.03
N LYS B 180 -11.11 20.67 32.11
CA LYS B 180 -12.56 20.63 32.26
C LYS B 180 -13.25 21.51 31.23
N LYS B 181 -12.69 22.71 30.97
CA LYS B 181 -13.24 23.64 29.99
C LYS B 181 -13.19 23.09 28.55
N GLN B 182 -12.41 22.05 28.29
CA GLN B 182 -12.37 21.42 26.96
C GLN B 182 -13.72 20.79 26.68
N SER B 183 -14.46 21.38 25.74
CA SER B 183 -15.87 21.06 25.55
C SER B 183 -16.13 20.07 24.43
N GLY B 184 -15.24 20.01 23.44
CA GLY B 184 -15.48 19.16 22.29
C GLY B 184 -15.53 17.68 22.59
N GLY B 185 -15.77 16.89 21.56
CA GLY B 185 -15.79 15.45 21.61
C GLY B 185 -17.19 14.92 21.60
N LYS B 186 -17.33 13.67 21.14
CA LYS B 186 -18.60 12.96 21.11
C LYS B 186 -18.47 11.71 21.98
N VAL B 187 -19.56 11.36 22.67
CA VAL B 187 -19.61 10.11 23.42
C VAL B 187 -19.82 8.97 22.43
N ALA B 188 -19.31 7.79 22.75
CA ALA B 188 -19.41 6.66 21.84
C ALA B 188 -20.78 5.96 21.96
N ASP B 189 -21.10 5.15 20.94
CA ASP B 189 -22.31 4.30 20.93
C ASP B 189 -22.32 3.33 19.73
N LYS B 196 -23.11 5.68 25.93
CA LYS B 196 -24.40 6.14 26.45
C LYS B 196 -24.36 6.87 27.83
N PHE B 197 -23.14 7.10 28.35
CA PHE B 197 -22.91 7.86 29.60
C PHE B 197 -23.32 9.32 29.48
N SER B 198 -22.87 10.19 30.44
CA SER B 198 -23.06 11.64 30.38
C SER B 198 -21.76 12.34 30.01
N PRO B 199 -21.81 13.41 29.21
CA PRO B 199 -20.56 13.97 28.67
C PRO B 199 -19.72 14.70 29.71
N ASP B 200 -20.34 15.30 30.73
CA ASP B 200 -19.59 16.13 31.68
C ASP B 200 -18.92 15.34 32.77
N LEU B 201 -18.62 14.07 32.53
CA LEU B 201 -17.80 13.27 33.44
C LEU B 201 -16.33 13.46 33.10
N TRP B 202 -15.50 13.41 34.14
CA TRP B 202 -14.09 13.78 34.04
C TRP B 202 -13.40 13.58 35.37
N GLY B 203 -12.43 12.66 35.40
CA GLY B 203 -11.74 12.35 36.64
C GLY B 203 -10.35 11.83 36.36
N VAL B 204 -9.43 12.12 37.28
CA VAL B 204 -8.02 11.75 37.16
C VAL B 204 -7.56 11.18 38.49
N SER B 205 -6.77 10.10 38.43
CA SER B 205 -6.24 9.53 39.65
C SER B 205 -4.78 9.12 39.49
N VAL B 206 -3.96 9.44 40.50
CA VAL B 206 -2.55 9.06 40.56
C VAL B 206 -2.33 8.00 41.63
N CYS B 207 -1.42 7.06 41.35
CA CYS B 207 -0.77 6.26 42.38
C CYS B 207 0.69 6.14 41.98
N THR B 208 1.61 6.43 42.91
CA THR B 208 3.04 6.45 42.59
C THR B 208 3.74 5.14 42.94
N VAL B 209 4.96 4.99 42.43
CA VAL B 209 5.73 3.75 42.58
C VAL B 209 5.91 3.36 44.05
N ASP B 210 5.72 4.30 44.98
CA ASP B 210 5.80 4.05 46.41
C ASP B 210 4.44 3.85 47.07
N GLY B 211 3.36 4.30 46.43
CA GLY B 211 2.00 4.14 46.91
C GLY B 211 1.26 5.44 47.12
N GLN B 212 1.83 6.60 46.84
CA GLN B 212 1.12 7.84 47.12
C GLN B 212 -0.02 8.06 46.14
N ARG B 213 -1.19 8.43 46.65
CA ARG B 213 -2.39 8.56 45.82
C ARG B 213 -2.98 9.95 45.84
N HIS B 214 -3.60 10.33 44.72
CA HIS B 214 -4.45 11.50 44.64
C HIS B 214 -5.53 11.23 43.62
N SER B 215 -6.69 11.86 43.80
CA SER B 215 -7.80 11.72 42.85
C SER B 215 -8.62 13.01 42.92
N THR B 216 -8.80 13.65 41.77
CA THR B 216 -9.65 14.82 41.70
C THR B 216 -10.77 14.57 40.70
N GLY B 217 -11.93 15.16 40.96
CA GLY B 217 -13.06 14.91 40.08
C GLY B 217 -13.63 13.50 40.24
N ASP B 218 -14.42 13.11 39.24
CA ASP B 218 -15.27 11.93 39.32
C ASP B 218 -14.43 10.67 39.09
N THR B 219 -13.75 10.22 40.13
CA THR B 219 -12.81 9.12 39.99
C THR B 219 -13.28 7.85 40.70
N LYS B 220 -14.53 7.77 41.11
CA LYS B 220 -15.04 6.56 41.72
C LYS B 220 -16.20 5.92 40.96
N VAL B 221 -16.69 6.54 39.89
CA VAL B 221 -17.66 5.93 38.99
C VAL B 221 -16.96 4.90 38.11
N PRO B 222 -17.59 3.75 37.83
CA PRO B 222 -16.86 2.68 37.15
C PRO B 222 -17.19 2.63 35.67
N PHE B 223 -16.17 2.25 34.87
CA PHE B 223 -16.28 2.10 33.42
C PHE B 223 -15.49 0.86 33.02
N CYS B 224 -15.59 0.48 31.74
CA CYS B 224 -14.86 -0.67 31.24
C CYS B 224 -13.55 -0.24 30.58
N LEU B 225 -12.54 -1.08 30.75
CA LEU B 225 -11.22 -0.74 30.22
C LEU B 225 -11.26 -0.61 28.69
N GLN B 226 -12.04 -1.47 28.04
CA GLN B 226 -11.96 -1.72 26.61
C GLN B 226 -10.50 -2.05 26.29
N SER B 227 -9.93 -1.49 25.22
CA SER B 227 -8.60 -1.78 24.69
C SER B 227 -7.51 -1.44 25.70
N CYS B 228 -7.86 -0.77 26.81
CA CYS B 228 -6.91 -0.59 27.90
C CYS B 228 -6.45 -1.93 28.48
N VAL B 229 -7.17 -3.02 28.20
CA VAL B 229 -6.81 -4.37 28.66
C VAL B 229 -5.65 -4.97 27.86
N LYS B 230 -5.40 -4.44 26.66
CA LYS B 230 -4.57 -5.12 25.68
C LYS B 230 -3.10 -5.22 26.14
N PRO B 231 -2.52 -4.18 26.76
CA PRO B 231 -1.20 -4.38 27.37
C PRO B 231 -1.25 -5.35 28.53
N LEU B 232 -2.27 -5.24 29.40
CA LEU B 232 -2.30 -6.05 30.62
C LEU B 232 -2.34 -7.53 30.28
N LYS B 233 -3.10 -7.95 29.25
CA LYS B 233 -3.02 -9.37 28.91
C LYS B 233 -1.68 -9.72 28.28
N TYR B 234 -1.07 -8.78 27.55
CA TYR B 234 0.19 -9.10 26.91
C TYR B 234 1.23 -9.48 27.95
N ALA B 235 1.34 -8.68 29.00
CA ALA B 235 2.29 -9.00 30.07
C ALA B 235 2.00 -10.39 30.65
N ILE B 236 0.72 -10.66 30.96
CA ILE B 236 0.34 -11.93 31.58
C ILE B 236 0.85 -13.11 30.76
N ALA B 237 0.73 -13.02 29.43
CA ALA B 237 1.28 -14.06 28.56
C ALA B 237 2.78 -14.22 28.75
N VAL B 238 3.54 -13.12 28.74
CA VAL B 238 5.00 -13.25 28.77
C VAL B 238 5.51 -13.66 30.14
N ASN B 239 4.78 -13.33 31.20
CA ASN B 239 5.15 -13.75 32.55
C ASN B 239 4.95 -15.24 32.79
N ASP B 240 4.19 -15.93 31.93
CA ASP B 240 4.00 -17.37 31.98
C ASP B 240 4.72 -18.12 30.87
N LEU B 241 4.75 -17.56 29.66
CA LEU B 241 5.25 -18.25 28.48
C LEU B 241 6.64 -17.78 28.03
N GLY B 242 7.02 -16.54 28.32
CA GLY B 242 8.33 -16.05 27.97
C GLY B 242 8.31 -15.23 26.71
N THR B 243 9.31 -14.37 26.56
CA THR B 243 9.30 -13.44 25.45
C THR B 243 9.37 -14.16 24.11
N GLU B 244 10.16 -15.23 24.03
CA GLU B 244 10.40 -15.92 22.76
C GLU B 244 9.12 -16.54 22.23
N TYR B 245 8.56 -17.48 23.00
CA TYR B 245 7.34 -18.16 22.58
C TYR B 245 6.27 -17.16 22.16
N VAL B 246 6.04 -16.11 22.97
CA VAL B 246 4.91 -15.24 22.68
C VAL B 246 5.12 -14.46 21.38
N HIS B 247 6.37 -14.16 21.02
CA HIS B 247 6.61 -13.44 19.78
C HIS B 247 6.97 -14.38 18.64
N ARG B 248 6.73 -15.68 18.84
CA ARG B 248 6.39 -16.56 17.73
C ARG B 248 5.03 -16.23 17.13
N TYR B 249 4.20 -15.43 17.80
CA TYR B 249 2.80 -15.31 17.39
C TYR B 249 2.29 -13.89 17.27
N VAL B 250 3.12 -12.87 17.50
CA VAL B 250 2.68 -11.49 17.34
C VAL B 250 3.89 -10.57 17.30
N GLY B 251 4.03 -9.78 16.23
CA GLY B 251 5.18 -8.92 16.06
C GLY B 251 5.31 -7.88 17.17
N LYS B 252 6.34 -7.02 17.02
CA LYS B 252 6.63 -5.97 18.00
C LYS B 252 6.66 -4.55 17.42
N GLU B 253 6.61 -4.37 16.12
CA GLU B 253 6.68 -3.03 15.56
C GLU B 253 5.30 -2.39 15.58
N PRO B 254 5.20 -1.10 15.31
CA PRO B 254 3.89 -0.51 15.01
C PRO B 254 3.62 -0.50 13.51
N SER B 255 2.35 -0.31 13.14
CA SER B 255 1.95 -0.64 11.77
C SER B 255 2.24 0.50 10.78
N GLY B 256 1.88 1.72 11.14
CA GLY B 256 1.87 2.80 10.17
C GLY B 256 0.44 3.18 9.85
N LEU B 257 0.12 4.47 9.93
CA LEU B 257 -1.26 4.93 9.79
C LEU B 257 -1.88 4.51 8.46
N ARG B 258 -1.06 4.11 7.51
CA ARG B 258 -1.53 3.42 6.32
C ARG B 258 -1.93 1.97 6.61
N PHE B 259 -1.23 1.27 7.50
CA PHE B 259 -1.54 -0.12 7.80
C PHE B 259 -2.50 -0.27 8.98
N ASN B 260 -3.25 0.79 9.32
CA ASN B 260 -4.23 0.78 10.41
C ASN B 260 -5.40 -0.18 10.14
N LYS B 261 -5.56 -0.68 8.91
CA LYS B 261 -6.55 -1.70 8.65
C LYS B 261 -6.03 -2.80 7.73
N LEU B 262 -4.76 -3.11 7.83
CA LEU B 262 -4.33 -4.47 7.54
C LEU B 262 -4.15 -5.23 8.85
N PHE B 263 -4.32 -6.55 8.80
CA PHE B 263 -4.35 -7.33 10.03
C PHE B 263 -2.99 -7.95 10.35
N LEU B 264 -2.39 -8.59 9.37
CA LEU B 264 -1.12 -9.29 9.51
C LEU B 264 0.00 -8.48 8.89
N ASN B 265 1.21 -8.92 9.15
CA ASN B 265 2.40 -8.32 8.57
C ASN B 265 3.04 -9.34 7.63
N GLU B 266 4.20 -8.96 7.10
CA GLU B 266 4.85 -9.75 6.05
C GLU B 266 5.09 -11.19 6.48
N ASP B 267 5.43 -11.42 7.76
CA ASP B 267 5.64 -12.76 8.29
C ASP B 267 4.35 -13.42 8.75
N ASP B 268 3.20 -12.83 8.39
CA ASP B 268 1.87 -13.40 8.60
C ASP B 268 1.48 -13.50 10.09
N LYS B 269 2.14 -12.73 10.93
CA LYS B 269 1.75 -12.47 12.31
C LYS B 269 1.10 -11.11 12.37
N PRO B 270 0.24 -10.83 13.36
CA PRO B 270 -0.26 -9.47 13.51
C PRO B 270 0.87 -8.55 13.96
N HIS B 271 0.70 -7.27 13.67
CA HIS B 271 1.84 -6.34 13.79
C HIS B 271 2.36 -6.27 15.21
N ASN B 272 1.47 -6.05 16.18
CA ASN B 272 1.86 -5.90 17.57
C ASN B 272 0.64 -6.18 18.42
N PRO B 273 0.82 -6.49 19.72
CA PRO B 273 -0.32 -6.94 20.53
C PRO B 273 -1.31 -5.85 20.91
N MET B 274 -1.11 -4.59 20.51
CA MET B 274 -2.03 -3.50 20.87
C MET B 274 -3.15 -3.25 19.87
N VAL B 275 -3.14 -3.91 18.72
CA VAL B 275 -4.23 -3.77 17.74
C VAL B 275 -5.09 -5.02 17.76
N ASN B 276 -6.41 -4.82 17.58
CA ASN B 276 -7.42 -5.86 17.75
C ASN B 276 -6.93 -7.22 17.25
N ALA B 277 -6.33 -7.26 16.06
CA ALA B 277 -5.77 -8.51 15.56
C ALA B 277 -4.74 -9.09 16.53
N GLY B 278 -3.90 -8.26 17.15
CA GLY B 278 -2.87 -8.79 18.03
C GLY B 278 -3.40 -9.22 19.39
N ALA B 279 -4.30 -8.39 19.94
CA ALA B 279 -5.07 -8.75 21.12
C ALA B 279 -5.64 -10.16 21.00
N ILE B 280 -6.42 -10.37 19.94
CA ILE B 280 -7.11 -11.63 19.74
C ILE B 280 -6.15 -12.81 19.66
N VAL B 281 -4.90 -12.59 19.26
CA VAL B 281 -3.96 -13.72 19.26
C VAL B 281 -3.26 -13.89 20.59
N VAL B 282 -2.97 -12.81 21.35
CA VAL B 282 -2.34 -13.08 22.65
C VAL B 282 -3.32 -13.80 23.57
N THR B 283 -4.59 -13.35 23.57
CA THR B 283 -5.67 -14.04 24.30
C THR B 283 -5.70 -15.53 24.01
N SER B 284 -5.26 -15.95 22.84
CA SER B 284 -5.25 -17.34 22.48
C SER B 284 -4.11 -18.14 23.12
N LEU B 285 -3.11 -17.47 23.69
CA LEU B 285 -1.99 -18.17 24.30
C LEU B 285 -2.11 -18.37 25.81
N ILE B 286 -2.87 -17.51 26.51
CA ILE B 286 -3.09 -17.67 27.95
C ILE B 286 -3.67 -19.03 28.24
N LYS B 287 -3.18 -19.64 29.31
CA LYS B 287 -3.79 -20.80 29.94
C LYS B 287 -4.37 -21.77 28.91
N GLN B 288 -3.49 -22.21 28.02
CA GLN B 288 -3.91 -23.16 27.00
C GLN B 288 -4.28 -24.50 27.63
N GLY B 289 -5.23 -25.17 27.00
CA GLY B 289 -5.75 -26.44 27.48
C GLY B 289 -6.84 -26.35 28.52
N VAL B 290 -7.46 -25.18 28.68
CA VAL B 290 -8.39 -24.89 29.79
C VAL B 290 -9.48 -23.97 29.26
N ASN B 291 -10.69 -24.09 29.83
CA ASN B 291 -11.87 -23.45 29.26
C ASN B 291 -12.07 -22.01 29.76
N ASN B 292 -12.87 -21.26 28.99
CA ASN B 292 -13.09 -19.82 29.15
C ASN B 292 -13.67 -19.41 30.49
N ALA B 293 -13.80 -20.36 31.42
CA ALA B 293 -14.22 -20.05 32.77
C ALA B 293 -13.03 -19.93 33.71
N GLU B 294 -12.15 -20.95 33.71
CA GLU B 294 -10.93 -20.86 34.47
C GLU B 294 -9.99 -19.82 33.87
N LYS B 295 -9.90 -19.78 32.54
CA LYS B 295 -9.11 -18.76 31.86
C LYS B 295 -9.49 -17.36 32.35
N PHE B 296 -10.79 -17.01 32.29
CA PHE B 296 -11.21 -15.68 32.74
C PHE B 296 -10.86 -15.45 34.21
N ASP B 297 -11.06 -16.46 35.05
CA ASP B 297 -10.77 -16.30 36.47
C ASP B 297 -9.27 -16.11 36.70
N TYR B 298 -8.44 -16.80 35.93
CA TYR B 298 -6.99 -16.62 36.06
C TYR B 298 -6.54 -15.24 35.60
N VAL B 299 -7.38 -14.52 34.86
CA VAL B 299 -7.06 -13.14 34.47
C VAL B 299 -7.75 -12.13 35.40
N MET B 300 -8.86 -12.50 36.03
CA MET B 300 -9.39 -11.63 37.10
C MET B 300 -8.49 -11.66 38.33
N GLN B 301 -7.94 -12.83 38.68
CA GLN B 301 -7.04 -12.92 39.83
C GLN B 301 -5.77 -12.14 39.56
N PHE B 302 -5.18 -12.36 38.39
CA PHE B 302 -3.96 -11.65 38.03
C PHE B 302 -4.20 -10.14 38.01
N LEU B 303 -5.28 -9.70 37.35
CA LEU B 303 -5.65 -8.29 37.44
C LEU B 303 -5.96 -7.85 38.88
N ASN B 304 -6.44 -8.77 39.73
CA ASN B 304 -6.68 -8.39 41.12
C ASN B 304 -5.35 -8.12 41.84
N LYS B 305 -4.35 -8.98 41.64
CA LYS B 305 -3.01 -8.72 42.15
C LYS B 305 -2.52 -7.34 41.70
N MET B 306 -2.53 -7.09 40.40
CA MET B 306 -1.97 -5.86 39.88
C MET B 306 -2.60 -4.62 40.51
N ALA B 307 -3.88 -4.68 40.85
CA ALA B 307 -4.55 -3.48 41.31
C ALA B 307 -4.53 -3.33 42.80
N GLY B 308 -3.71 -4.14 43.49
CA GLY B 308 -3.73 -4.16 44.94
C GLY B 308 -5.07 -4.49 45.52
N ASN B 309 -5.87 -5.28 44.82
CA ASN B 309 -7.19 -5.71 45.25
C ASN B 309 -8.18 -4.56 45.37
N GLU B 310 -8.01 -3.53 44.56
CA GLU B 310 -9.04 -2.50 44.43
C GLU B 310 -10.07 -2.98 43.41
N TYR B 311 -11.02 -2.11 43.03
CA TYR B 311 -12.18 -2.59 42.27
C TYR B 311 -11.78 -3.04 40.85
N VAL B 312 -11.77 -4.34 40.62
CA VAL B 312 -11.71 -4.90 39.27
C VAL B 312 -13.02 -5.66 39.07
N GLY B 313 -13.96 -5.07 38.36
CA GLY B 313 -15.31 -5.60 38.19
C GLY B 313 -15.52 -6.31 36.88
N PHE B 314 -16.76 -6.21 36.38
CA PHE B 314 -17.15 -6.76 35.08
C PHE B 314 -18.58 -6.36 34.75
N SER B 315 -18.74 -5.64 33.65
CA SER B 315 -20.06 -5.34 33.15
C SER B 315 -20.52 -6.52 32.32
N ASN B 316 -21.57 -7.19 32.76
CA ASN B 316 -22.19 -8.15 31.88
C ASN B 316 -22.99 -7.47 30.79
N ALA B 317 -23.36 -6.20 31.00
CA ALA B 317 -24.15 -5.48 30.01
C ALA B 317 -23.34 -5.20 28.75
N THR B 318 -22.12 -4.67 28.91
CA THR B 318 -21.27 -4.39 27.76
C THR B 318 -21.03 -5.64 26.94
N PHE B 319 -20.65 -6.73 27.62
CA PHE B 319 -20.27 -7.95 26.94
C PHE B 319 -21.39 -8.57 26.15
N GLN B 320 -22.65 -8.19 26.43
CA GLN B 320 -23.71 -8.67 25.55
C GLN B 320 -23.71 -7.91 24.23
N SER B 321 -23.53 -6.58 24.24
CA SER B 321 -23.59 -5.76 23.02
C SER B 321 -22.24 -5.57 22.32
N GLU B 322 -21.12 -5.68 23.02
CA GLU B 322 -19.85 -5.78 22.31
C GLU B 322 -19.80 -7.00 21.40
N ARG B 323 -20.59 -8.02 21.71
CA ARG B 323 -20.73 -9.22 20.91
C ARG B 323 -21.90 -9.13 19.93
N GLU B 324 -22.80 -8.16 20.14
CA GLU B 324 -23.86 -7.92 19.18
C GLU B 324 -23.35 -7.13 17.98
N SER B 325 -22.47 -6.15 18.24
CA SER B 325 -21.96 -5.23 17.23
C SER B 325 -20.48 -5.45 16.94
N GLY B 326 -19.95 -6.64 17.22
CA GLY B 326 -18.55 -6.93 16.95
C GLY B 326 -18.36 -7.61 15.61
N ASP B 327 -19.05 -7.11 14.59
CA ASP B 327 -18.92 -7.64 13.23
C ASP B 327 -17.46 -7.64 12.75
N ARG B 328 -16.76 -6.51 12.95
CA ARG B 328 -15.36 -6.39 12.53
C ARG B 328 -14.46 -7.42 13.23
N ASN B 329 -14.75 -7.76 14.49
CA ASN B 329 -13.83 -8.64 15.19
C ASN B 329 -13.98 -10.09 14.76
N PHE B 330 -15.21 -10.49 14.45
CA PHE B 330 -15.38 -11.74 13.71
C PHE B 330 -14.59 -11.69 12.40
N ALA B 331 -14.57 -10.52 11.75
CA ALA B 331 -13.74 -10.38 10.55
C ALA B 331 -12.28 -10.71 10.85
N ILE B 332 -11.74 -10.21 11.98
CA ILE B 332 -10.34 -10.43 12.28
C ILE B 332 -10.09 -11.87 12.68
N GLY B 333 -11.05 -12.47 13.39
CA GLY B 333 -10.85 -13.82 13.91
C GLY B 333 -10.77 -14.87 12.82
N TYR B 334 -11.76 -14.86 11.91
CA TYR B 334 -11.76 -15.86 10.84
C TYR B 334 -10.49 -15.73 9.99
N TYR B 335 -10.12 -14.49 9.64
CA TYR B 335 -8.90 -14.30 8.84
C TYR B 335 -7.69 -14.89 9.54
N LEU B 336 -7.62 -14.77 10.87
CA LEU B 336 -6.47 -15.32 11.57
C LEU B 336 -6.50 -16.84 11.56
N LYS B 337 -7.70 -17.44 11.60
CA LYS B 337 -7.84 -18.88 11.52
C LYS B 337 -7.43 -19.38 10.14
N GLU B 338 -7.83 -18.65 9.10
CA GLU B 338 -7.49 -19.06 7.74
C GLU B 338 -5.99 -19.16 7.57
N LYS B 339 -5.25 -18.18 8.09
CA LYS B 339 -3.80 -18.13 7.96
C LYS B 339 -3.09 -19.00 9.01
N LYS B 340 -3.83 -19.72 9.85
CA LYS B 340 -3.26 -20.57 10.91
C LYS B 340 -2.33 -19.76 11.81
N CYS B 341 -2.87 -18.65 12.31
CA CYS B 341 -2.14 -17.71 13.16
C CYS B 341 -2.17 -18.08 14.65
N PHE B 342 -3.02 -19.04 15.05
CA PHE B 342 -3.23 -19.54 16.40
C PHE B 342 -2.36 -20.76 16.66
N PRO B 343 -2.14 -21.13 17.93
CA PRO B 343 -1.45 -22.39 18.20
C PRO B 343 -2.43 -23.51 17.95
N GLU B 344 -1.89 -24.66 17.56
CA GLU B 344 -2.70 -25.79 17.13
C GLU B 344 -3.75 -26.12 18.18
N GLY B 345 -5.01 -26.16 17.74
CA GLY B 345 -6.13 -26.53 18.60
C GLY B 345 -6.80 -25.38 19.33
N THR B 346 -7.02 -24.27 18.65
CA THR B 346 -7.64 -23.08 19.27
C THR B 346 -9.05 -22.91 18.75
N ASP B 347 -10.02 -22.89 19.66
CA ASP B 347 -11.40 -22.59 19.28
C ASP B 347 -11.53 -21.10 18.98
N MET B 348 -11.45 -20.74 17.69
CA MET B 348 -11.48 -19.33 17.28
C MET B 348 -12.72 -18.59 17.80
N VAL B 349 -13.86 -19.27 17.83
CA VAL B 349 -15.08 -18.58 18.26
C VAL B 349 -15.05 -18.31 19.75
N GLY B 350 -14.57 -19.29 20.53
CA GLY B 350 -14.45 -19.09 21.96
C GLY B 350 -13.44 -18.03 22.33
N ILE B 351 -12.38 -17.89 21.51
CA ILE B 351 -11.33 -16.95 21.85
C ILE B 351 -11.83 -15.52 21.64
N LEU B 352 -12.73 -15.31 20.68
CA LEU B 352 -13.38 -14.02 20.54
C LEU B 352 -14.29 -13.75 21.74
N ASP B 353 -14.87 -14.82 22.29
CA ASP B 353 -15.76 -14.73 23.44
C ASP B 353 -14.98 -14.28 24.67
N PHE B 354 -14.00 -15.10 25.07
CA PHE B 354 -12.94 -14.65 25.99
C PHE B 354 -12.52 -13.20 25.74
N TYR B 355 -12.18 -12.83 24.47
CA TYR B 355 -11.74 -11.47 24.18
C TYR B 355 -12.81 -10.43 24.51
N PHE B 356 -14.07 -10.65 24.10
CA PHE B 356 -15.09 -9.66 24.43
C PHE B 356 -15.34 -9.57 25.94
N GLN B 357 -15.12 -10.68 26.66
CA GLN B 357 -15.17 -10.63 28.12
C GLN B 357 -14.14 -9.65 28.63
N LEU B 358 -12.86 -9.93 28.34
CA LEU B 358 -11.75 -9.13 28.83
C LEU B 358 -11.93 -7.65 28.51
N CYS B 359 -12.60 -7.32 27.41
CA CYS B 359 -12.86 -5.93 27.04
C CYS B 359 -13.90 -5.27 27.94
N SER B 360 -14.70 -6.05 28.66
CA SER B 360 -15.75 -5.48 29.49
C SER B 360 -15.46 -5.60 30.97
N ILE B 361 -14.25 -6.00 31.35
CA ILE B 361 -13.83 -5.88 32.74
C ILE B 361 -13.92 -4.42 33.17
N GLU B 362 -14.64 -4.17 34.26
CA GLU B 362 -14.75 -2.82 34.79
C GLU B 362 -13.62 -2.52 35.75
N VAL B 363 -13.31 -1.23 35.88
CA VAL B 363 -12.41 -0.69 36.89
C VAL B 363 -12.91 0.73 37.16
N THR B 364 -12.44 1.33 38.26
CA THR B 364 -12.57 2.78 38.41
C THR B 364 -11.22 3.46 38.14
N CYS B 365 -11.28 4.78 37.95
CA CYS B 365 -10.07 5.61 37.86
C CYS B 365 -9.10 5.18 38.94
N GLU B 366 -9.65 5.02 40.14
CA GLU B 366 -8.86 4.71 41.32
C GLU B 366 -8.21 3.33 41.20
N SER B 367 -8.97 2.31 40.80
CA SER B 367 -8.40 0.97 40.77
C SER B 367 -7.41 0.80 39.63
N ALA B 368 -7.66 1.49 38.51
CA ALA B 368 -6.79 1.32 37.34
C ALA B 368 -5.46 2.05 37.50
N SER B 369 -5.39 3.12 38.30
CA SER B 369 -4.10 3.76 38.52
C SER B 369 -3.15 2.90 39.35
N VAL B 370 -3.66 1.88 40.04
CA VAL B 370 -2.75 0.96 40.73
C VAL B 370 -2.24 -0.10 39.75
N MET B 371 -3.09 -0.48 38.79
CA MET B 371 -2.63 -1.32 37.68
C MET B 371 -1.52 -0.63 36.90
N ALA B 372 -1.71 0.65 36.56
CA ALA B 372 -0.70 1.39 35.80
C ALA B 372 0.59 1.51 36.59
N ALA B 373 0.49 1.87 37.88
CA ALA B 373 1.64 2.03 38.75
C ALA B 373 2.38 0.70 38.99
N THR B 374 1.68 -0.43 38.96
CA THR B 374 2.34 -1.73 39.08
C THR B 374 3.37 -1.94 37.98
N LEU B 375 3.06 -1.46 36.77
CA LEU B 375 3.98 -1.59 35.65
C LEU B 375 5.07 -0.54 35.71
N ALA B 376 4.75 0.64 36.23
CA ALA B 376 5.75 1.63 36.56
C ALA B 376 6.87 1.05 37.43
N ASN B 377 6.60 -0.01 38.18
CA ASN B 377 7.41 -0.38 39.33
C ASN B 377 7.98 -1.80 39.24
N GLY B 378 8.43 -2.21 38.05
CA GLY B 378 9.15 -3.47 37.91
C GLY B 378 8.29 -4.70 38.06
N GLY B 379 6.97 -4.55 37.95
CA GLY B 379 6.05 -5.64 38.15
C GLY B 379 5.68 -5.94 39.59
N PHE B 380 6.11 -5.12 40.54
CA PHE B 380 5.75 -5.24 41.96
C PHE B 380 4.63 -4.24 42.28
N CYS B 381 3.53 -4.75 42.80
CA CYS B 381 2.39 -3.89 43.11
C CYS B 381 2.75 -2.90 44.22
N PRO B 382 2.68 -1.58 43.97
CA PRO B 382 3.16 -0.64 44.98
C PRO B 382 2.44 -0.71 46.31
N ILE B 383 1.11 -0.86 46.31
CA ILE B 383 0.37 -0.82 47.57
C ILE B 383 0.18 -2.21 48.16
N THR B 384 0.96 -3.19 47.71
CA THR B 384 0.94 -4.47 48.42
C THR B 384 2.32 -5.06 48.69
N GLY B 385 3.30 -4.85 47.83
CA GLY B 385 4.59 -5.46 48.05
C GLY B 385 4.81 -6.76 47.33
N GLU B 386 3.80 -7.30 46.64
CA GLU B 386 3.99 -8.59 45.99
C GLU B 386 4.42 -8.39 44.53
N ARG B 387 5.02 -9.45 43.97
CA ARG B 387 5.65 -9.39 42.65
C ARG B 387 4.71 -10.03 41.65
N VAL B 388 3.86 -9.19 41.03
CA VAL B 388 2.84 -9.71 40.12
C VAL B 388 3.46 -10.21 38.81
N LEU B 389 4.49 -9.50 38.30
CA LEU B 389 4.99 -9.71 36.95
C LEU B 389 6.52 -9.81 36.90
N SER B 390 7.01 -10.75 36.09
CA SER B 390 8.44 -10.84 35.80
C SER B 390 8.87 -9.56 35.10
N PRO B 391 10.17 -9.21 35.16
CA PRO B 391 10.58 -7.88 34.69
C PRO B 391 10.69 -7.85 33.17
N GLU B 392 11.08 -9.00 32.60
CA GLU B 392 10.91 -9.24 31.17
C GLU B 392 9.53 -8.76 30.72
N ALA B 393 8.49 -9.13 31.45
CA ALA B 393 7.13 -8.91 30.98
C ALA B 393 6.67 -7.48 31.17
N VAL B 394 7.10 -6.83 32.25
CA VAL B 394 6.70 -5.44 32.38
C VAL B 394 7.51 -4.56 31.42
N ARG B 395 8.73 -4.97 31.11
CA ARG B 395 9.50 -4.20 30.14
C ARG B 395 8.81 -4.22 28.79
N ASN B 396 8.47 -5.41 28.30
CA ASN B 396 7.97 -5.48 26.93
C ASN B 396 6.62 -4.80 26.80
N THR B 397 5.78 -4.86 27.84
CA THR B 397 4.51 -4.15 27.76
C THR B 397 4.73 -2.65 27.61
N LEU B 398 5.77 -2.11 28.27
CA LEU B 398 5.97 -0.68 28.24
C LEU B 398 6.59 -0.22 26.91
N SER B 399 7.55 -1.00 26.38
CA SER B 399 8.03 -0.79 25.00
C SER B 399 6.87 -0.59 24.03
N LEU B 400 5.93 -1.54 24.01
CA LEU B 400 4.88 -1.60 23.00
C LEU B 400 3.79 -0.57 23.25
N MET B 401 3.58 -0.15 24.49
CA MET B 401 2.56 0.87 24.75
C MET B 401 2.96 2.19 24.10
N HIS B 402 4.17 2.68 24.45
CA HIS B 402 4.87 3.77 23.78
C HIS B 402 4.49 3.93 22.31
N SER B 403 4.91 2.97 21.49
CA SER B 403 4.80 3.06 20.04
C SER B 403 3.46 2.60 19.45
N CYS B 404 2.60 1.95 20.22
CA CYS B 404 1.48 1.29 19.57
C CYS B 404 0.19 1.57 20.33
N GLY B 405 0.16 2.59 21.17
CA GLY B 405 -0.79 2.57 22.25
C GLY B 405 -1.96 3.50 22.14
N MET B 406 -1.93 4.37 21.13
CA MET B 406 -2.92 5.44 21.07
C MET B 406 -3.57 5.50 19.71
N TYR B 407 -3.89 4.33 19.16
CA TYR B 407 -4.46 4.21 17.82
C TYR B 407 -3.56 5.01 16.87
N ASP B 408 -4.08 5.91 16.07
CA ASP B 408 -3.22 6.62 15.11
C ASP B 408 -2.46 7.79 15.73
N PHE B 409 -2.89 8.27 16.89
CA PHE B 409 -2.17 9.33 17.59
C PHE B 409 -0.88 8.84 18.24
N SER B 410 -0.62 7.52 18.25
CA SER B 410 0.62 6.98 18.78
C SER B 410 1.84 7.81 18.35
N GLY B 411 2.01 8.00 17.05
CA GLY B 411 3.14 8.78 16.58
C GLY B 411 3.28 10.12 17.26
N GLN B 412 2.23 10.93 17.24
CA GLN B 412 2.36 12.27 17.79
C GLN B 412 2.41 12.22 19.31
N PHE B 413 1.70 11.27 19.92
CA PHE B 413 1.70 11.15 21.37
C PHE B 413 3.10 10.83 21.89
N ALA B 414 3.80 9.89 21.24
CA ALA B 414 5.15 9.56 21.68
C ALA B 414 6.11 10.71 21.45
N PHE B 415 5.77 11.62 20.54
CA PHE B 415 6.55 12.83 20.37
C PHE B 415 6.23 13.84 21.47
N HIS B 416 5.01 14.36 21.47
CA HIS B 416 4.66 15.51 22.30
C HIS B 416 4.45 15.14 23.77
N VAL B 417 4.10 13.90 24.07
CA VAL B 417 3.90 13.45 25.44
C VAL B 417 4.94 12.42 25.85
N GLY B 418 5.38 11.57 24.93
CA GLY B 418 6.43 10.62 25.20
C GLY B 418 6.25 9.84 26.48
N LEU B 419 5.13 9.16 26.63
CA LEU B 419 4.91 8.29 27.77
C LEU B 419 4.24 7.02 27.27
N PRO B 420 4.50 5.89 27.91
CA PRO B 420 3.75 4.68 27.56
C PRO B 420 2.31 4.85 27.99
N ALA B 421 1.39 5.03 27.05
CA ALA B 421 -0.01 5.20 27.40
C ALA B 421 -0.82 4.18 26.62
N LYS B 422 -2.10 4.08 26.98
CA LYS B 422 -3.04 3.21 26.29
C LYS B 422 -4.43 3.78 26.46
N SER B 423 -5.20 3.76 25.36
CA SER B 423 -6.49 4.42 25.30
C SER B 423 -7.60 3.40 25.06
N GLY B 424 -8.79 3.77 25.49
CA GLY B 424 -9.91 2.85 25.49
C GLY B 424 -11.16 3.58 25.07
N VAL B 425 -12.05 2.83 24.41
CA VAL B 425 -13.15 3.48 23.70
C VAL B 425 -14.12 4.21 24.62
N ALA B 426 -13.94 4.12 25.96
CA ALA B 426 -14.91 4.65 26.92
C ALA B 426 -14.46 5.95 27.59
N GLY B 427 -13.31 6.51 27.20
CA GLY B 427 -12.75 7.68 27.86
C GLY B 427 -11.47 7.42 28.63
N GLY B 428 -10.95 6.19 28.62
CA GLY B 428 -9.83 5.85 29.46
C GLY B 428 -8.48 6.11 28.80
N ILE B 429 -7.53 6.57 29.61
CA ILE B 429 -6.10 6.55 29.26
C ILE B 429 -5.32 5.96 30.42
N LEU B 430 -4.72 4.80 30.20
CA LEU B 430 -3.98 4.08 31.23
C LEU B 430 -2.54 4.52 31.09
N LEU B 431 -2.21 5.64 31.73
CA LEU B 431 -0.92 6.30 31.58
C LEU B 431 0.11 5.81 32.60
N VAL B 432 1.32 5.55 32.13
CA VAL B 432 2.43 5.14 32.97
C VAL B 432 3.56 6.17 32.85
N VAL B 433 4.13 6.55 34.00
CA VAL B 433 5.40 7.29 34.07
C VAL B 433 6.42 6.39 34.72
N PRO B 434 7.21 5.62 33.97
CA PRO B 434 8.01 4.56 34.58
C PRO B 434 8.92 5.09 35.68
N ASN B 435 9.06 4.28 36.73
CA ASN B 435 9.82 4.56 37.94
C ASN B 435 9.27 5.75 38.72
N VAL B 436 8.09 6.25 38.39
CA VAL B 436 7.51 7.33 39.18
C VAL B 436 6.13 6.93 39.71
N MET B 437 5.17 6.74 38.81
CA MET B 437 3.77 6.68 39.19
C MET B 437 2.96 6.06 38.06
N GLY B 438 1.63 6.08 38.23
CA GLY B 438 0.69 5.47 37.32
C GLY B 438 -0.64 6.20 37.38
N MET B 439 -1.19 6.52 36.23
CA MET B 439 -2.39 7.33 36.17
C MET B 439 -3.49 6.57 35.43
N MET B 440 -4.64 7.24 35.36
CA MET B 440 -5.78 6.78 34.59
C MET B 440 -6.75 7.95 34.54
N CYS B 441 -6.95 8.51 33.35
CA CYS B 441 -7.92 9.57 33.12
C CYS B 441 -9.15 9.03 32.40
N TRP B 442 -10.24 9.80 32.47
CA TRP B 442 -11.53 9.32 32.00
C TRP B 442 -12.49 10.49 31.78
N SER B 443 -12.89 10.72 30.52
CA SER B 443 -13.99 11.62 30.16
C SER B 443 -14.54 10.89 28.95
N PRO B 444 -15.83 10.55 28.94
CA PRO B 444 -16.37 9.66 27.89
C PRO B 444 -16.36 10.24 26.47
N PRO B 445 -16.37 11.58 26.27
CA PRO B 445 -16.23 12.12 24.90
C PRO B 445 -14.85 11.86 24.29
N LEU B 446 -14.84 11.10 23.19
CA LEU B 446 -13.65 10.89 22.36
C LEU B 446 -13.59 11.95 21.27
N ASP B 447 -12.40 12.10 20.65
CA ASP B 447 -12.28 12.94 19.46
C ASP B 447 -12.50 12.06 18.23
N LYS B 448 -12.11 12.52 17.06
CA LYS B 448 -12.28 11.68 15.87
C LYS B 448 -11.41 10.43 15.96
N MET B 449 -10.23 10.54 16.58
CA MET B 449 -9.25 9.45 16.54
C MET B 449 -9.49 8.41 17.61
N GLY B 450 -10.37 8.67 18.57
CA GLY B 450 -10.79 7.66 19.53
C GLY B 450 -10.28 7.81 20.94
N ASN B 451 -9.74 8.99 21.29
CA ASN B 451 -9.10 9.30 22.57
C ASN B 451 -9.82 10.43 23.27
N SER B 452 -10.12 10.24 24.56
CA SER B 452 -10.77 11.24 25.40
C SER B 452 -10.22 12.64 25.11
N VAL B 453 -11.10 13.54 24.70
CA VAL B 453 -10.70 14.92 24.45
C VAL B 453 -10.04 15.51 25.70
N LYS B 454 -10.78 15.49 26.81
CA LYS B 454 -10.25 15.98 28.08
C LYS B 454 -9.05 15.14 28.52
N GLY B 455 -9.05 13.84 28.20
CA GLY B 455 -7.95 12.95 28.51
C GLY B 455 -6.68 13.46 27.87
N ILE B 456 -6.72 13.58 26.54
CA ILE B 456 -5.54 14.00 25.78
C ILE B 456 -5.06 15.35 26.25
N HIS B 457 -5.93 16.37 26.20
CA HIS B 457 -5.60 17.70 26.69
C HIS B 457 -4.77 17.65 27.97
N PHE B 458 -5.25 16.91 28.98
CA PHE B 458 -4.55 16.79 30.25
C PHE B 458 -3.12 16.34 30.07
N CYS B 459 -2.86 15.36 29.19
CA CYS B 459 -1.53 14.76 29.09
C CYS B 459 -0.54 15.60 28.31
N HIS B 460 -1.00 16.48 27.43
CA HIS B 460 -0.08 17.49 26.90
C HIS B 460 0.39 18.43 28.02
N ASP B 461 -0.55 18.82 28.91
CA ASP B 461 -0.26 19.73 30.01
C ASP B 461 0.63 19.08 31.05
N LEU B 462 0.50 17.77 31.25
CA LEU B 462 1.31 17.17 32.31
C LEU B 462 2.78 17.11 31.91
N VAL B 463 3.06 16.91 30.62
CA VAL B 463 4.44 16.88 30.14
C VAL B 463 4.94 18.30 29.89
N SER B 464 4.05 19.21 29.52
CA SER B 464 4.39 20.62 29.47
C SER B 464 4.99 21.11 30.77
N LEU B 465 4.33 20.80 31.89
CA LEU B 465 4.71 21.31 33.20
C LEU B 465 5.88 20.53 33.82
N CYS B 466 5.93 19.20 33.62
CA CYS B 466 6.86 18.37 34.37
C CYS B 466 7.72 17.52 33.44
N ASN B 467 8.94 17.20 33.87
CA ASN B 467 9.91 16.46 33.06
C ASN B 467 9.66 14.96 33.02
N PHE B 468 8.46 14.57 32.65
CA PHE B 468 8.16 13.14 32.61
C PHE B 468 8.31 12.53 31.23
N HIS B 469 8.39 13.37 30.18
CA HIS B 469 8.68 12.87 28.84
C HIS B 469 9.85 11.91 28.88
N ASN B 470 9.61 10.69 28.39
CA ASN B 470 10.59 9.62 28.35
C ASN B 470 12.01 10.10 28.04
N TYR B 471 12.14 11.07 27.14
CA TYR B 471 13.44 11.57 26.73
C TYR B 471 13.67 13.01 27.17
N ASP B 472 12.97 13.47 28.20
CA ASP B 472 13.42 14.65 28.92
C ASP B 472 14.73 14.32 29.64
N ASN B 473 15.39 15.36 30.14
CA ASN B 473 16.67 15.18 30.81
C ASN B 473 16.45 15.33 32.32
N LEU B 474 17.11 14.45 33.11
CA LEU B 474 16.94 14.49 34.57
C LEU B 474 17.86 15.48 35.27
N ARG B 475 18.77 16.14 34.54
CA ARG B 475 19.61 17.21 35.08
C ARG B 475 19.32 18.58 34.46
N HIS B 476 19.21 18.69 33.13
CA HIS B 476 18.96 19.96 32.43
C HIS B 476 17.67 19.82 31.63
N PHE B 477 16.56 20.23 32.24
CA PHE B 477 15.23 20.05 31.67
C PHE B 477 14.51 21.39 31.51
N ALA B 478 15.29 22.45 31.30
CA ALA B 478 14.79 23.81 31.03
C ALA B 478 13.90 24.26 32.19
N LYS B 479 12.71 24.80 31.93
CA LYS B 479 11.89 25.41 32.97
C LYS B 479 10.78 24.49 33.48
N LYS B 480 10.85 23.19 33.18
CA LYS B 480 9.88 22.26 33.72
C LYS B 480 10.14 21.99 35.19
N LEU B 481 9.10 21.52 35.88
CA LEU B 481 9.17 21.15 37.29
C LEU B 481 9.54 19.67 37.40
N ASP B 482 10.60 19.36 38.15
CA ASP B 482 10.87 17.95 38.49
C ASP B 482 10.24 17.65 39.83
N PRO B 483 9.26 16.74 39.89
CA PRO B 483 8.65 16.39 41.17
C PRO B 483 9.48 15.43 42.00
N ARG B 484 10.51 14.82 41.39
CA ARG B 484 11.45 13.98 42.10
C ARG B 484 12.41 14.76 43.00
N ARG B 485 12.32 16.09 43.04
CA ARG B 485 13.28 16.95 43.73
C ARG B 485 12.57 17.82 44.78
N GLU B 486 13.36 18.32 45.73
CA GLU B 486 12.87 19.29 46.70
C GLU B 486 13.38 20.70 46.33
N GLY B 487 13.22 21.64 47.26
CA GLY B 487 13.64 23.02 47.03
C GLY B 487 12.50 23.96 46.72
N PRO C 78 -17.79 -8.30 -69.38
CA PRO C 78 -16.75 -7.49 -68.74
C PRO C 78 -16.78 -6.03 -69.17
N SER C 79 -16.70 -5.12 -68.19
CA SER C 79 -16.75 -3.68 -68.44
C SER C 79 -16.47 -2.94 -67.13
N LEU C 80 -15.25 -3.09 -66.61
CA LEU C 80 -14.95 -2.67 -65.24
C LEU C 80 -15.24 -1.19 -65.03
N GLU C 81 -14.55 -0.32 -65.79
CA GLU C 81 -14.77 1.11 -65.64
C GLU C 81 -16.14 1.51 -66.17
N ASP C 82 -16.63 0.85 -67.21
CA ASP C 82 -17.94 1.17 -67.78
C ASP C 82 -19.04 1.06 -66.72
N LEU C 83 -18.92 0.07 -65.83
CA LEU C 83 -19.98 -0.27 -64.89
C LEU C 83 -20.39 0.94 -64.05
N LEU C 84 -19.41 1.77 -63.70
CA LEU C 84 -19.60 2.90 -62.79
C LEU C 84 -19.87 4.19 -63.53
N PHE C 85 -19.76 4.17 -64.86
CA PHE C 85 -20.27 5.27 -65.66
C PHE C 85 -21.79 5.22 -65.69
N TYR C 86 -22.36 4.05 -65.98
CA TYR C 86 -23.82 3.91 -65.96
C TYR C 86 -24.39 4.07 -64.57
N THR C 87 -23.56 3.88 -63.53
CA THR C 87 -24.03 4.04 -62.16
C THR C 87 -24.27 5.51 -61.82
N ILE C 88 -23.32 6.38 -62.17
CA ILE C 88 -23.41 7.78 -61.77
C ILE C 88 -24.22 8.59 -62.77
N ALA C 89 -24.02 8.40 -64.07
CA ALA C 89 -24.89 8.99 -65.07
C ALA C 89 -26.20 8.19 -65.16
N GLU C 90 -27.32 8.90 -65.27
CA GLU C 90 -28.63 8.27 -65.19
C GLU C 90 -29.02 7.55 -66.47
N GLY C 91 -28.19 6.61 -66.94
CA GLY C 91 -28.36 6.08 -68.28
C GLY C 91 -28.31 7.15 -69.34
N GLN C 92 -27.61 8.25 -69.07
CA GLN C 92 -27.67 9.50 -69.82
C GLN C 92 -26.38 9.73 -70.58
N GLU C 93 -26.44 10.66 -71.54
CA GLU C 93 -25.36 11.07 -72.45
C GLU C 93 -24.02 11.22 -71.75
N LYS C 94 -23.69 12.46 -71.36
CA LYS C 94 -22.54 12.77 -70.52
C LYS C 94 -23.04 12.91 -69.08
N ILE C 95 -22.12 13.03 -68.13
CA ILE C 95 -22.44 13.40 -66.76
C ILE C 95 -21.66 14.65 -66.42
N PRO C 96 -22.29 15.72 -65.90
CA PRO C 96 -21.51 16.92 -65.55
C PRO C 96 -20.48 16.62 -64.46
N VAL C 97 -19.28 17.16 -64.64
CA VAL C 97 -18.21 16.76 -63.75
C VAL C 97 -18.48 17.23 -62.33
N HIS C 98 -19.00 18.46 -62.17
CA HIS C 98 -19.19 18.99 -60.83
C HIS C 98 -20.26 18.23 -60.06
N LYS C 99 -20.95 17.29 -60.70
CA LYS C 99 -21.83 16.38 -59.99
C LYS C 99 -21.24 14.99 -59.82
N PHE C 100 -20.29 14.59 -60.66
CA PHE C 100 -19.49 13.41 -60.30
C PHE C 100 -18.66 13.70 -59.06
N ILE C 101 -18.19 14.94 -58.88
CA ILE C 101 -17.37 15.22 -57.71
C ILE C 101 -18.24 15.25 -56.46
N THR C 102 -19.50 15.69 -56.57
CA THR C 102 -20.36 15.62 -55.38
C THR C 102 -20.99 14.24 -55.23
N ALA C 103 -21.08 13.46 -56.30
CA ALA C 103 -21.27 12.02 -56.15
C ALA C 103 -20.16 11.39 -55.32
N LEU C 104 -18.97 11.97 -55.34
CA LEU C 104 -17.81 11.45 -54.61
C LEU C 104 -17.60 12.14 -53.29
N LYS C 105 -18.11 13.35 -53.12
CA LYS C 105 -18.10 13.95 -51.80
C LYS C 105 -19.22 13.40 -50.95
N SER C 106 -20.26 12.86 -51.60
CA SER C 106 -21.28 12.07 -50.91
C SER C 106 -20.66 10.88 -50.19
N THR C 107 -19.69 10.21 -50.82
CA THR C 107 -19.10 8.99 -50.25
C THR C 107 -18.15 9.29 -49.08
N GLY C 108 -18.05 10.54 -48.62
CA GLY C 108 -17.17 10.86 -47.52
C GLY C 108 -15.73 11.08 -47.93
N LEU C 109 -15.27 10.37 -48.96
CA LEU C 109 -13.91 10.51 -49.45
C LEU C 109 -13.62 11.98 -49.75
N ARG C 110 -12.35 12.32 -49.72
CA ARG C 110 -11.93 13.69 -50.02
C ARG C 110 -11.17 13.71 -51.33
N THR C 111 -11.47 14.69 -52.19
CA THR C 111 -10.83 14.77 -53.51
C THR C 111 -9.31 14.81 -53.42
N SER C 112 -8.76 15.11 -52.24
CA SER C 112 -7.33 15.12 -52.00
C SER C 112 -6.80 13.79 -51.47
N ASP C 113 -7.64 12.75 -51.45
CA ASP C 113 -7.18 11.42 -51.07
C ASP C 113 -5.98 11.04 -51.94
N PRO C 114 -4.88 10.58 -51.33
CA PRO C 114 -3.68 10.26 -52.12
C PRO C 114 -3.81 9.01 -52.98
N ARG C 115 -4.69 8.07 -52.65
CA ARG C 115 -4.98 6.97 -53.56
C ARG C 115 -5.86 7.40 -54.72
N LEU C 116 -6.14 8.71 -54.84
CA LEU C 116 -7.00 9.31 -55.85
C LEU C 116 -6.30 10.41 -56.64
N LYS C 117 -4.96 10.52 -56.54
CA LYS C 117 -4.29 11.63 -57.22
C LYS C 117 -4.33 11.44 -58.73
N GLU C 118 -3.95 10.26 -59.20
CA GLU C 118 -3.97 9.98 -60.64
C GLU C 118 -5.34 10.28 -61.23
N CYS C 119 -6.39 9.85 -60.56
CA CYS C 119 -7.73 10.16 -61.03
C CYS C 119 -7.98 11.67 -61.03
N MET C 120 -7.48 12.38 -60.02
CA MET C 120 -7.73 13.81 -59.92
C MET C 120 -6.85 14.62 -60.85
N ASP C 121 -5.66 14.10 -61.17
CA ASP C 121 -4.79 14.74 -62.17
C ASP C 121 -5.37 14.60 -63.57
N MET C 122 -5.52 13.35 -64.03
CA MET C 122 -6.14 13.05 -65.31
C MET C 122 -7.48 13.78 -65.51
N LEU C 123 -8.18 14.07 -64.42
CA LEU C 123 -9.40 14.86 -64.50
C LEU C 123 -9.12 16.35 -64.62
N ARG C 124 -8.07 16.86 -63.95
CA ARG C 124 -7.70 18.26 -64.14
C ARG C 124 -7.29 18.54 -65.58
N LEU C 125 -6.65 17.57 -66.24
CA LEU C 125 -6.29 17.69 -67.65
C LEU C 125 -7.53 17.92 -68.51
N THR C 126 -8.46 16.97 -68.50
CA THR C 126 -9.48 16.96 -69.52
C THR C 126 -10.51 18.09 -69.38
N LEU C 127 -10.56 18.82 -68.26
CA LEU C 127 -11.40 20.01 -68.24
C LEU C 127 -10.64 21.26 -68.69
N GLN C 128 -9.29 21.22 -68.72
CA GLN C 128 -8.56 22.30 -69.40
C GLN C 128 -8.31 22.00 -70.89
N THR C 129 -8.41 20.72 -71.33
CA THR C 129 -8.66 20.36 -72.73
C THR C 129 -10.04 20.87 -73.18
N THR C 130 -10.68 21.66 -72.32
CA THR C 130 -11.84 22.46 -72.67
C THR C 130 -11.72 23.75 -71.83
N SER C 131 -12.62 24.70 -72.08
CA SER C 131 -13.03 25.71 -71.10
C SER C 131 -14.54 25.81 -71.14
N ASP C 132 -15.17 24.64 -71.20
CA ASP C 132 -16.56 24.33 -71.45
C ASP C 132 -17.31 24.27 -70.11
N GLY C 133 -18.40 23.49 -70.06
CA GLY C 133 -19.01 23.13 -68.80
C GLY C 133 -18.02 22.42 -67.89
N VAL C 134 -17.63 21.21 -68.25
CA VAL C 134 -18.39 20.38 -69.19
C VAL C 134 -18.25 18.99 -68.64
N MET C 135 -18.60 18.02 -69.47
CA MET C 135 -19.08 16.72 -69.05
C MET C 135 -18.17 15.65 -69.65
N LEU C 136 -18.54 14.39 -69.44
CA LEU C 136 -17.63 13.27 -69.65
C LEU C 136 -18.36 12.13 -70.35
N ASP C 137 -17.74 11.62 -71.41
CA ASP C 137 -18.28 10.48 -72.14
C ASP C 137 -17.88 9.18 -71.47
N LYS C 138 -18.29 8.07 -72.06
CA LYS C 138 -17.92 6.76 -71.51
C LYS C 138 -16.41 6.54 -71.58
N ASP C 139 -15.75 7.05 -72.63
CA ASP C 139 -14.32 6.86 -72.81
C ASP C 139 -13.47 7.93 -72.14
N LEU C 140 -14.07 9.10 -71.86
CA LEU C 140 -13.39 10.19 -71.16
C LEU C 140 -13.39 9.96 -69.66
N PHE C 141 -14.50 9.44 -69.14
CA PHE C 141 -14.52 8.91 -67.78
C PHE C 141 -13.56 7.74 -67.62
N LYS C 142 -13.39 6.91 -68.66
CA LYS C 142 -12.69 5.65 -68.50
C LYS C 142 -11.20 5.86 -68.20
N LYS C 143 -10.53 6.75 -68.94
CA LYS C 143 -9.09 6.91 -68.73
C LYS C 143 -8.80 7.97 -67.68
N CYS C 144 -9.80 8.52 -67.02
CA CYS C 144 -9.56 9.27 -65.77
C CYS C 144 -9.41 8.33 -64.58
N VAL C 145 -10.45 7.53 -64.32
CA VAL C 145 -10.55 6.68 -63.14
C VAL C 145 -10.06 5.26 -63.43
N GLN C 146 -9.48 5.05 -64.62
CA GLN C 146 -8.79 3.80 -64.92
C GLN C 146 -7.85 3.44 -63.77
N SER C 147 -7.17 4.46 -63.26
CA SER C 147 -6.14 4.34 -62.24
C SER C 147 -6.71 3.75 -60.96
N ASN C 148 -7.50 4.53 -60.25
CA ASN C 148 -7.97 4.18 -58.91
C ASN C 148 -9.38 3.63 -58.94
N ILE C 149 -9.72 2.86 -59.98
CA ILE C 149 -11.08 2.35 -60.12
C ILE C 149 -11.41 1.41 -58.98
N VAL C 150 -10.40 0.72 -58.46
CA VAL C 150 -10.67 -0.33 -57.49
C VAL C 150 -11.21 0.25 -56.18
N LEU C 151 -10.74 1.41 -55.75
CA LEU C 151 -11.42 1.99 -54.59
C LEU C 151 -12.51 2.96 -54.99
N LEU C 152 -12.56 3.39 -56.25
CA LEU C 152 -13.67 4.22 -56.70
C LEU C 152 -14.94 3.41 -56.88
N THR C 153 -14.79 2.14 -57.24
CA THR C 153 -15.92 1.22 -57.30
C THR C 153 -16.51 0.98 -55.92
N GLN C 154 -15.65 0.54 -54.98
CA GLN C 154 -16.09 0.32 -53.60
C GLN C 154 -16.70 1.58 -53.01
N ALA C 155 -16.20 2.75 -53.39
CA ALA C 155 -16.73 4.00 -52.85
C ALA C 155 -18.13 4.29 -53.35
N PHE C 156 -18.53 3.69 -54.48
CA PHE C 156 -19.86 3.89 -55.05
C PHE C 156 -20.75 2.66 -54.94
N ARG C 157 -20.15 1.46 -54.94
CA ARG C 157 -20.83 0.22 -54.59
C ARG C 157 -21.05 0.08 -53.08
N ARG C 158 -20.74 1.15 -52.33
CA ARG C 158 -21.01 1.23 -50.90
C ARG C 158 -20.40 0.05 -50.15
N LYS C 159 -19.23 -0.39 -50.62
CA LYS C 159 -18.45 -1.44 -49.97
C LYS C 159 -17.44 -0.84 -48.98
N PHE C 160 -17.66 0.39 -48.55
CA PHE C 160 -16.82 0.96 -47.51
C PHE C 160 -17.35 0.52 -46.14
N VAL C 161 -16.51 0.72 -45.12
CA VAL C 161 -16.83 0.29 -43.77
C VAL C 161 -18.10 0.96 -43.26
N ILE C 162 -18.39 2.18 -43.69
CA ILE C 162 -19.58 2.91 -43.30
C ILE C 162 -20.32 3.32 -44.57
N PRO C 163 -21.32 2.54 -45.00
CA PRO C 163 -21.98 2.80 -46.27
C PRO C 163 -22.72 4.13 -46.40
N ASP C 164 -23.54 4.53 -45.43
CA ASP C 164 -24.28 5.78 -45.57
C ASP C 164 -23.59 6.87 -44.75
N PHE C 165 -22.47 7.33 -45.30
CA PHE C 165 -21.67 8.30 -44.60
C PHE C 165 -22.37 9.66 -44.50
N MET C 166 -23.29 9.96 -45.41
CA MET C 166 -23.94 11.26 -45.35
C MET C 166 -24.79 11.38 -44.09
N SER C 167 -25.58 10.34 -43.78
CA SER C 167 -26.42 10.38 -42.58
C SER C 167 -25.58 10.30 -41.31
N PHE C 168 -24.52 9.48 -41.33
CA PHE C 168 -23.63 9.38 -40.19
C PHE C 168 -23.12 10.73 -39.73
N THR C 169 -22.78 11.61 -40.67
CA THR C 169 -22.18 12.89 -40.31
C THR C 169 -23.14 13.82 -39.59
N SER C 170 -24.44 13.65 -39.79
CA SER C 170 -25.39 14.49 -39.07
C SER C 170 -25.38 14.16 -37.58
N HIS C 171 -25.37 12.86 -37.24
CA HIS C 171 -25.26 12.47 -35.84
C HIS C 171 -23.94 12.89 -35.23
N ILE C 172 -22.88 12.94 -36.04
CA ILE C 172 -21.63 13.54 -35.59
C ILE C 172 -21.80 15.02 -35.29
N ASP C 173 -22.58 15.74 -36.12
CA ASP C 173 -22.92 17.13 -35.83
C ASP C 173 -23.88 17.24 -34.65
N GLU C 174 -24.85 16.32 -34.58
CA GLU C 174 -25.81 16.29 -33.47
C GLU C 174 -25.09 16.08 -32.17
N LEU C 175 -24.30 15.01 -32.08
CA LEU C 175 -23.50 14.76 -30.88
C LEU C 175 -22.49 15.86 -30.63
N TYR C 176 -22.09 16.58 -31.68
CA TYR C 176 -21.11 17.66 -31.53
C TYR C 176 -21.70 18.82 -30.74
N GLU C 177 -22.81 19.38 -31.22
CA GLU C 177 -23.37 20.58 -30.63
C GLU C 177 -24.13 20.32 -29.33
N SER C 178 -24.39 19.05 -29.01
CA SER C 178 -24.87 18.71 -27.67
C SER C 178 -23.72 18.65 -26.68
N ALA C 179 -22.55 18.19 -27.11
CA ALA C 179 -21.33 18.31 -26.32
C ALA C 179 -20.82 19.75 -26.24
N LYS C 180 -21.36 20.65 -27.08
CA LYS C 180 -20.88 22.03 -27.12
C LYS C 180 -21.44 22.88 -25.98
N LYS C 181 -22.58 22.48 -25.40
CA LYS C 181 -23.19 23.26 -24.32
C LYS C 181 -22.67 22.90 -22.95
N GLN C 182 -21.93 21.80 -22.78
CA GLN C 182 -21.42 21.46 -21.45
C GLN C 182 -20.27 22.41 -21.11
N SER C 183 -20.59 23.42 -20.32
CA SER C 183 -19.70 24.53 -20.00
C SER C 183 -18.62 24.17 -18.99
N GLY C 184 -18.60 22.94 -18.50
CA GLY C 184 -17.69 22.60 -17.42
C GLY C 184 -16.24 22.47 -17.87
N GLY C 185 -15.33 22.86 -16.98
CA GLY C 185 -13.93 22.54 -17.14
C GLY C 185 -12.99 23.73 -17.07
N LYS C 186 -11.71 23.48 -16.82
CA LYS C 186 -10.68 24.51 -16.91
C LYS C 186 -9.58 24.02 -17.83
N VAL C 187 -8.92 24.98 -18.49
CA VAL C 187 -7.76 24.68 -19.32
C VAL C 187 -6.59 24.47 -18.37
N ALA C 188 -5.39 24.17 -18.88
CA ALA C 188 -4.23 24.00 -18.02
C ALA C 188 -3.13 25.01 -18.36
N ASP C 189 -2.18 25.16 -17.42
CA ASP C 189 -0.97 25.96 -17.65
C ASP C 189 0.13 25.67 -16.60
N LYS C 196 -3.51 27.69 -21.77
CA LYS C 196 -3.37 29.07 -22.21
C LYS C 196 -4.16 29.37 -23.50
N PHE C 197 -5.04 28.44 -23.90
CA PHE C 197 -5.87 28.57 -25.09
C PHE C 197 -7.15 29.36 -24.81
N SER C 198 -8.20 29.13 -25.62
CA SER C 198 -9.53 29.68 -25.37
C SER C 198 -10.49 28.55 -25.01
N PRO C 199 -11.28 28.70 -23.95
CA PRO C 199 -12.04 27.54 -23.43
C PRO C 199 -13.16 27.07 -24.34
N ASP C 200 -13.47 27.78 -25.43
CA ASP C 200 -14.62 27.39 -26.25
C ASP C 200 -14.23 26.85 -27.61
N LEU C 201 -12.94 26.60 -27.83
CA LEU C 201 -12.54 25.70 -28.90
C LEU C 201 -13.12 24.30 -28.67
N TRP C 202 -13.75 23.76 -29.71
CA TRP C 202 -14.37 22.44 -29.66
C TRP C 202 -14.24 21.82 -31.06
N GLY C 203 -13.43 20.78 -31.18
CA GLY C 203 -13.11 20.19 -32.47
C GLY C 203 -13.13 18.67 -32.45
N VAL C 204 -13.84 18.08 -33.42
CA VAL C 204 -13.97 16.64 -33.56
C VAL C 204 -13.72 16.25 -35.02
N SER C 205 -12.93 15.19 -35.24
CA SER C 205 -12.51 14.82 -36.58
C SER C 205 -12.44 13.31 -36.75
N VAL C 206 -13.07 12.80 -37.82
CA VAL C 206 -13.23 11.37 -38.03
C VAL C 206 -12.58 10.94 -39.34
N CYS C 207 -11.83 9.83 -39.28
CA CYS C 207 -11.25 9.14 -40.42
C CYS C 207 -11.54 7.66 -40.28
N THR C 208 -12.19 7.08 -41.26
CA THR C 208 -12.54 5.67 -41.22
C THR C 208 -11.42 4.83 -41.83
N VAL C 209 -11.50 3.51 -41.64
CA VAL C 209 -10.40 2.65 -42.06
C VAL C 209 -10.29 2.63 -43.58
N ASP C 210 -11.29 3.21 -44.28
CA ASP C 210 -11.30 3.30 -45.74
C ASP C 210 -10.83 4.64 -46.27
N GLY C 211 -10.84 5.68 -45.44
CA GLY C 211 -10.46 7.01 -45.86
C GLY C 211 -11.57 8.02 -45.73
N GLN C 212 -12.78 7.60 -45.40
CA GLN C 212 -13.88 8.56 -45.27
C GLN C 212 -13.58 9.57 -44.17
N ARG C 213 -13.88 10.84 -44.43
CA ARG C 213 -13.56 11.90 -43.47
C ARG C 213 -14.73 12.83 -43.27
N HIS C 214 -14.84 13.36 -42.04
CA HIS C 214 -15.76 14.42 -41.68
C HIS C 214 -15.18 15.15 -40.47
N SER C 215 -15.50 16.43 -40.35
CA SER C 215 -14.85 17.30 -39.36
C SER C 215 -15.72 18.53 -39.14
N THR C 216 -16.28 18.66 -37.94
CA THR C 216 -17.13 19.81 -37.66
C THR C 216 -16.55 20.55 -36.47
N GLY C 217 -16.59 21.88 -36.54
CA GLY C 217 -15.94 22.71 -35.55
C GLY C 217 -14.45 22.89 -35.84
N ASP C 218 -13.76 23.42 -34.83
CA ASP C 218 -12.37 23.88 -34.94
C ASP C 218 -11.37 22.74 -35.12
N THR C 219 -11.52 22.03 -36.23
CA THR C 219 -10.72 20.86 -36.57
C THR C 219 -9.43 21.22 -37.31
N LYS C 220 -9.15 22.51 -37.50
CA LYS C 220 -7.96 22.96 -38.22
C LYS C 220 -7.05 23.87 -37.37
N VAL C 221 -7.15 23.76 -36.05
CA VAL C 221 -6.32 24.53 -35.12
C VAL C 221 -5.33 23.59 -34.45
N PRO C 222 -4.04 23.90 -34.42
CA PRO C 222 -3.04 22.95 -33.95
C PRO C 222 -2.84 22.99 -32.44
N PHE C 223 -2.59 21.79 -31.88
CA PHE C 223 -2.29 21.62 -30.46
C PHE C 223 -1.25 20.50 -30.33
N CYS C 224 -0.88 20.18 -29.09
CA CYS C 224 0.20 19.23 -28.81
C CYS C 224 -0.35 17.88 -28.37
N LEU C 225 0.22 16.81 -28.93
CA LEU C 225 -0.18 15.46 -28.56
C LEU C 225 -0.17 15.26 -27.06
N GLN C 226 0.92 15.66 -26.41
CA GLN C 226 1.16 15.45 -24.98
C GLN C 226 1.19 13.94 -24.77
N SER C 227 0.44 13.39 -23.81
CA SER C 227 0.52 11.96 -23.54
C SER C 227 -0.10 11.14 -24.66
N CYS C 228 -0.92 11.77 -25.53
CA CYS C 228 -1.39 11.09 -26.73
C CYS C 228 -0.24 10.49 -27.53
N VAL C 229 1.00 10.86 -27.21
CA VAL C 229 2.20 10.31 -27.86
C VAL C 229 2.50 8.89 -27.40
N LYS C 230 2.14 8.57 -26.16
CA LYS C 230 2.67 7.35 -25.55
C LYS C 230 2.31 6.09 -26.36
N PRO C 231 1.04 5.82 -26.69
CA PRO C 231 0.76 4.68 -27.58
C PRO C 231 1.61 4.64 -28.83
N LEU C 232 1.63 5.74 -29.61
CA LEU C 232 2.40 5.80 -30.86
C LEU C 232 3.88 5.48 -30.63
N LYS C 233 4.50 6.14 -29.65
CA LYS C 233 5.87 5.84 -29.26
C LYS C 233 6.05 4.35 -28.91
N TYR C 234 5.09 3.79 -28.17
CA TYR C 234 5.18 2.36 -27.82
C TYR C 234 5.24 1.49 -29.07
N ALA C 235 4.32 1.74 -30.00
CA ALA C 235 4.25 0.91 -31.21
C ALA C 235 5.57 0.94 -31.98
N ILE C 236 6.07 2.16 -32.24
CA ILE C 236 7.37 2.34 -32.89
C ILE C 236 8.45 1.51 -32.19
N ALA C 237 8.37 1.41 -30.86
CA ALA C 237 9.31 0.57 -30.13
C ALA C 237 9.15 -0.90 -30.53
N VAL C 238 7.94 -1.46 -30.33
CA VAL C 238 7.71 -2.89 -30.50
C VAL C 238 7.83 -3.30 -31.96
N ASN C 239 7.43 -2.43 -32.88
CA ASN C 239 7.60 -2.70 -34.29
C ASN C 239 9.08 -2.86 -34.67
N ASP C 240 9.99 -2.28 -33.88
CA ASP C 240 11.42 -2.37 -34.18
C ASP C 240 12.12 -3.48 -33.40
N LEU C 241 11.75 -3.70 -32.13
CA LEU C 241 12.46 -4.60 -31.24
C LEU C 241 11.62 -5.80 -30.78
N GLY C 242 10.31 -5.77 -30.98
CA GLY C 242 9.52 -6.97 -30.80
C GLY C 242 9.07 -7.16 -29.37
N THR C 243 7.89 -7.77 -29.21
CA THR C 243 7.21 -7.81 -27.92
C THR C 243 8.15 -8.10 -26.77
N GLU C 244 8.99 -9.11 -26.93
CA GLU C 244 9.61 -9.71 -25.76
C GLU C 244 10.80 -8.89 -25.27
N TYR C 245 11.64 -8.41 -26.18
CA TYR C 245 12.71 -7.51 -25.75
C TYR C 245 12.14 -6.31 -25.03
N VAL C 246 11.19 -5.62 -25.67
CA VAL C 246 10.62 -4.41 -25.08
C VAL C 246 9.98 -4.65 -23.73
N HIS C 247 9.64 -5.89 -23.40
CA HIS C 247 8.96 -6.14 -22.14
C HIS C 247 9.87 -6.77 -21.11
N ARG C 248 11.17 -6.81 -21.40
CA ARG C 248 12.18 -6.93 -20.35
C ARG C 248 12.27 -5.66 -19.52
N TYR C 249 11.86 -4.52 -20.07
CA TYR C 249 12.06 -3.20 -19.49
C TYR C 249 10.75 -2.47 -19.17
N VAL C 250 9.60 -3.10 -19.37
CA VAL C 250 8.31 -2.53 -18.98
C VAL C 250 7.31 -3.68 -18.97
N GLY C 251 6.50 -3.75 -17.91
CA GLY C 251 5.45 -4.74 -17.78
C GLY C 251 4.24 -4.39 -18.63
N LYS C 252 3.14 -5.10 -18.36
CA LYS C 252 2.00 -4.97 -19.26
C LYS C 252 0.67 -4.89 -18.53
N GLU C 253 0.65 -4.37 -17.30
CA GLU C 253 -0.60 -4.32 -16.54
C GLU C 253 -0.92 -2.89 -16.14
N PRO C 254 -2.20 -2.56 -15.93
CA PRO C 254 -2.53 -1.26 -15.30
C PRO C 254 -2.08 -1.17 -13.86
N SER C 255 -2.41 -0.06 -13.18
CA SER C 255 -1.78 0.25 -11.90
C SER C 255 -2.63 -0.19 -10.69
N GLY C 256 -3.89 0.26 -10.65
CA GLY C 256 -4.66 0.28 -9.42
C GLY C 256 -4.86 1.73 -9.01
N LEU C 257 -6.12 2.15 -8.85
CA LEU C 257 -6.42 3.57 -8.66
C LEU C 257 -5.59 4.17 -7.52
N ARG C 258 -5.18 3.34 -6.56
CA ARG C 258 -4.31 3.77 -5.49
C ARG C 258 -2.89 4.03 -5.97
N PHE C 259 -2.46 3.36 -7.03
CA PHE C 259 -1.07 3.36 -7.46
C PHE C 259 -0.87 4.13 -8.77
N ASN C 260 -1.64 5.21 -8.95
CA ASN C 260 -1.25 6.37 -9.74
C ASN C 260 0.08 6.96 -9.27
N LYS C 261 0.62 6.50 -8.14
CA LYS C 261 1.77 7.10 -7.47
C LYS C 261 3.06 6.33 -7.63
N LEU C 262 3.10 5.03 -7.33
CA LEU C 262 4.32 4.25 -7.47
C LEU C 262 4.88 4.30 -8.88
N PHE C 263 6.19 4.06 -8.99
CA PHE C 263 6.88 4.13 -10.27
C PHE C 263 7.07 2.73 -10.83
N LEU C 264 7.72 1.86 -10.07
CA LEU C 264 7.99 0.51 -10.49
C LEU C 264 7.04 -0.46 -9.80
N ASN C 265 7.17 -1.71 -10.16
CA ASN C 265 6.32 -2.78 -9.70
C ASN C 265 7.21 -3.82 -9.04
N GLU C 266 6.59 -4.93 -8.63
CA GLU C 266 7.25 -5.95 -7.83
C GLU C 266 8.46 -6.55 -8.52
N ASP C 267 8.63 -6.34 -9.83
CA ASP C 267 9.77 -6.84 -10.57
C ASP C 267 10.73 -5.74 -11.02
N ASP C 268 10.68 -4.57 -10.36
CA ASP C 268 11.54 -3.43 -10.65
C ASP C 268 11.47 -3.02 -12.13
N LYS C 269 10.25 -2.94 -12.66
CA LYS C 269 9.92 -2.41 -13.97
C LYS C 269 8.75 -1.46 -13.83
N PRO C 270 8.69 -0.40 -14.62
CA PRO C 270 7.51 0.45 -14.58
C PRO C 270 6.33 -0.36 -15.06
N HIS C 271 5.14 0.05 -14.62
CA HIS C 271 3.95 -0.78 -14.80
C HIS C 271 3.69 -1.06 -16.27
N ASN C 272 2.90 -0.23 -16.91
CA ASN C 272 2.66 -0.32 -18.33
C ASN C 272 3.46 0.78 -19.02
N PRO C 273 3.39 0.92 -20.34
CA PRO C 273 4.08 2.06 -20.95
C PRO C 273 3.19 3.27 -21.21
N MET C 274 2.03 3.35 -20.56
CA MET C 274 1.14 4.49 -20.73
C MET C 274 1.24 5.49 -19.60
N VAL C 275 2.11 5.26 -18.63
CA VAL C 275 2.38 6.21 -17.56
C VAL C 275 3.79 6.74 -17.72
N ASN C 276 3.99 7.96 -17.22
CA ASN C 276 5.27 8.66 -17.39
C ASN C 276 6.46 7.73 -17.10
N ALA C 277 6.34 6.83 -16.12
CA ALA C 277 7.45 5.94 -15.79
C ALA C 277 7.84 5.04 -16.98
N GLY C 278 6.88 4.33 -17.57
CA GLY C 278 7.22 3.44 -18.68
C GLY C 278 7.41 4.13 -20.02
N ALA C 279 6.63 5.20 -20.27
CA ALA C 279 6.87 6.03 -21.45
C ALA C 279 8.34 6.43 -21.51
N ILE C 280 8.86 6.94 -20.40
CA ILE C 280 10.25 7.38 -20.32
C ILE C 280 11.21 6.22 -20.60
N VAL C 281 10.95 5.04 -20.04
CA VAL C 281 11.82 3.90 -20.34
C VAL C 281 11.64 3.44 -21.78
N VAL C 282 10.40 3.48 -22.29
CA VAL C 282 10.19 3.09 -23.69
C VAL C 282 11.04 3.96 -24.61
N THR C 283 10.95 5.28 -24.42
CA THR C 283 11.79 6.23 -25.13
C THR C 283 13.24 5.78 -25.15
N SER C 284 13.70 5.22 -24.06
CA SER C 284 15.08 4.75 -23.94
C SER C 284 15.41 3.55 -24.81
N LEU C 285 14.50 3.06 -25.65
CA LEU C 285 14.76 1.90 -26.50
C LEU C 285 14.63 2.18 -27.99
N ILE C 286 13.98 3.29 -28.39
CA ILE C 286 14.00 3.71 -29.78
C ILE C 286 15.43 3.99 -30.21
N LYS C 287 15.83 3.37 -31.32
CA LYS C 287 17.15 3.51 -31.94
C LYS C 287 18.28 3.71 -30.93
N GLN C 288 18.56 2.69 -30.13
CA GLN C 288 19.65 2.75 -29.17
C GLN C 288 20.98 2.97 -29.87
N GLY C 289 21.79 3.87 -29.30
CA GLY C 289 23.11 4.16 -29.81
C GLY C 289 23.19 5.46 -30.59
N VAL C 290 22.20 5.69 -31.44
CA VAL C 290 22.14 6.92 -32.24
C VAL C 290 21.80 8.10 -31.35
N ASN C 291 22.30 9.29 -31.71
CA ASN C 291 22.07 10.46 -30.87
C ASN C 291 20.68 11.06 -31.09
N ASN C 292 20.34 12.06 -30.26
CA ASN C 292 18.97 12.54 -30.13
C ASN C 292 18.50 13.39 -31.32
N ALA C 293 19.35 13.69 -32.29
CA ALA C 293 18.85 14.42 -33.45
C ALA C 293 18.20 13.46 -34.45
N GLU C 294 18.89 12.36 -34.78
CA GLU C 294 18.31 11.35 -35.65
C GLU C 294 17.10 10.66 -34.99
N LYS C 295 17.19 10.41 -33.68
CA LYS C 295 16.08 9.78 -32.97
C LYS C 295 14.78 10.51 -33.23
N PHE C 296 14.76 11.83 -33.00
CA PHE C 296 13.54 12.60 -33.23
C PHE C 296 13.08 12.51 -34.68
N ASP C 297 13.99 12.74 -35.62
CA ASP C 297 13.64 12.67 -37.03
C ASP C 297 13.29 11.25 -37.44
N TYR C 298 13.66 10.25 -36.65
CA TYR C 298 13.18 8.90 -36.90
C TYR C 298 11.72 8.74 -36.48
N VAL C 299 11.33 9.29 -35.34
CA VAL C 299 9.92 9.21 -34.97
C VAL C 299 9.09 10.26 -35.70
N MET C 300 9.71 11.30 -36.27
CA MET C 300 8.91 12.23 -37.06
C MET C 300 8.61 11.67 -38.44
N GLN C 301 9.58 10.99 -39.06
CA GLN C 301 9.28 10.26 -40.30
C GLN C 301 8.30 9.13 -40.03
N PHE C 302 8.23 8.65 -38.80
CA PHE C 302 7.32 7.54 -38.49
C PHE C 302 5.90 8.04 -38.22
N LEU C 303 5.76 9.24 -37.62
CA LEU C 303 4.43 9.81 -37.45
C LEU C 303 3.86 10.32 -38.77
N ASN C 304 4.70 10.87 -39.65
CA ASN C 304 4.18 11.34 -40.93
C ASN C 304 3.59 10.20 -41.74
N LYS C 305 4.28 9.05 -41.76
CA LYS C 305 3.73 7.86 -42.40
C LYS C 305 2.38 7.49 -41.80
N MET C 306 2.28 7.51 -40.48
CA MET C 306 1.06 7.12 -39.79
C MET C 306 -0.10 8.08 -40.01
N ALA C 307 0.17 9.30 -40.47
CA ALA C 307 -0.88 10.29 -40.67
C ALA C 307 -1.02 10.65 -42.14
N GLY C 308 -0.56 9.78 -43.04
CA GLY C 308 -0.67 9.98 -44.47
C GLY C 308 -0.14 11.34 -44.85
N ASN C 309 0.88 11.79 -44.12
CA ASN C 309 1.63 13.00 -44.38
C ASN C 309 0.81 14.27 -44.22
N GLU C 310 -0.22 14.24 -43.34
CA GLU C 310 -0.89 15.47 -42.95
C GLU C 310 -0.09 16.12 -41.83
N TYR C 311 -0.66 17.14 -41.19
CA TYR C 311 0.16 18.06 -40.41
C TYR C 311 0.66 17.42 -39.11
N VAL C 312 1.92 17.02 -39.07
CA VAL C 312 2.58 16.59 -37.84
C VAL C 312 3.70 17.59 -37.59
N GLY C 313 3.41 18.62 -36.81
CA GLY C 313 4.37 19.67 -36.54
C GLY C 313 5.22 19.45 -35.30
N PHE C 314 5.62 20.57 -34.73
CA PHE C 314 6.45 20.58 -33.53
C PHE C 314 6.45 21.99 -32.95
N SER C 315 5.92 22.14 -31.75
CA SER C 315 5.92 23.44 -31.08
C SER C 315 7.17 23.46 -30.22
N ASN C 316 8.19 24.19 -30.69
CA ASN C 316 9.34 24.42 -29.83
C ASN C 316 8.95 25.23 -28.60
N ALA C 317 7.87 26.02 -28.67
CA ALA C 317 7.48 26.88 -27.55
C ALA C 317 7.16 26.06 -26.31
N THR C 318 6.21 25.14 -26.43
CA THR C 318 5.83 24.34 -25.27
C THR C 318 6.99 23.49 -24.78
N PHE C 319 7.82 22.98 -25.71
CA PHE C 319 8.96 22.18 -25.29
C PHE C 319 9.86 22.94 -24.34
N GLN C 320 10.10 24.23 -24.60
CA GLN C 320 10.95 25.01 -23.71
C GLN C 320 10.31 25.21 -22.34
N SER C 321 9.00 24.98 -22.24
CA SER C 321 8.31 25.03 -20.95
C SER C 321 8.16 23.66 -20.31
N GLU C 322 7.80 22.65 -21.09
CA GLU C 322 7.70 21.29 -20.59
C GLU C 322 9.00 20.81 -19.94
N ARG C 323 10.13 21.38 -20.34
CA ARG C 323 11.45 21.05 -19.82
C ARG C 323 11.83 21.87 -18.59
N GLU C 324 11.10 22.93 -18.27
CA GLU C 324 11.38 23.72 -17.08
C GLU C 324 10.44 23.42 -15.93
N SER C 325 9.24 22.91 -16.21
CA SER C 325 8.29 22.47 -15.20
C SER C 325 8.27 20.95 -15.05
N GLY C 326 9.15 20.25 -15.75
CA GLY C 326 9.17 18.80 -15.70
C GLY C 326 9.87 18.22 -14.50
N ASP C 327 9.66 18.80 -13.31
CA ASP C 327 10.34 18.28 -12.13
C ASP C 327 9.96 16.82 -11.87
N ARG C 328 8.65 16.51 -11.97
CA ARG C 328 8.17 15.14 -11.76
C ARG C 328 8.92 14.14 -12.63
N ASN C 329 9.06 14.47 -13.92
CA ASN C 329 9.73 13.54 -14.83
C ASN C 329 11.21 13.41 -14.48
N PHE C 330 11.81 14.46 -13.93
CA PHE C 330 13.21 14.30 -13.54
C PHE C 330 13.29 13.35 -12.36
N ALA C 331 12.32 13.42 -11.46
CA ALA C 331 12.30 12.48 -10.36
C ALA C 331 12.27 11.05 -10.88
N ILE C 332 11.37 10.79 -11.84
CA ILE C 332 11.23 9.45 -12.38
C ILE C 332 12.56 8.97 -12.99
N GLY C 333 13.20 9.84 -13.77
CA GLY C 333 14.39 9.42 -14.50
C GLY C 333 15.51 8.99 -13.58
N TYR C 334 15.81 9.82 -12.59
CA TYR C 334 16.89 9.46 -11.66
C TYR C 334 16.59 8.14 -10.95
N TYR C 335 15.38 7.98 -10.39
CA TYR C 335 14.99 6.73 -9.75
C TYR C 335 15.18 5.55 -10.70
N LEU C 336 14.85 5.73 -11.97
CA LEU C 336 15.06 4.68 -12.96
C LEU C 336 16.54 4.36 -13.11
N LYS C 337 17.41 5.37 -13.12
CA LYS C 337 18.84 5.09 -13.20
C LYS C 337 19.27 4.29 -11.98
N GLU C 338 18.71 4.61 -10.81
CA GLU C 338 19.09 3.92 -9.58
C GLU C 338 18.87 2.42 -9.70
N LYS C 339 17.69 2.02 -10.16
CA LYS C 339 17.30 0.61 -10.18
C LYS C 339 17.75 -0.11 -11.46
N LYS C 340 18.72 0.46 -12.20
CA LYS C 340 19.28 -0.08 -13.46
C LYS C 340 18.18 -0.67 -14.35
N CYS C 341 17.17 0.18 -14.60
CA CYS C 341 16.01 -0.19 -15.41
C CYS C 341 16.14 0.21 -16.87
N PHE C 342 17.00 1.18 -17.22
CA PHE C 342 17.40 1.49 -18.59
C PHE C 342 18.33 0.39 -19.11
N PRO C 343 18.54 0.32 -20.42
CA PRO C 343 19.50 -0.66 -20.97
C PRO C 343 20.90 -0.12 -20.79
N GLU C 344 21.88 -0.94 -21.14
CA GLU C 344 23.28 -0.56 -21.02
C GLU C 344 23.54 0.77 -21.74
N GLY C 345 24.29 1.65 -21.07
CA GLY C 345 24.77 2.86 -21.72
C GLY C 345 23.71 3.87 -22.11
N THR C 346 22.70 4.08 -21.26
CA THR C 346 21.68 5.08 -21.50
C THR C 346 22.07 6.40 -20.81
N ASP C 347 22.04 7.47 -21.56
CA ASP C 347 22.28 8.81 -21.00
C ASP C 347 20.95 9.32 -20.48
N MET C 348 20.64 8.99 -19.23
CA MET C 348 19.38 9.30 -18.59
C MET C 348 18.86 10.71 -18.91
N VAL C 349 19.75 11.66 -19.13
CA VAL C 349 19.31 13.06 -19.21
C VAL C 349 18.97 13.46 -20.64
N GLY C 350 19.71 12.93 -21.62
CA GLY C 350 19.31 13.12 -22.99
C GLY C 350 18.01 12.41 -23.32
N ILE C 351 17.77 11.26 -22.67
CA ILE C 351 16.53 10.51 -22.87
C ILE C 351 15.33 11.33 -22.40
N LEU C 352 15.47 12.03 -21.27
CA LEU C 352 14.41 12.92 -20.81
C LEU C 352 14.20 14.08 -21.77
N ASP C 353 15.29 14.60 -22.35
CA ASP C 353 15.14 15.69 -23.30
C ASP C 353 14.33 15.23 -24.51
N PHE C 354 14.72 14.07 -25.06
CA PHE C 354 13.95 13.39 -26.10
C PHE C 354 12.46 13.30 -25.74
N TYR C 355 12.14 12.71 -24.58
CA TYR C 355 10.77 12.59 -24.11
C TYR C 355 10.00 13.91 -24.22
N PHE C 356 10.51 14.98 -23.59
CA PHE C 356 9.76 16.24 -23.62
C PHE C 356 9.54 16.72 -25.06
N GLN C 357 10.49 16.42 -25.96
CA GLN C 357 10.29 16.72 -27.38
C GLN C 357 9.11 15.94 -27.91
N LEU C 358 9.10 14.63 -27.67
CA LEU C 358 8.01 13.77 -28.10
C LEU C 358 6.66 14.30 -27.64
N CYS C 359 6.61 15.00 -26.50
CA CYS C 359 5.33 15.52 -26.05
C CYS C 359 4.95 16.80 -26.78
N SER C 360 5.94 17.55 -27.26
CA SER C 360 5.68 18.85 -27.88
C SER C 360 5.20 18.76 -29.33
N ILE C 361 5.14 17.55 -29.91
CA ILE C 361 4.75 17.37 -31.31
C ILE C 361 3.32 17.86 -31.55
N GLU C 362 3.12 18.55 -32.67
CA GLU C 362 1.86 19.21 -32.99
C GLU C 362 1.06 18.45 -34.04
N VAL C 363 -0.27 18.60 -33.95
CA VAL C 363 -1.22 17.98 -34.86
C VAL C 363 -2.48 18.85 -34.86
N THR C 364 -3.37 18.64 -35.84
CA THR C 364 -4.75 19.10 -35.78
C THR C 364 -5.67 17.91 -35.55
N CYS C 365 -6.92 18.24 -35.19
CA CYS C 365 -7.96 17.20 -35.10
C CYS C 365 -7.90 16.33 -36.33
N GLU C 366 -7.79 16.96 -37.51
CA GLU C 366 -7.76 16.22 -38.76
C GLU C 366 -6.45 15.47 -38.95
N SER C 367 -5.33 16.09 -38.60
CA SER C 367 -4.06 15.39 -38.75
C SER C 367 -4.00 14.13 -37.89
N ALA C 368 -4.52 14.20 -36.66
CA ALA C 368 -4.40 13.12 -35.69
C ALA C 368 -5.44 12.04 -35.89
N SER C 369 -6.63 12.41 -36.36
CA SER C 369 -7.68 11.45 -36.66
C SER C 369 -7.26 10.42 -37.71
N VAL C 370 -6.15 10.66 -38.43
CA VAL C 370 -5.64 9.69 -39.40
C VAL C 370 -4.62 8.75 -38.75
N MET C 371 -3.94 9.19 -37.68
CA MET C 371 -3.14 8.27 -36.89
C MET C 371 -4.03 7.29 -36.14
N ALA C 372 -5.13 7.78 -35.57
CA ALA C 372 -6.09 6.90 -34.90
C ALA C 372 -6.56 5.80 -35.85
N ALA C 373 -6.83 6.18 -37.09
CA ALA C 373 -7.31 5.23 -38.07
C ALA C 373 -6.24 4.20 -38.45
N THR C 374 -4.97 4.62 -38.54
CA THR C 374 -3.87 3.69 -38.83
C THR C 374 -3.79 2.53 -37.83
N LEU C 375 -4.21 2.75 -36.58
CA LEU C 375 -4.22 1.67 -35.60
C LEU C 375 -5.54 0.89 -35.63
N ALA C 376 -6.63 1.55 -35.97
CA ALA C 376 -7.85 0.83 -36.32
C ALA C 376 -7.64 -0.12 -37.50
N ASN C 377 -6.58 0.06 -38.28
CA ASN C 377 -6.40 -0.67 -39.54
C ASN C 377 -5.18 -1.59 -39.52
N GLY C 378 -4.93 -2.27 -38.39
CA GLY C 378 -3.88 -3.29 -38.33
C GLY C 378 -2.51 -2.82 -38.79
N GLY C 379 -2.27 -1.52 -38.66
CA GLY C 379 -0.99 -0.92 -38.99
C GLY C 379 -0.85 -0.33 -40.38
N PHE C 380 -1.93 -0.16 -41.12
CA PHE C 380 -1.89 0.32 -42.49
C PHE C 380 -2.58 1.68 -42.57
N CYS C 381 -1.89 2.69 -43.09
CA CYS C 381 -2.50 4.02 -43.17
C CYS C 381 -3.69 4.00 -44.12
N PRO C 382 -4.90 4.32 -43.66
CA PRO C 382 -6.07 4.28 -44.55
C PRO C 382 -5.98 5.19 -45.76
N ILE C 383 -5.50 6.42 -45.61
CA ILE C 383 -5.53 7.31 -46.76
C ILE C 383 -4.26 7.21 -47.61
N THR C 384 -3.53 6.10 -47.50
CA THR C 384 -2.39 5.89 -48.40
C THR C 384 -2.26 4.42 -48.78
N GLY C 385 -2.29 3.53 -47.78
CA GLY C 385 -2.18 2.11 -48.00
C GLY C 385 -0.83 1.50 -47.75
N GLU C 386 0.07 2.18 -47.05
CA GLU C 386 1.35 1.56 -46.76
C GLU C 386 1.32 0.87 -45.40
N ARG C 387 2.23 -0.09 -45.21
CA ARG C 387 2.29 -0.90 -44.00
C ARG C 387 3.24 -0.24 -43.01
N VAL C 388 2.69 0.60 -42.13
CA VAL C 388 3.48 1.36 -41.17
C VAL C 388 3.93 0.51 -39.98
N LEU C 389 3.07 -0.38 -39.47
CA LEU C 389 3.34 -1.08 -38.22
C LEU C 389 3.09 -2.58 -38.35
N SER C 390 4.04 -3.39 -37.82
CA SER C 390 3.83 -4.82 -37.64
C SER C 390 2.54 -5.01 -36.86
N PRO C 391 1.84 -6.13 -37.04
CA PRO C 391 0.54 -6.27 -36.35
C PRO C 391 0.70 -6.59 -34.88
N GLU C 392 1.70 -7.41 -34.55
CA GLU C 392 2.27 -7.56 -33.23
C GLU C 392 2.36 -6.20 -32.51
N ALA C 393 2.77 -5.16 -33.23
CA ALA C 393 2.97 -3.85 -32.62
C ALA C 393 1.66 -3.10 -32.37
N VAL C 394 0.67 -3.24 -33.25
CA VAL C 394 -0.56 -2.46 -33.05
C VAL C 394 -1.56 -3.21 -32.17
N ARG C 395 -1.40 -4.53 -32.02
CA ARG C 395 -2.27 -5.23 -31.08
C ARG C 395 -1.90 -4.87 -29.65
N ASN C 396 -0.60 -4.96 -29.32
CA ASN C 396 -0.17 -4.59 -27.98
C ASN C 396 -0.56 -3.15 -27.66
N THR C 397 -0.31 -2.21 -28.58
CA THR C 397 -0.67 -0.82 -28.31
C THR C 397 -2.15 -0.69 -27.99
N LEU C 398 -3.01 -1.36 -28.76
CA LEU C 398 -4.45 -1.19 -28.54
C LEU C 398 -4.88 -1.84 -27.23
N SER C 399 -4.29 -3.00 -26.87
CA SER C 399 -4.48 -3.59 -25.54
C SER C 399 -4.26 -2.59 -24.44
N LEU C 400 -3.11 -1.89 -24.46
CA LEU C 400 -2.73 -1.06 -23.33
C LEU C 400 -3.50 0.27 -23.30
N MET C 401 -3.87 0.83 -24.45
CA MET C 401 -4.76 2.00 -24.40
C MET C 401 -6.11 1.64 -23.82
N HIS C 402 -6.59 0.42 -24.06
CA HIS C 402 -7.87 -0.02 -23.53
C HIS C 402 -7.89 0.19 -22.02
N SER C 403 -6.90 -0.39 -21.34
CA SER C 403 -6.88 -0.45 -19.89
C SER C 403 -6.07 0.67 -19.23
N CYS C 404 -4.88 0.97 -19.73
CA CYS C 404 -4.08 2.05 -19.16
C CYS C 404 -4.29 3.37 -19.92
N GLY C 405 -5.52 3.71 -20.29
CA GLY C 405 -5.69 4.73 -21.29
C GLY C 405 -5.95 6.15 -20.84
N MET C 406 -6.84 6.31 -19.87
CA MET C 406 -7.30 7.65 -19.55
C MET C 406 -7.03 7.98 -18.09
N TYR C 407 -5.79 7.71 -17.66
CA TYR C 407 -5.36 8.00 -16.29
C TYR C 407 -6.29 7.24 -15.34
N ASP C 408 -6.84 7.87 -14.31
CA ASP C 408 -7.60 7.13 -13.32
C ASP C 408 -9.04 6.82 -13.76
N PHE C 409 -9.51 7.49 -14.81
CA PHE C 409 -10.81 7.21 -15.41
C PHE C 409 -10.76 6.06 -16.38
N SER C 410 -9.59 5.45 -16.58
CA SER C 410 -9.45 4.47 -17.67
C SER C 410 -10.31 3.24 -17.40
N GLY C 411 -10.32 2.76 -16.16
CA GLY C 411 -11.18 1.64 -15.85
C GLY C 411 -12.64 1.98 -16.03
N GLN C 412 -13.03 3.20 -15.64
CA GLN C 412 -14.44 3.56 -15.79
C GLN C 412 -14.77 3.85 -17.23
N PHE C 413 -13.79 4.38 -17.94
CA PHE C 413 -13.92 4.60 -19.37
C PHE C 413 -13.99 3.28 -20.10
N ALA C 414 -13.10 2.34 -19.78
CA ALA C 414 -13.11 1.04 -20.43
C ALA C 414 -14.38 0.25 -20.11
N PHE C 415 -15.14 0.69 -19.11
CA PHE C 415 -16.43 0.11 -18.81
C PHE C 415 -17.54 0.74 -19.64
N HIS C 416 -17.76 2.05 -19.49
CA HIS C 416 -18.88 2.71 -20.14
C HIS C 416 -18.64 3.01 -21.62
N VAL C 417 -17.38 3.17 -22.02
CA VAL C 417 -17.05 3.41 -23.41
C VAL C 417 -16.32 2.22 -24.03
N GLY C 418 -15.50 1.53 -23.26
CA GLY C 418 -14.77 0.38 -23.77
C GLY C 418 -14.22 0.54 -25.16
N LEU C 419 -13.53 1.65 -25.45
CA LEU C 419 -12.85 1.88 -26.72
C LEU C 419 -11.41 2.24 -26.42
N PRO C 420 -10.43 1.62 -27.07
CA PRO C 420 -9.03 2.02 -26.82
C PRO C 420 -8.89 3.51 -27.10
N ALA C 421 -8.43 4.24 -26.11
CA ALA C 421 -8.32 5.68 -26.24
C ALA C 421 -7.16 6.15 -25.38
N LYS C 422 -6.60 7.30 -25.74
CA LYS C 422 -5.54 7.94 -24.99
C LYS C 422 -5.86 9.42 -24.88
N SER C 423 -5.75 9.96 -23.68
CA SER C 423 -5.96 11.39 -23.46
C SER C 423 -4.64 12.06 -23.10
N GLY C 424 -4.61 13.38 -23.28
CA GLY C 424 -3.46 14.18 -22.92
C GLY C 424 -3.92 15.51 -22.35
N VAL C 425 -2.93 16.32 -21.91
CA VAL C 425 -3.27 17.53 -21.18
C VAL C 425 -3.73 18.69 -22.06
N ALA C 426 -3.57 18.58 -23.39
CA ALA C 426 -3.89 19.65 -24.33
C ALA C 426 -5.39 19.78 -24.63
N GLY C 427 -6.22 18.85 -24.22
CA GLY C 427 -7.60 18.83 -24.63
C GLY C 427 -7.95 17.73 -25.60
N GLY C 428 -7.08 16.74 -25.76
CA GLY C 428 -7.21 15.75 -26.81
C GLY C 428 -7.53 14.37 -26.28
N ILE C 429 -8.30 13.61 -27.07
CA ILE C 429 -8.56 12.20 -26.85
C ILE C 429 -8.35 11.49 -28.18
N LEU C 430 -7.41 10.56 -28.21
CA LEU C 430 -7.09 9.82 -29.42
C LEU C 430 -7.93 8.57 -29.38
N LEU C 431 -8.98 8.54 -30.17
CA LEU C 431 -9.97 7.48 -30.17
C LEU C 431 -9.70 6.50 -31.30
N VAL C 432 -9.73 5.22 -30.99
CA VAL C 432 -9.68 4.19 -32.02
C VAL C 432 -10.92 3.31 -31.89
N VAL C 433 -11.57 3.05 -33.01
CA VAL C 433 -12.66 2.05 -33.08
C VAL C 433 -12.19 0.93 -33.98
N PRO C 434 -11.56 -0.11 -33.44
CA PRO C 434 -10.94 -1.14 -34.26
C PRO C 434 -11.79 -1.62 -35.43
N ASN C 435 -11.18 -1.69 -36.62
CA ASN C 435 -11.81 -2.10 -37.86
C ASN C 435 -12.88 -1.13 -38.36
N VAL C 436 -13.09 0.00 -37.69
CA VAL C 436 -14.05 0.97 -38.22
C VAL C 436 -13.33 2.26 -38.56
N MET C 437 -12.97 3.03 -37.56
CA MET C 437 -12.45 4.36 -37.84
C MET C 437 -11.48 4.77 -36.74
N GLY C 438 -10.99 6.00 -36.86
CA GLY C 438 -10.23 6.67 -35.82
C GLY C 438 -10.69 8.10 -35.70
N MET C 439 -10.37 8.71 -34.56
CA MET C 439 -10.91 10.03 -34.28
C MET C 439 -9.97 10.81 -33.39
N MET C 440 -10.20 12.11 -33.34
CA MET C 440 -9.56 13.00 -32.39
C MET C 440 -10.60 14.02 -31.94
N CYS C 441 -10.79 14.12 -30.63
CA CYS C 441 -11.56 15.22 -30.07
C CYS C 441 -10.66 16.27 -29.42
N TRP C 442 -11.22 17.48 -29.29
CA TRP C 442 -10.47 18.59 -28.77
C TRP C 442 -11.40 19.65 -28.20
N SER C 443 -11.43 19.75 -26.87
CA SER C 443 -11.79 20.96 -26.15
C SER C 443 -10.67 21.12 -25.14
N PRO C 444 -10.04 22.28 -25.04
CA PRO C 444 -8.92 22.43 -24.12
C PRO C 444 -9.34 22.30 -22.66
N PRO C 445 -10.59 22.75 -22.25
CA PRO C 445 -10.98 22.57 -20.84
C PRO C 445 -11.04 21.10 -20.40
N LEU C 446 -10.09 20.70 -19.53
CA LEU C 446 -10.11 19.39 -18.90
C LEU C 446 -10.98 19.42 -17.65
N ASP C 447 -11.33 18.24 -17.15
CA ASP C 447 -12.05 18.18 -15.88
C ASP C 447 -11.04 18.07 -14.74
N LYS C 448 -11.43 17.43 -13.65
CA LYS C 448 -10.54 17.31 -12.51
C LYS C 448 -9.67 16.06 -12.56
N MET C 449 -9.61 15.40 -13.71
CA MET C 449 -8.79 14.21 -13.86
C MET C 449 -7.90 14.26 -15.09
N GLY C 450 -7.79 15.40 -15.74
CA GLY C 450 -6.85 15.59 -16.82
C GLY C 450 -7.38 15.31 -18.20
N ASN C 451 -8.71 15.10 -18.33
CA ASN C 451 -9.38 14.67 -19.55
C ASN C 451 -10.36 15.73 -20.01
N SER C 452 -10.43 15.93 -21.33
CA SER C 452 -11.18 17.04 -21.89
C SER C 452 -12.67 16.87 -21.64
N VAL C 453 -13.32 17.93 -21.15
CA VAL C 453 -14.72 17.84 -20.73
C VAL C 453 -15.62 17.53 -21.93
N LYS C 454 -15.65 18.45 -22.91
CA LYS C 454 -16.49 18.23 -24.09
C LYS C 454 -16.11 16.94 -24.81
N GLY C 455 -14.83 16.57 -24.76
CA GLY C 455 -14.40 15.30 -25.29
C GLY C 455 -15.09 14.13 -24.60
N ILE C 456 -14.95 14.06 -23.28
CA ILE C 456 -15.50 12.94 -22.53
C ILE C 456 -17.00 12.82 -22.75
N HIS C 457 -17.73 13.94 -22.74
CA HIS C 457 -19.18 13.91 -22.95
C HIS C 457 -19.52 13.27 -24.30
N PHE C 458 -18.82 13.70 -25.35
CA PHE C 458 -19.10 13.24 -26.71
C PHE C 458 -18.97 11.72 -26.82
N CYS C 459 -17.92 11.12 -26.25
CA CYS C 459 -17.72 9.67 -26.41
C CYS C 459 -18.81 8.84 -25.75
N HIS C 460 -19.30 9.27 -24.58
CA HIS C 460 -20.47 8.59 -24.03
C HIS C 460 -21.64 8.64 -25.02
N ASP C 461 -22.05 9.85 -25.43
CA ASP C 461 -23.09 10.04 -26.43
C ASP C 461 -22.90 9.10 -27.62
N LEU C 462 -21.66 8.88 -28.04
CA LEU C 462 -21.43 8.15 -29.28
C LEU C 462 -21.62 6.65 -29.10
N VAL C 463 -21.27 6.10 -27.93
CA VAL C 463 -21.52 4.67 -27.73
C VAL C 463 -22.94 4.41 -27.23
N SER C 464 -23.54 5.38 -26.54
CA SER C 464 -24.97 5.31 -26.33
C SER C 464 -25.70 5.31 -27.67
N LEU C 465 -25.17 6.06 -28.64
CA LEU C 465 -25.83 6.12 -29.95
C LEU C 465 -25.57 4.86 -30.78
N CYS C 466 -24.32 4.43 -30.88
CA CYS C 466 -23.91 3.42 -31.82
C CYS C 466 -23.30 2.21 -31.11
N ASN C 467 -23.34 1.06 -31.78
CA ASN C 467 -22.88 -0.19 -31.16
C ASN C 467 -21.37 -0.38 -31.23
N PHE C 468 -20.59 0.64 -30.90
CA PHE C 468 -19.14 0.57 -31.14
C PHE C 468 -18.35 0.04 -29.97
N HIS C 469 -18.86 0.18 -28.74
CA HIS C 469 -18.34 -0.43 -27.52
C HIS C 469 -17.66 -1.78 -27.80
N ASN C 470 -16.49 -1.98 -27.19
CA ASN C 470 -15.69 -3.20 -27.38
C ASN C 470 -16.52 -4.49 -27.27
N TYR C 471 -17.38 -4.58 -26.28
CA TYR C 471 -18.15 -5.79 -26.05
C TYR C 471 -19.64 -5.58 -26.34
N ASP C 472 -19.96 -4.56 -27.11
CA ASP C 472 -21.26 -4.56 -27.77
C ASP C 472 -21.26 -5.74 -28.74
N ASN C 473 -22.44 -6.32 -28.93
CA ASN C 473 -22.60 -7.44 -29.85
C ASN C 473 -22.95 -6.87 -31.21
N LEU C 474 -22.44 -7.51 -32.28
CA LEU C 474 -22.61 -7.03 -33.65
C LEU C 474 -23.89 -7.54 -34.33
N ARG C 475 -24.63 -8.43 -33.67
CA ARG C 475 -25.87 -9.00 -34.18
C ARG C 475 -27.09 -8.48 -33.44
N HIS C 476 -27.08 -8.54 -32.11
CA HIS C 476 -28.14 -7.99 -31.27
C HIS C 476 -27.52 -6.88 -30.41
N PHE C 477 -27.99 -5.66 -30.63
CA PHE C 477 -27.47 -4.48 -29.94
C PHE C 477 -28.59 -3.56 -29.51
N ALA C 478 -29.79 -4.13 -29.29
CA ALA C 478 -30.95 -3.43 -28.73
C ALA C 478 -31.23 -2.17 -29.55
N LYS C 479 -31.42 -1.01 -28.93
CA LYS C 479 -31.96 0.18 -29.59
C LYS C 479 -30.88 1.14 -30.10
N LYS C 480 -29.61 0.71 -30.14
CA LYS C 480 -28.55 1.53 -30.72
C LYS C 480 -28.55 1.42 -32.25
N LEU C 481 -27.75 2.28 -32.87
CA LEU C 481 -27.59 2.36 -34.31
C LEU C 481 -26.30 1.66 -34.73
N ASP C 482 -26.36 0.91 -35.84
CA ASP C 482 -25.15 0.32 -36.41
C ASP C 482 -24.88 0.99 -37.75
N PRO C 483 -23.72 1.60 -37.95
CA PRO C 483 -23.40 2.23 -39.23
C PRO C 483 -22.71 1.35 -40.25
N ARG C 484 -22.30 0.13 -39.88
CA ARG C 484 -21.79 -0.82 -40.86
C ARG C 484 -22.89 -1.57 -41.60
N ARG C 485 -24.15 -1.38 -41.22
CA ARG C 485 -25.30 -1.93 -41.91
C ARG C 485 -26.10 -0.82 -42.59
N GLU C 486 -26.71 -1.15 -43.74
CA GLU C 486 -27.50 -0.18 -44.49
C GLU C 486 -28.92 -0.07 -43.93
N GLY C 487 -29.69 0.86 -44.50
CA GLY C 487 -31.07 1.04 -44.14
C GLY C 487 -31.35 2.38 -43.47
N PRO D 78 36.39 24.03 58.01
CA PRO D 78 36.29 24.18 56.56
C PRO D 78 37.66 24.08 55.84
N SER D 79 37.77 23.31 54.76
CA SER D 79 39.05 23.04 54.10
C SER D 79 38.93 22.04 52.95
N LEU D 80 38.32 22.47 51.85
CA LEU D 80 37.84 21.54 50.82
C LEU D 80 38.97 20.91 49.99
N GLU D 81 39.96 21.71 49.57
CA GLU D 81 41.01 21.20 48.69
C GLU D 81 41.94 20.22 49.39
N ASP D 82 42.18 20.44 50.69
CA ASP D 82 43.06 19.59 51.48
C ASP D 82 42.36 18.33 51.99
N LEU D 83 41.02 18.32 52.01
CA LEU D 83 40.32 17.07 52.27
C LEU D 83 40.56 16.02 51.19
N LEU D 84 40.91 16.44 49.98
CA LEU D 84 41.29 15.47 48.96
C LEU D 84 42.78 15.14 49.01
N PHE D 85 43.61 16.00 49.61
CA PHE D 85 45.00 15.60 49.78
C PHE D 85 45.11 14.39 50.70
N TYR D 86 44.44 14.43 51.84
CA TYR D 86 44.49 13.29 52.75
C TYR D 86 43.85 12.07 52.08
N THR D 87 42.79 12.28 51.30
CA THR D 87 42.14 11.17 50.62
C THR D 87 43.09 10.45 49.67
N ILE D 88 44.00 11.18 49.01
CA ILE D 88 45.00 10.54 48.14
C ILE D 88 46.28 10.20 48.91
N ALA D 89 46.66 11.00 49.90
CA ALA D 89 47.85 10.75 50.72
C ALA D 89 47.41 10.07 52.01
N GLU D 90 47.45 8.74 51.99
CA GLU D 90 47.11 7.87 53.11
C GLU D 90 47.61 8.43 54.45
N GLY D 91 46.94 9.46 54.97
CA GLY D 91 47.36 10.19 56.16
C GLY D 91 48.87 10.44 56.26
N GLN D 92 49.45 10.80 55.13
CA GLN D 92 50.84 10.57 54.84
C GLN D 92 51.57 11.88 54.61
N GLU D 93 52.90 11.80 54.62
CA GLU D 93 53.81 12.91 54.32
C GLU D 93 53.38 13.65 53.05
N LYS D 94 53.80 13.12 51.90
CA LYS D 94 53.52 13.67 50.58
C LYS D 94 53.11 12.54 49.63
N ILE D 95 52.64 12.90 48.44
CA ILE D 95 52.35 11.89 47.43
C ILE D 95 53.18 12.15 46.18
N PRO D 96 53.72 11.11 45.54
CA PRO D 96 54.21 11.27 44.18
C PRO D 96 53.07 11.73 43.26
N VAL D 97 53.42 12.19 42.07
CA VAL D 97 52.37 12.65 41.16
C VAL D 97 51.80 11.51 40.31
N HIS D 98 52.62 10.51 39.99
CA HIS D 98 52.08 9.32 39.34
C HIS D 98 50.99 8.68 40.19
N LYS D 99 51.15 8.72 41.52
CA LYS D 99 50.14 8.18 42.42
C LYS D 99 48.87 9.03 42.41
N PHE D 100 48.99 10.34 42.13
CA PHE D 100 47.81 11.14 41.84
C PHE D 100 47.34 10.91 40.41
N ILE D 101 48.26 10.63 39.49
CA ILE D 101 47.87 10.48 38.08
C ILE D 101 47.09 9.19 37.88
N THR D 102 47.58 8.08 38.43
CA THR D 102 46.82 6.85 38.31
C THR D 102 45.56 6.88 39.18
N ALA D 103 45.59 7.59 40.31
CA ALA D 103 44.36 7.81 41.06
C ALA D 103 43.44 8.81 40.39
N LEU D 104 43.90 9.50 39.35
CA LEU D 104 43.00 10.26 38.48
C LEU D 104 42.68 9.53 37.19
N LYS D 105 43.64 8.78 36.63
CA LYS D 105 43.32 7.99 35.44
C LYS D 105 42.30 6.91 35.76
N SER D 106 42.26 6.45 37.01
CA SER D 106 41.32 5.41 37.40
C SER D 106 39.92 5.96 37.68
N THR D 107 39.79 7.26 37.96
CA THR D 107 38.47 7.83 38.14
C THR D 107 37.68 7.88 36.84
N GLY D 108 38.25 7.33 35.77
CA GLY D 108 37.63 7.42 34.47
C GLY D 108 38.25 8.55 33.70
N LEU D 109 38.24 9.74 34.30
CA LEU D 109 38.73 10.94 33.63
C LEU D 109 40.11 10.67 33.02
N ARG D 110 40.44 11.42 32.00
CA ARG D 110 41.81 11.35 31.51
C ARG D 110 42.44 12.74 31.64
N THR D 111 43.77 12.73 31.79
CA THR D 111 44.60 13.93 31.98
C THR D 111 44.30 15.05 30.97
N SER D 112 43.44 14.79 29.99
CA SER D 112 43.22 15.70 28.86
C SER D 112 41.93 16.48 28.98
N ASP D 113 41.14 16.25 30.03
CA ASP D 113 39.82 16.85 30.15
C ASP D 113 39.92 18.37 30.09
N PRO D 114 39.14 19.04 29.22
CA PRO D 114 39.21 20.51 29.17
C PRO D 114 38.94 21.19 30.50
N ARG D 115 37.89 20.76 31.22
CA ARG D 115 37.56 21.35 32.51
C ARG D 115 38.69 21.20 33.53
N LEU D 116 39.66 20.33 33.22
CA LEU D 116 40.83 20.04 34.04
C LEU D 116 42.08 20.79 33.59
N LYS D 117 41.95 21.76 32.67
CA LYS D 117 43.13 22.31 32.02
C LYS D 117 44.01 23.07 33.00
N GLU D 118 43.41 23.97 33.78
CA GLU D 118 44.19 24.72 34.77
C GLU D 118 45.03 23.77 35.61
N CYS D 119 44.37 22.92 36.40
CA CYS D 119 45.10 22.01 37.28
C CYS D 119 46.19 21.26 36.53
N MET D 120 45.89 20.78 35.33
CA MET D 120 46.90 20.05 34.59
C MET D 120 48.02 20.95 34.13
N ASP D 121 47.72 22.23 33.87
CA ASP D 121 48.78 23.15 33.51
C ASP D 121 49.74 23.34 34.66
N MET D 122 49.21 23.54 35.87
CA MET D 122 50.06 23.84 37.01
C MET D 122 50.86 22.62 37.45
N LEU D 123 50.60 21.45 36.91
CA LEU D 123 51.45 20.29 37.16
C LEU D 123 52.59 20.20 36.17
N ARG D 124 52.34 20.59 34.93
CA ARG D 124 53.40 20.80 33.96
C ARG D 124 54.40 21.85 34.45
N LEU D 125 53.93 22.77 35.31
CA LEU D 125 54.75 23.82 35.89
C LEU D 125 55.61 23.29 37.03
N THR D 126 54.97 22.82 38.10
CA THR D 126 55.73 22.43 39.29
C THR D 126 56.49 21.12 39.11
N LEU D 127 56.27 20.40 38.01
CA LEU D 127 57.18 19.30 37.72
C LEU D 127 58.55 19.82 37.31
N GLN D 128 58.57 20.94 36.56
CA GLN D 128 59.81 21.60 36.17
C GLN D 128 60.44 22.40 37.32
N THR D 129 59.77 22.49 38.48
CA THR D 129 60.33 23.18 39.64
C THR D 129 61.66 22.56 40.05
N THR D 130 61.76 21.24 39.99
CA THR D 130 63.03 20.59 40.28
C THR D 130 63.41 19.73 39.08
N SER D 131 64.21 18.68 39.31
CA SER D 131 64.20 17.46 38.53
C SER D 131 63.91 16.28 39.46
N ASP D 132 63.24 16.60 40.56
CA ASP D 132 62.93 15.68 41.65
C ASP D 132 61.85 14.66 41.27
N GLY D 133 61.05 14.26 42.27
CA GLY D 133 59.90 13.40 42.11
C GLY D 133 59.00 13.74 40.94
N VAL D 134 58.23 14.82 40.99
CA VAL D 134 58.11 15.72 42.13
C VAL D 134 57.26 15.02 43.24
N MET D 135 57.14 15.64 44.44
CA MET D 135 56.21 15.21 45.49
C MET D 135 55.52 16.44 46.06
N LEU D 136 54.22 16.34 46.30
CA LEU D 136 53.36 17.49 46.56
C LEU D 136 53.09 17.73 48.04
N ASP D 137 53.21 18.99 48.46
CA ASP D 137 52.81 19.42 49.80
C ASP D 137 51.28 19.43 49.89
N LYS D 138 50.75 19.88 51.02
CA LYS D 138 49.32 20.13 51.08
C LYS D 138 48.97 21.51 50.52
N ASP D 139 49.95 22.42 50.44
CA ASP D 139 49.77 23.72 49.79
C ASP D 139 50.16 23.71 48.33
N LEU D 140 51.20 22.95 47.95
CA LEU D 140 51.56 22.83 46.55
C LEU D 140 50.48 22.08 45.77
N PHE D 141 50.01 20.95 46.32
CA PHE D 141 48.82 20.28 45.79
C PHE D 141 47.68 21.28 45.64
N LYS D 142 47.18 21.79 46.77
CA LYS D 142 46.07 22.74 46.76
C LYS D 142 46.22 23.85 45.71
N LYS D 143 47.46 24.18 45.31
CA LYS D 143 47.62 25.27 44.36
C LYS D 143 47.25 24.86 42.94
N CYS D 144 47.35 23.58 42.61
CA CYS D 144 47.00 23.11 41.29
C CYS D 144 45.52 22.74 41.21
N VAL D 145 45.02 22.04 42.23
CA VAL D 145 43.64 21.55 42.26
C VAL D 145 42.65 22.60 42.73
N GLN D 146 43.12 23.78 43.18
CA GLN D 146 42.17 24.83 43.56
C GLN D 146 41.22 25.13 42.41
N SER D 147 41.77 25.19 41.20
CA SER D 147 41.01 25.61 40.02
C SER D 147 39.80 24.71 39.78
N ASN D 148 40.03 23.41 39.61
CA ASN D 148 38.99 22.45 39.28
C ASN D 148 38.58 21.59 40.47
N ILE D 149 38.60 22.15 41.68
CA ILE D 149 38.43 21.33 42.88
C ILE D 149 37.06 20.67 42.89
N VAL D 150 36.05 21.36 42.38
CA VAL D 150 34.69 20.86 42.48
C VAL D 150 34.54 19.55 41.70
N LEU D 151 34.88 19.53 40.40
CA LEU D 151 34.74 18.24 39.74
C LEU D 151 35.86 17.28 40.10
N LEU D 152 36.81 17.69 40.93
CA LEU D 152 37.86 16.77 41.36
C LEU D 152 37.44 15.95 42.56
N THR D 153 36.74 16.60 43.50
CA THR D 153 36.24 15.88 44.67
C THR D 153 35.26 14.79 44.25
N GLN D 154 34.24 15.17 43.47
CA GLN D 154 33.22 14.20 43.09
C GLN D 154 33.80 13.04 42.28
N ALA D 155 34.97 13.24 41.68
CA ALA D 155 35.67 12.13 41.02
C ALA D 155 36.21 11.14 42.05
N PHE D 156 36.85 11.63 43.12
CA PHE D 156 37.45 10.80 44.15
C PHE D 156 36.50 10.49 45.30
N ARG D 157 35.39 11.23 45.42
CA ARG D 157 34.25 10.87 46.26
C ARG D 157 33.17 10.12 45.47
N ARG D 158 33.52 9.65 44.27
CA ARG D 158 32.70 8.74 43.48
C ARG D 158 31.26 9.25 43.33
N LYS D 159 31.11 10.55 43.09
CA LYS D 159 29.78 11.11 42.81
C LYS D 159 29.43 11.05 41.32
N PHE D 160 30.25 10.39 40.50
CA PHE D 160 30.01 10.25 39.07
C PHE D 160 28.91 9.22 38.81
N VAL D 161 28.19 9.39 37.68
CA VAL D 161 27.05 8.51 37.39
C VAL D 161 27.47 7.06 37.29
N ILE D 162 28.74 6.80 36.96
CA ILE D 162 29.29 5.49 37.26
C ILE D 162 30.36 5.68 38.33
N PRO D 163 30.05 5.34 39.60
CA PRO D 163 31.08 5.31 40.64
C PRO D 163 32.25 4.38 40.35
N ASP D 164 32.01 3.06 40.25
CA ASP D 164 33.14 2.16 39.95
C ASP D 164 33.29 2.05 38.44
N PHE D 165 34.03 3.00 37.87
CA PHE D 165 34.35 2.96 36.46
C PHE D 165 35.39 1.91 36.12
N MET D 166 36.17 1.43 37.09
CA MET D 166 37.31 0.60 36.73
C MET D 166 36.89 -0.82 36.35
N SER D 167 35.90 -1.38 37.06
CA SER D 167 35.43 -2.72 36.71
C SER D 167 34.55 -2.69 35.46
N PHE D 168 33.63 -1.72 35.39
CA PHE D 168 32.72 -1.60 34.25
C PHE D 168 33.45 -1.53 32.92
N THR D 169 34.71 -1.11 32.89
CA THR D 169 35.47 -1.27 31.66
C THR D 169 35.82 -2.73 31.38
N SER D 170 36.10 -3.53 32.42
CA SER D 170 36.54 -4.90 32.18
C SER D 170 35.45 -5.77 31.55
N HIS D 171 34.19 -5.35 31.65
CA HIS D 171 33.11 -6.02 30.93
C HIS D 171 32.95 -5.47 29.53
N ILE D 172 33.12 -4.16 29.38
CA ILE D 172 33.23 -3.58 28.03
C ILE D 172 34.31 -4.31 27.24
N ASP D 173 35.46 -4.61 27.89
CA ASP D 173 36.49 -5.40 27.21
C ASP D 173 36.00 -6.81 26.92
N GLU D 174 35.25 -7.40 27.86
CA GLU D 174 34.72 -8.75 27.67
C GLU D 174 33.66 -8.77 26.58
N LEU D 175 32.71 -7.82 26.65
CA LEU D 175 31.72 -7.65 25.58
C LEU D 175 32.37 -7.34 24.24
N TYR D 176 33.55 -6.71 24.27
CA TYR D 176 34.25 -6.40 23.03
C TYR D 176 34.84 -7.67 22.41
N GLU D 177 35.54 -8.46 23.23
CA GLU D 177 36.19 -9.65 22.69
C GLU D 177 35.20 -10.77 22.43
N SER D 178 34.15 -10.86 23.24
CA SER D 178 33.07 -11.78 22.90
C SER D 178 32.54 -11.46 21.52
N ALA D 179 32.28 -10.18 21.23
CA ALA D 179 31.80 -9.70 19.94
C ALA D 179 32.89 -9.66 18.87
N LYS D 180 34.14 -9.85 19.25
CA LYS D 180 35.23 -9.81 18.29
C LYS D 180 35.17 -10.96 17.30
N LYS D 181 34.54 -12.09 17.68
CA LYS D 181 34.54 -13.24 16.79
C LYS D 181 33.37 -13.25 15.78
N GLN D 182 32.31 -12.50 16.03
CA GLN D 182 31.26 -12.39 15.03
C GLN D 182 31.85 -12.06 13.66
N SER D 183 32.01 -13.09 12.83
CA SER D 183 32.77 -13.03 11.59
C SER D 183 31.97 -12.55 10.39
N GLY D 184 30.68 -12.84 10.34
CA GLY D 184 29.87 -12.52 9.19
C GLY D 184 29.83 -11.03 8.88
N GLY D 185 29.36 -10.72 7.69
CA GLY D 185 29.21 -9.36 7.22
C GLY D 185 30.04 -9.08 5.98
N LYS D 186 29.71 -7.96 5.34
CA LYS D 186 30.50 -7.43 4.23
C LYS D 186 30.41 -5.90 4.22
N VAL D 187 31.54 -5.26 3.89
CA VAL D 187 31.72 -3.82 3.84
C VAL D 187 30.87 -3.25 2.71
N ALA D 188 30.95 -1.96 2.45
CA ALA D 188 30.20 -1.43 1.32
C ALA D 188 31.13 -1.02 0.17
N ASP D 189 30.51 -0.49 -0.89
CA ASP D 189 31.21 -0.11 -2.11
C ASP D 189 30.31 0.75 -3.00
N LYS D 196 35.10 -0.10 1.96
CA LYS D 196 36.42 0.00 1.35
C LYS D 196 37.55 -0.28 2.38
N PHE D 197 37.22 -0.13 3.68
CA PHE D 197 38.16 -0.40 4.77
C PHE D 197 38.40 -1.91 4.92
N SER D 198 39.28 -2.28 5.86
CA SER D 198 39.62 -3.69 6.06
C SER D 198 38.67 -4.33 7.09
N PRO D 199 38.21 -5.54 6.81
CA PRO D 199 37.04 -6.08 7.51
C PRO D 199 37.28 -6.63 8.91
N ASP D 200 38.47 -6.45 9.51
CA ASP D 200 38.71 -6.90 10.88
C ASP D 200 38.67 -5.78 11.90
N LEU D 201 38.52 -4.53 11.47
CA LEU D 201 38.59 -3.41 12.39
C LEU D 201 37.34 -3.36 13.24
N TRP D 202 37.53 -2.98 14.50
CA TRP D 202 36.47 -3.13 15.49
C TRP D 202 36.88 -2.34 16.72
N GLY D 203 36.18 -1.24 16.98
CA GLY D 203 36.48 -0.42 18.14
C GLY D 203 35.21 -0.01 18.86
N VAL D 204 35.30 0.06 20.18
CA VAL D 204 34.26 0.63 21.03
C VAL D 204 34.87 1.74 21.85
N SER D 205 34.11 2.83 22.04
CA SER D 205 34.55 3.94 22.89
C SER D 205 33.36 4.49 23.67
N VAL D 206 33.61 4.91 24.92
CA VAL D 206 32.60 5.28 25.90
C VAL D 206 32.90 6.63 26.55
N CYS D 207 31.86 7.42 26.77
CA CYS D 207 31.99 8.70 27.49
C CYS D 207 30.72 8.93 28.29
N THR D 208 30.81 8.82 29.61
CA THR D 208 29.68 9.04 30.50
C THR D 208 29.27 10.52 30.51
N VAL D 209 28.08 10.80 31.02
CA VAL D 209 27.58 12.18 31.06
C VAL D 209 28.42 13.04 32.03
N ASP D 210 29.48 12.45 32.59
CA ASP D 210 30.37 13.16 33.53
C ASP D 210 31.79 13.32 33.01
N GLY D 211 32.23 12.46 32.11
CA GLY D 211 33.52 12.64 31.50
C GLY D 211 34.21 11.32 31.32
N GLN D 212 33.91 10.35 32.17
CA GLN D 212 34.71 9.13 32.22
C GLN D 212 34.76 8.46 30.86
N ARG D 213 35.96 8.08 30.42
CA ARG D 213 36.17 7.54 29.07
C ARG D 213 36.89 6.20 29.13
N HIS D 214 36.59 5.34 28.16
CA HIS D 214 37.26 4.06 27.95
C HIS D 214 37.18 3.70 26.47
N SER D 215 38.25 3.11 25.95
CA SER D 215 38.31 2.64 24.58
C SER D 215 39.04 1.31 24.56
N THR D 216 38.57 0.40 23.72
CA THR D 216 39.25 -0.86 23.51
C THR D 216 39.17 -1.16 22.03
N GLY D 217 40.24 -1.73 21.48
CA GLY D 217 40.32 -1.89 20.04
C GLY D 217 40.53 -0.58 19.28
N ASP D 218 40.40 -0.69 17.95
CA ASP D 218 40.74 0.36 16.98
C ASP D 218 39.75 1.53 17.08
N THR D 219 39.92 2.37 18.10
CA THR D 219 39.02 3.48 18.36
C THR D 219 39.56 4.83 17.89
N LYS D 220 40.76 4.85 17.29
CA LYS D 220 41.37 6.07 16.79
C LYS D 220 41.38 6.16 15.26
N VAL D 221 40.80 5.18 14.56
CA VAL D 221 40.77 5.20 13.10
C VAL D 221 39.55 5.99 12.62
N PRO D 222 39.74 6.97 11.74
CA PRO D 222 38.60 7.77 11.31
C PRO D 222 37.68 6.99 10.38
N PHE D 223 36.42 7.38 10.41
CA PHE D 223 35.44 6.92 9.44
C PHE D 223 34.42 8.04 9.30
N CYS D 224 33.58 7.94 8.28
CA CYS D 224 32.61 9.01 8.07
C CYS D 224 31.36 8.69 8.85
N LEU D 225 30.68 9.75 9.32
CA LEU D 225 29.40 9.55 9.97
C LEU D 225 28.45 8.80 9.05
N GLN D 226 28.29 9.32 7.83
CA GLN D 226 27.22 8.98 6.90
C GLN D 226 25.93 9.29 7.66
N SER D 227 24.96 8.37 7.74
CA SER D 227 23.64 8.73 8.20
C SER D 227 23.57 9.01 9.70
N CYS D 228 24.64 8.72 10.45
CA CYS D 228 24.70 9.13 11.85
C CYS D 228 24.53 10.65 12.02
N VAL D 229 24.82 11.42 10.97
CA VAL D 229 24.64 12.86 11.05
C VAL D 229 23.17 13.26 11.09
N LYS D 230 22.26 12.41 10.62
CA LYS D 230 20.86 12.81 10.51
C LYS D 230 20.24 13.28 11.84
N PRO D 231 20.46 12.60 12.98
CA PRO D 231 20.06 13.22 14.26
C PRO D 231 20.76 14.54 14.54
N LEU D 232 22.07 14.61 14.34
CA LEU D 232 22.83 15.81 14.71
C LEU D 232 22.33 17.04 13.94
N LYS D 233 22.12 16.93 12.62
CA LYS D 233 21.64 18.12 11.92
C LYS D 233 20.17 18.42 12.23
N TYR D 234 19.38 17.38 12.56
CA TYR D 234 18.00 17.64 12.97
C TYR D 234 17.96 18.48 14.24
N ALA D 235 18.83 18.17 15.20
CA ALA D 235 18.93 18.95 16.44
C ALA D 235 19.24 20.41 16.14
N ILE D 236 20.32 20.67 15.41
CA ILE D 236 20.70 22.03 15.02
C ILE D 236 19.49 22.77 14.46
N ALA D 237 18.68 22.07 13.65
CA ALA D 237 17.61 22.75 12.91
C ALA D 237 16.51 23.22 13.85
N VAL D 238 16.07 22.35 14.77
CA VAL D 238 15.07 22.74 15.76
C VAL D 238 15.68 23.60 16.86
N ASN D 239 16.97 23.41 17.16
CA ASN D 239 17.69 24.33 18.03
C ASN D 239 17.54 25.76 17.54
N ASP D 240 17.64 25.95 16.23
CA ASP D 240 17.67 27.28 15.65
C ASP D 240 16.28 27.78 15.26
N LEU D 241 15.32 26.89 14.99
CA LEU D 241 14.01 27.31 14.51
C LEU D 241 12.86 27.03 15.46
N GLY D 242 12.91 25.96 16.24
CA GLY D 242 11.79 25.58 17.08
C GLY D 242 10.96 24.49 16.44
N THR D 243 10.33 23.67 17.29
CA THR D 243 9.63 22.49 16.82
C THR D 243 8.56 22.83 15.79
N GLU D 244 7.74 23.86 16.06
CA GLU D 244 6.61 24.15 15.18
C GLU D 244 7.08 24.42 13.76
N TYR D 245 7.98 25.40 13.59
CA TYR D 245 8.46 25.74 12.25
C TYR D 245 9.07 24.53 11.57
N VAL D 246 9.96 23.82 12.27
CA VAL D 246 10.64 22.68 11.68
C VAL D 246 9.66 21.57 11.28
N HIS D 247 8.48 21.54 11.87
CA HIS D 247 7.55 20.45 11.56
C HIS D 247 6.37 20.93 10.73
N ARG D 248 6.42 22.16 10.21
CA ARG D 248 5.60 22.50 9.05
C ARG D 248 6.15 21.90 7.76
N TYR D 249 7.36 21.33 7.78
CA TYR D 249 8.00 20.80 6.59
C TYR D 249 8.34 19.32 6.65
N VAL D 250 8.49 18.74 7.86
CA VAL D 250 8.74 17.30 8.02
C VAL D 250 7.82 16.77 9.10
N GLY D 251 7.44 15.49 8.95
CA GLY D 251 6.61 14.80 9.92
C GLY D 251 7.44 14.10 10.97
N LYS D 252 6.77 13.39 11.89
CA LYS D 252 7.44 12.91 13.08
C LYS D 252 7.26 11.43 13.40
N GLU D 253 6.37 10.71 12.75
CA GLU D 253 6.16 9.31 13.08
C GLU D 253 7.05 8.41 12.20
N PRO D 254 7.22 7.13 12.55
CA PRO D 254 8.00 6.24 11.70
C PRO D 254 7.25 5.86 10.43
N SER D 255 8.00 5.41 9.42
CA SER D 255 7.42 5.14 8.11
C SER D 255 6.53 3.90 8.16
N GLY D 256 7.13 2.76 8.43
CA GLY D 256 6.53 1.46 8.24
C GLY D 256 7.59 0.56 7.64
N LEU D 257 7.38 -0.75 7.75
CA LEU D 257 8.43 -1.66 7.32
C LEU D 257 8.38 -1.92 5.82
N ARG D 258 7.20 -1.89 5.21
CA ARG D 258 7.09 -1.76 3.75
C ARG D 258 6.41 -0.45 3.38
N PHE D 259 6.78 0.61 4.11
CA PHE D 259 6.41 1.99 3.80
C PHE D 259 7.62 2.90 3.77
N ASN D 260 8.83 2.35 3.72
CA ASN D 260 10.07 3.11 3.56
C ASN D 260 10.39 3.44 2.10
N LYS D 261 9.73 2.77 1.16
CA LYS D 261 9.92 3.05 -0.26
C LYS D 261 9.30 4.38 -0.65
N LEU D 262 8.31 4.85 0.09
CA LEU D 262 7.70 6.15 -0.17
C LEU D 262 8.52 7.28 0.42
N PHE D 263 8.21 8.49 -0.05
CA PHE D 263 8.97 9.69 0.28
C PHE D 263 8.18 10.65 1.14
N LEU D 264 6.96 10.93 0.73
CA LEU D 264 6.06 11.83 1.45
C LEU D 264 4.98 11.02 2.15
N ASN D 265 4.47 11.58 3.24
CA ASN D 265 3.38 10.97 3.98
C ASN D 265 2.10 11.61 3.45
N GLU D 266 0.96 11.33 4.10
CA GLU D 266 -0.34 11.74 3.56
C GLU D 266 -0.48 13.27 3.47
N ASP D 267 0.30 14.01 4.28
CA ASP D 267 0.24 15.47 4.31
C ASP D 267 1.20 16.12 3.33
N ASP D 268 1.74 15.35 2.40
CA ASP D 268 2.77 15.82 1.48
C ASP D 268 3.98 16.41 2.22
N LYS D 269 4.41 15.74 3.29
CA LYS D 269 5.66 16.00 3.98
C LYS D 269 6.42 14.69 4.12
N PRO D 270 7.73 14.75 4.29
CA PRO D 270 8.49 13.49 4.47
C PRO D 270 8.25 12.94 5.86
N HIS D 271 8.52 11.63 5.99
CA HIS D 271 7.97 10.90 7.13
C HIS D 271 8.52 11.42 8.45
N ASN D 272 9.81 11.75 8.47
CA ASN D 272 10.56 12.03 9.68
C ASN D 272 12.02 12.26 9.30
N PRO D 273 12.80 12.90 10.13
CA PRO D 273 14.13 13.33 9.68
C PRO D 273 15.24 12.27 9.76
N MET D 274 14.93 11.00 9.90
CA MET D 274 15.97 9.97 9.85
C MET D 274 16.00 9.22 8.54
N VAL D 275 15.09 9.54 7.62
CA VAL D 275 15.08 8.96 6.28
C VAL D 275 15.62 9.97 5.30
N ASN D 276 16.21 9.48 4.21
CA ASN D 276 16.86 10.39 3.27
C ASN D 276 15.90 11.46 2.77
N ALA D 277 14.60 11.15 2.71
CA ALA D 277 13.62 12.14 2.25
C ALA D 277 13.47 13.32 3.22
N GLY D 278 13.58 13.10 4.51
CA GLY D 278 13.29 14.18 5.44
C GLY D 278 14.56 14.84 5.91
N ALA D 279 15.63 14.05 5.92
CA ALA D 279 16.95 14.60 6.17
C ALA D 279 17.29 15.67 5.13
N ILE D 280 16.78 15.52 3.90
CA ILE D 280 17.01 16.48 2.82
C ILE D 280 16.18 17.75 3.01
N VAL D 281 14.92 17.63 3.47
CA VAL D 281 14.17 18.84 3.80
C VAL D 281 14.72 19.53 5.03
N VAL D 282 15.38 18.78 5.92
CA VAL D 282 15.87 19.46 7.10
C VAL D 282 17.20 20.13 6.79
N THR D 283 18.03 19.50 5.96
CA THR D 283 19.23 20.15 5.45
C THR D 283 18.92 21.48 4.76
N SER D 284 17.67 21.73 4.39
CA SER D 284 17.31 22.96 3.68
C SER D 284 16.76 24.05 4.59
N LEU D 285 16.49 23.74 5.85
CA LEU D 285 16.08 24.77 6.79
C LEU D 285 17.24 25.39 7.53
N ILE D 286 18.40 24.71 7.56
CA ILE D 286 19.60 25.20 8.25
C ILE D 286 20.11 26.48 7.59
N LYS D 287 20.08 27.58 8.34
CA LYS D 287 20.53 28.90 7.89
C LYS D 287 20.09 29.19 6.46
N GLN D 288 18.78 29.38 6.26
CA GLN D 288 18.31 29.88 4.99
C GLN D 288 18.86 31.28 4.74
N GLY D 289 19.02 31.64 3.46
CA GLY D 289 19.52 32.94 3.06
C GLY D 289 21.04 33.05 2.94
N VAL D 290 21.78 32.08 3.45
CA VAL D 290 23.22 32.06 3.39
C VAL D 290 23.63 31.00 2.37
N ASN D 291 24.90 31.00 1.98
CA ASN D 291 25.36 30.10 0.94
C ASN D 291 26.04 28.86 1.52
N ASN D 292 26.35 27.89 0.65
CA ASN D 292 26.75 26.53 1.04
C ASN D 292 28.14 26.47 1.66
N ALA D 293 29.06 27.37 1.29
CA ALA D 293 30.37 27.40 1.93
C ALA D 293 30.24 27.79 3.39
N GLU D 294 29.48 28.86 3.65
CA GLU D 294 29.28 29.36 5.01
C GLU D 294 28.46 28.38 5.84
N LYS D 295 27.37 27.85 5.28
CA LYS D 295 26.51 26.93 6.03
C LYS D 295 27.29 25.75 6.61
N PHE D 296 28.18 25.16 5.81
CA PHE D 296 28.95 24.01 6.28
C PHE D 296 29.84 24.38 7.46
N ASP D 297 30.36 25.60 7.49
CA ASP D 297 31.09 26.05 8.66
C ASP D 297 30.19 26.05 9.88
N TYR D 298 29.02 26.70 9.76
CA TYR D 298 28.06 26.76 10.85
C TYR D 298 27.78 25.38 11.45
N VAL D 299 27.54 24.37 10.60
CA VAL D 299 27.40 23.02 11.10
C VAL D 299 28.69 22.56 11.79
N MET D 300 29.84 22.80 11.15
CA MET D 300 31.13 22.37 11.73
C MET D 300 31.37 22.97 13.11
N GLN D 301 30.99 24.23 13.31
CA GLN D 301 31.16 24.87 14.62
C GLN D 301 30.14 24.39 15.64
N PHE D 302 28.92 24.00 15.22
CA PHE D 302 28.04 23.25 16.11
C PHE D 302 28.65 21.90 16.44
N LEU D 303 29.00 21.13 15.40
CA LEU D 303 29.57 19.81 15.62
C LEU D 303 30.89 19.86 16.38
N ASN D 304 31.68 20.93 16.21
CA ASN D 304 32.83 21.06 17.11
C ASN D 304 32.38 21.12 18.58
N LYS D 305 31.45 22.03 18.89
CA LYS D 305 30.99 22.21 20.26
C LYS D 305 30.48 20.90 20.87
N MET D 306 29.77 20.10 20.09
CA MET D 306 29.22 18.85 20.61
C MET D 306 30.30 17.81 20.89
N ALA D 307 31.47 17.93 20.29
CA ALA D 307 32.47 16.87 20.43
C ALA D 307 33.61 17.30 21.35
N GLY D 308 33.38 18.29 22.20
CA GLY D 308 34.45 18.79 23.05
C GLY D 308 35.69 19.07 22.25
N ASN D 309 35.53 19.64 21.07
CA ASN D 309 36.62 20.00 20.18
C ASN D 309 37.60 18.85 19.95
N GLU D 310 37.12 17.61 20.04
CA GLU D 310 37.88 16.45 19.60
C GLU D 310 37.71 16.28 18.09
N TYR D 311 38.25 15.18 17.55
CA TYR D 311 38.37 15.06 16.10
C TYR D 311 37.03 15.08 15.38
N VAL D 312 36.79 16.10 14.58
CA VAL D 312 35.81 16.01 13.51
C VAL D 312 36.53 16.40 12.23
N GLY D 313 36.42 15.55 11.21
CA GLY D 313 37.08 15.84 9.95
C GLY D 313 36.16 15.87 8.75
N PHE D 314 36.71 15.56 7.57
CA PHE D 314 35.95 15.54 6.33
C PHE D 314 36.73 14.87 5.21
N SER D 315 36.21 13.78 4.67
CA SER D 315 36.75 13.16 3.47
C SER D 315 36.19 13.89 2.25
N ASN D 316 37.04 14.64 1.52
CA ASN D 316 36.64 15.05 0.19
C ASN D 316 36.42 13.83 -0.67
N ALA D 317 37.24 12.79 -0.47
CA ALA D 317 37.11 11.52 -1.16
C ALA D 317 35.67 11.03 -1.13
N THR D 318 35.22 10.56 0.03
CA THR D 318 33.86 10.03 0.11
C THR D 318 32.78 11.06 -0.23
N PHE D 319 33.11 12.36 -0.27
CA PHE D 319 32.13 13.33 -0.75
C PHE D 319 31.87 13.16 -2.24
N GLN D 320 32.93 13.12 -3.05
CA GLN D 320 32.73 13.06 -4.50
C GLN D 320 32.17 11.71 -4.91
N SER D 321 32.51 10.63 -4.20
CA SER D 321 31.82 9.37 -4.43
C SER D 321 30.33 9.47 -4.07
N GLU D 322 30.02 10.21 -2.99
CA GLU D 322 28.63 10.30 -2.54
C GLU D 322 27.75 11.07 -3.53
N ARG D 323 28.29 12.11 -4.15
CA ARG D 323 27.54 12.90 -5.10
C ARG D 323 27.59 12.35 -6.52
N GLU D 324 28.43 11.34 -6.78
CA GLU D 324 28.52 10.70 -8.09
C GLU D 324 27.84 9.34 -8.11
N SER D 325 27.30 8.89 -6.98
CA SER D 325 26.50 7.70 -6.93
C SER D 325 25.14 7.94 -6.28
N GLY D 326 24.82 9.17 -5.91
CA GLY D 326 23.60 9.46 -5.18
C GLY D 326 22.34 9.57 -6.02
N ASP D 327 22.20 8.69 -7.01
CA ASP D 327 21.04 8.76 -7.88
C ASP D 327 19.74 8.68 -7.09
N ARG D 328 19.65 7.70 -6.18
CA ARG D 328 18.48 7.61 -5.30
C ARG D 328 18.18 8.93 -4.61
N ASN D 329 19.23 9.73 -4.30
CA ASN D 329 19.07 10.98 -3.56
C ASN D 329 18.59 12.13 -4.45
N PHE D 330 19.13 12.25 -5.67
CA PHE D 330 18.60 13.21 -6.64
C PHE D 330 17.11 12.93 -6.93
N ALA D 331 16.76 11.65 -7.07
CA ALA D 331 15.36 11.25 -7.11
C ALA D 331 14.56 12.00 -6.06
N ILE D 332 14.85 11.73 -4.78
CA ILE D 332 14.17 12.41 -3.67
C ILE D 332 14.16 13.92 -3.86
N GLY D 333 15.25 14.47 -4.38
CA GLY D 333 15.33 15.91 -4.58
C GLY D 333 14.20 16.42 -5.44
N TYR D 334 14.14 15.94 -6.69
CA TYR D 334 13.21 16.51 -7.64
C TYR D 334 11.75 16.28 -7.21
N TYR D 335 11.44 15.09 -6.67
CA TYR D 335 10.09 14.86 -6.14
C TYR D 335 9.72 15.93 -5.12
N LEU D 336 10.65 16.32 -4.25
CA LEU D 336 10.31 17.32 -3.24
C LEU D 336 10.12 18.71 -3.86
N LYS D 337 10.91 19.03 -4.90
CA LYS D 337 10.71 20.31 -5.58
C LYS D 337 9.29 20.44 -6.14
N GLU D 338 8.80 19.39 -6.81
CA GLU D 338 7.48 19.47 -7.45
C GLU D 338 6.35 19.50 -6.42
N LYS D 339 6.44 18.69 -5.36
CA LYS D 339 5.41 18.69 -4.32
C LYS D 339 5.56 19.87 -3.35
N LYS D 340 6.38 20.89 -3.70
CA LYS D 340 6.53 22.18 -2.97
C LYS D 340 6.85 21.97 -1.48
N CYS D 341 7.76 21.04 -1.18
CA CYS D 341 8.07 20.68 0.20
C CYS D 341 9.23 21.44 0.82
N PHE D 342 10.08 22.11 0.01
CA PHE D 342 11.18 22.96 0.45
C PHE D 342 10.68 24.36 0.76
N PRO D 343 11.38 25.13 1.60
CA PRO D 343 11.01 26.53 1.80
C PRO D 343 11.23 27.36 0.55
N GLU D 344 10.54 28.50 0.51
CA GLU D 344 10.44 29.33 -0.69
C GLU D 344 11.82 29.83 -1.13
N GLY D 345 12.18 29.50 -2.38
CA GLY D 345 13.45 29.92 -2.90
C GLY D 345 14.58 29.07 -2.37
N THR D 346 14.42 27.77 -2.44
CA THR D 346 15.45 26.81 -2.02
C THR D 346 16.10 26.28 -3.28
N ASP D 347 17.35 26.63 -3.51
CA ASP D 347 18.03 26.00 -4.63
C ASP D 347 18.11 24.51 -4.35
N MET D 348 17.19 23.75 -4.95
CA MET D 348 17.15 22.32 -4.73
C MET D 348 18.53 21.67 -4.87
N VAL D 349 19.23 21.91 -5.99
CA VAL D 349 20.50 21.21 -6.21
C VAL D 349 21.56 21.69 -5.23
N GLY D 350 21.48 22.95 -4.81
CA GLY D 350 22.37 23.42 -3.76
C GLY D 350 22.28 22.56 -2.51
N ILE D 351 21.06 22.15 -2.16
CA ILE D 351 20.78 21.47 -0.90
C ILE D 351 21.33 20.04 -0.87
N LEU D 352 21.32 19.31 -1.99
CA LEU D 352 21.82 17.94 -1.89
C LEU D 352 23.33 17.92 -1.85
N ASP D 353 23.91 18.83 -2.63
CA ASP D 353 25.33 19.07 -2.60
C ASP D 353 25.80 19.26 -1.16
N PHE D 354 25.08 20.10 -0.41
CA PHE D 354 25.30 20.26 1.02
C PHE D 354 25.15 18.93 1.76
N TYR D 355 24.05 18.20 1.48
CA TYR D 355 23.75 16.96 2.19
C TYR D 355 24.86 15.93 2.03
N PHE D 356 25.34 15.74 0.79
CA PHE D 356 26.45 14.80 0.57
C PHE D 356 27.70 15.21 1.35
N GLN D 357 27.96 16.51 1.46
CA GLN D 357 29.04 16.97 2.32
C GLN D 357 28.83 16.45 3.74
N LEU D 358 27.66 16.75 4.33
CA LEU D 358 27.35 16.40 5.72
C LEU D 358 27.56 14.92 6.00
N CYS D 359 27.37 14.05 5.00
CA CYS D 359 27.53 12.62 5.19
C CYS D 359 28.99 12.18 5.21
N SER D 360 29.89 12.98 4.66
CA SER D 360 31.29 12.60 4.56
C SER D 360 32.14 13.17 5.70
N ILE D 361 31.54 13.95 6.59
CA ILE D 361 32.18 14.36 7.83
C ILE D 361 32.85 13.16 8.50
N GLU D 362 34.09 13.34 8.95
CA GLU D 362 34.81 12.26 9.60
C GLU D 362 34.78 12.41 11.11
N VAL D 363 34.91 11.26 11.77
CA VAL D 363 35.04 11.16 13.22
C VAL D 363 35.91 9.96 13.53
N THR D 364 36.30 9.81 14.79
CA THR D 364 36.77 8.54 15.32
C THR D 364 35.78 8.05 16.36
N CYS D 365 35.98 6.81 16.83
CA CYS D 365 35.14 6.34 17.93
C CYS D 365 35.15 7.34 19.07
N GLU D 366 36.34 7.64 19.58
CA GLU D 366 36.47 8.58 20.69
C GLU D 366 35.84 9.94 20.37
N SER D 367 36.13 10.48 19.18
CA SER D 367 35.57 11.77 18.79
C SER D 367 34.06 11.82 18.98
N ALA D 368 33.38 10.74 18.61
CA ALA D 368 31.95 10.78 18.43
C ALA D 368 31.16 10.39 19.67
N SER D 369 31.74 9.56 20.56
CA SER D 369 31.11 9.28 21.85
C SER D 369 30.84 10.56 22.65
N VAL D 370 31.70 11.57 22.49
CA VAL D 370 31.40 12.86 23.10
C VAL D 370 30.14 13.45 22.49
N MET D 371 30.02 13.42 21.16
CA MET D 371 28.81 13.89 20.52
C MET D 371 27.59 13.14 21.03
N ALA D 372 27.71 11.82 21.16
CA ALA D 372 26.65 11.00 21.76
C ALA D 372 26.28 11.51 23.15
N ALA D 373 27.30 11.77 23.97
CA ALA D 373 27.09 12.14 25.35
C ALA D 373 26.50 13.53 25.50
N THR D 374 26.63 14.38 24.48
CA THR D 374 25.99 15.69 24.52
C THR D 374 24.48 15.58 24.48
N LEU D 375 23.96 14.56 23.76
CA LEU D 375 22.54 14.26 23.77
C LEU D 375 22.13 13.54 25.06
N ALA D 376 22.96 12.61 25.54
CA ALA D 376 22.74 12.03 26.86
C ALA D 376 22.66 13.08 27.95
N ASN D 377 23.15 14.29 27.70
CA ASN D 377 23.30 15.27 28.76
C ASN D 377 22.46 16.54 28.53
N GLY D 378 21.33 16.44 27.84
CA GLY D 378 20.42 17.59 27.81
C GLY D 378 20.86 18.74 26.96
N GLY D 379 21.85 18.52 26.08
CA GLY D 379 22.41 19.59 25.29
C GLY D 379 23.62 20.29 25.90
N PHE D 380 24.36 19.62 26.78
CA PHE D 380 25.52 20.15 27.49
C PHE D 380 26.68 19.19 27.29
N CYS D 381 27.77 19.67 26.70
CA CYS D 381 28.90 18.77 26.38
C CYS D 381 29.50 18.27 27.68
N PRO D 382 29.71 16.95 27.84
CA PRO D 382 30.19 16.45 29.14
C PRO D 382 31.61 16.85 29.51
N ILE D 383 32.52 17.01 28.55
CA ILE D 383 33.92 17.34 28.87
C ILE D 383 34.22 18.81 28.64
N THR D 384 33.21 19.66 28.41
CA THR D 384 33.47 21.09 28.45
C THR D 384 32.41 21.87 29.21
N GLY D 385 31.29 21.27 29.62
CA GLY D 385 30.25 21.98 30.33
C GLY D 385 29.53 23.07 29.56
N GLU D 386 30.05 23.40 28.37
CA GLU D 386 29.37 24.30 27.44
C GLU D 386 28.05 23.68 26.98
N ARG D 387 26.97 24.48 27.00
CA ARG D 387 25.67 23.99 26.52
C ARG D 387 25.55 24.27 25.02
N VAL D 388 25.30 23.21 24.26
CA VAL D 388 25.18 23.28 22.82
C VAL D 388 23.74 23.40 22.37
N LEU D 389 22.88 22.47 22.83
CA LEU D 389 21.58 22.23 22.22
C LEU D 389 20.47 22.54 23.20
N SER D 390 19.50 23.37 22.76
CA SER D 390 18.27 23.63 23.51
C SER D 390 17.71 22.28 23.91
N PRO D 391 16.99 22.17 25.03
CA PRO D 391 16.52 20.83 25.44
C PRO D 391 15.38 20.32 24.57
N GLU D 392 14.44 21.21 24.23
CA GLU D 392 13.51 21.02 23.14
C GLU D 392 14.16 20.21 22.02
N ALA D 393 15.33 20.68 21.56
CA ALA D 393 16.04 20.00 20.47
C ALA D 393 16.56 18.63 20.90
N VAL D 394 17.03 18.49 22.14
CA VAL D 394 17.60 17.21 22.55
C VAL D 394 16.50 16.18 22.75
N ARG D 395 15.38 16.61 23.31
CA ARG D 395 14.28 15.68 23.49
C ARG D 395 13.85 15.12 22.15
N ASN D 396 13.54 16.02 21.21
CA ASN D 396 12.97 15.56 19.95
C ASN D 396 13.92 14.66 19.19
N THR D 397 15.21 14.98 19.20
CA THR D 397 16.16 14.14 18.46
C THR D 397 16.24 12.74 19.06
N LEU D 398 16.07 12.63 20.37
CA LEU D 398 16.18 11.32 21.00
C LEU D 398 14.90 10.51 20.80
N SER D 399 13.73 11.16 20.90
CA SER D 399 12.45 10.50 20.60
C SER D 399 12.47 9.84 19.22
N LEU D 400 13.08 10.50 18.24
CA LEU D 400 13.11 10.05 16.87
C LEU D 400 14.23 9.06 16.58
N MET D 401 15.38 9.15 17.27
CA MET D 401 16.37 8.08 17.14
C MET D 401 15.82 6.76 17.67
N HIS D 402 14.91 6.85 18.64
CA HIS D 402 14.31 5.68 19.25
C HIS D 402 13.56 4.83 18.22
N SER D 403 12.58 5.44 17.55
CA SER D 403 11.71 4.73 16.63
C SER D 403 12.25 4.58 15.21
N CYS D 404 13.22 5.40 14.79
CA CYS D 404 13.49 5.57 13.37
C CYS D 404 14.97 5.38 13.02
N GLY D 405 15.77 4.84 13.92
CA GLY D 405 17.19 5.07 13.73
C GLY D 405 18.01 3.89 13.25
N MET D 406 17.39 2.73 13.16
CA MET D 406 18.14 1.56 12.75
C MET D 406 17.71 1.08 11.38
N TYR D 407 17.07 1.96 10.61
CA TYR D 407 16.39 1.63 9.35
C TYR D 407 15.27 0.64 9.67
N ASP D 408 15.17 -0.49 8.97
CA ASP D 408 14.07 -1.43 9.19
C ASP D 408 14.21 -2.17 10.50
N PHE D 409 15.42 -2.20 11.07
CA PHE D 409 15.66 -2.90 12.33
C PHE D 409 15.27 -2.10 13.56
N SER D 410 14.81 -0.84 13.40
CA SER D 410 14.62 -0.02 14.59
C SER D 410 13.48 -0.53 15.45
N GLY D 411 12.42 -1.04 14.82
CA GLY D 411 11.32 -1.58 15.60
C GLY D 411 11.78 -2.68 16.53
N GLN D 412 12.61 -3.60 16.02
CA GLN D 412 13.20 -4.64 16.87
C GLN D 412 14.25 -4.05 17.79
N PHE D 413 15.05 -3.12 17.27
CA PHE D 413 16.03 -2.44 18.10
C PHE D 413 15.36 -1.74 19.27
N ALA D 414 14.41 -0.85 18.99
CA ALA D 414 13.64 -0.21 20.05
C ALA D 414 12.96 -1.21 20.96
N PHE D 415 12.87 -2.48 20.54
CA PHE D 415 12.29 -3.50 21.41
C PHE D 415 13.37 -4.17 22.26
N HIS D 416 14.38 -4.77 21.63
CA HIS D 416 15.35 -5.57 22.39
C HIS D 416 16.35 -4.70 23.12
N VAL D 417 16.87 -3.69 22.45
CA VAL D 417 17.86 -2.80 23.05
C VAL D 417 17.21 -1.57 23.66
N GLY D 418 16.31 -0.93 22.92
CA GLY D 418 15.51 0.15 23.47
C GLY D 418 16.35 1.30 23.98
N LEU D 419 17.14 1.89 23.09
CA LEU D 419 18.10 2.95 23.34
C LEU D 419 18.03 3.73 22.05
N PRO D 420 17.95 5.07 22.10
CA PRO D 420 18.13 5.83 20.86
C PRO D 420 19.50 5.49 20.32
N ALA D 421 19.54 5.16 19.05
CA ALA D 421 20.78 4.82 18.39
C ALA D 421 20.58 5.24 16.96
N LYS D 422 21.68 5.29 16.21
CA LYS D 422 21.60 5.71 14.82
C LYS D 422 22.78 5.07 14.11
N SER D 423 22.49 4.19 13.16
CA SER D 423 23.52 3.55 12.38
C SER D 423 23.66 4.21 11.03
N GLY D 424 24.88 4.14 10.50
CA GLY D 424 25.19 4.57 9.16
C GLY D 424 26.02 3.50 8.51
N VAL D 425 26.22 3.66 7.19
CA VAL D 425 26.73 2.56 6.38
C VAL D 425 28.23 2.34 6.54
N ALA D 426 28.90 3.16 7.35
CA ALA D 426 30.33 3.05 7.64
C ALA D 426 30.65 1.95 8.63
N GLY D 427 29.64 1.44 9.33
CA GLY D 427 29.82 0.65 10.53
C GLY D 427 29.49 1.40 11.81
N GLY D 428 28.99 2.62 11.70
CA GLY D 428 28.83 3.47 12.86
C GLY D 428 27.47 3.28 13.51
N ILE D 429 27.49 3.13 14.83
CA ILE D 429 26.27 3.22 15.62
C ILE D 429 26.51 4.29 16.69
N LEU D 430 25.72 5.36 16.63
CA LEU D 430 25.78 6.46 17.60
C LEU D 430 24.84 6.15 18.76
N LEU D 431 25.25 5.16 19.55
CA LEU D 431 24.47 4.75 20.72
C LEU D 431 24.38 5.85 21.76
N VAL D 432 23.25 5.93 22.45
CA VAL D 432 23.02 6.96 23.44
C VAL D 432 22.33 6.31 24.62
N VAL D 433 22.88 6.48 25.81
CA VAL D 433 22.20 5.98 27.00
C VAL D 433 21.79 7.16 27.86
N PRO D 434 20.54 7.61 27.78
CA PRO D 434 20.17 8.93 28.34
C PRO D 434 20.39 9.03 29.84
N ASN D 435 20.94 10.16 30.26
CA ASN D 435 21.33 10.51 31.62
C ASN D 435 22.47 9.65 32.16
N VAL D 436 23.03 8.74 31.36
CA VAL D 436 24.16 7.92 31.80
C VAL D 436 25.42 8.24 30.98
N MET D 437 25.38 7.94 29.69
CA MET D 437 26.61 7.91 28.91
C MET D 437 26.28 7.98 27.42
N GLY D 438 27.27 7.65 26.61
CA GLY D 438 27.23 7.85 25.17
C GLY D 438 28.34 7.03 24.55
N MET D 439 28.08 6.52 23.35
CA MET D 439 28.97 5.52 22.77
C MET D 439 29.07 5.70 21.26
N MET D 440 30.00 4.97 20.68
CA MET D 440 30.13 4.87 19.23
C MET D 440 30.88 3.58 18.95
N CYS D 441 30.28 2.71 18.12
CA CYS D 441 30.86 1.44 17.72
C CYS D 441 31.20 1.44 16.25
N TRP D 442 32.15 0.58 15.91
CA TRP D 442 32.73 0.57 14.58
C TRP D 442 33.26 -0.83 14.29
N SER D 443 32.61 -1.51 13.35
CA SER D 443 33.09 -2.69 12.71
C SER D 443 32.56 -2.30 11.33
N PRO D 444 33.34 -2.44 10.27
CA PRO D 444 32.83 -2.07 8.94
C PRO D 444 31.96 -3.15 8.32
N PRO D 445 32.19 -4.49 8.62
CA PRO D 445 31.24 -5.50 8.15
C PRO D 445 29.80 -5.21 8.56
N LEU D 446 28.92 -5.02 7.57
CA LEU D 446 27.50 -4.77 7.81
C LEU D 446 26.65 -6.02 7.53
N ASP D 447 25.41 -5.99 8.06
CA ASP D 447 24.47 -7.10 7.85
C ASP D 447 23.55 -6.82 6.67
N LYS D 448 22.50 -7.64 6.49
CA LYS D 448 21.60 -7.47 5.36
C LYS D 448 20.76 -6.20 5.43
N MET D 449 20.78 -5.48 6.54
CA MET D 449 19.91 -4.32 6.71
C MET D 449 20.64 -2.99 6.79
N GLY D 450 21.97 -3.00 6.83
CA GLY D 450 22.74 -1.78 6.82
C GLY D 450 23.40 -1.42 8.13
N ASN D 451 23.28 -2.28 9.14
CA ASN D 451 23.84 -2.15 10.48
C ASN D 451 25.11 -3.00 10.59
N SER D 452 26.09 -2.51 11.35
CA SER D 452 27.32 -3.27 11.54
C SER D 452 27.06 -4.53 12.36
N VAL D 453 27.72 -5.63 11.97
CA VAL D 453 27.52 -6.95 12.59
C VAL D 453 27.96 -6.92 14.06
N LYS D 454 29.25 -6.70 14.30
CA LYS D 454 29.73 -6.62 15.67
C LYS D 454 29.07 -5.47 16.42
N GLY D 455 28.78 -4.37 15.73
CA GLY D 455 28.09 -3.26 16.38
C GLY D 455 26.76 -3.68 16.99
N ILE D 456 25.92 -4.36 16.21
CA ILE D 456 24.61 -4.82 16.68
C ILE D 456 24.77 -5.79 17.85
N HIS D 457 25.54 -6.86 17.63
CA HIS D 457 25.78 -7.88 18.65
C HIS D 457 26.15 -7.26 19.99
N PHE D 458 27.12 -6.34 19.99
CA PHE D 458 27.55 -5.60 21.16
C PHE D 458 26.36 -5.06 21.98
N CYS D 459 25.51 -4.24 21.36
CA CYS D 459 24.38 -3.64 22.09
C CYS D 459 23.44 -4.67 22.69
N HIS D 460 23.32 -5.83 22.07
CA HIS D 460 22.53 -6.86 22.70
C HIS D 460 23.21 -7.33 23.98
N ASP D 461 24.52 -7.61 23.91
CA ASP D 461 25.22 -8.08 25.10
C ASP D 461 25.31 -6.98 26.17
N LEU D 462 25.31 -5.71 25.76
CA LEU D 462 25.43 -4.63 26.73
C LEU D 462 24.15 -4.52 27.56
N VAL D 463 22.99 -4.46 26.89
CA VAL D 463 21.74 -4.45 27.65
C VAL D 463 21.37 -5.84 28.17
N SER D 464 22.04 -6.90 27.71
CA SER D 464 21.94 -8.18 28.40
C SER D 464 22.42 -8.05 29.81
N LEU D 465 23.50 -7.31 29.98
CA LEU D 465 24.27 -7.28 31.21
C LEU D 465 23.80 -6.20 32.16
N CYS D 466 23.56 -4.99 31.66
CA CYS D 466 23.21 -3.87 32.52
C CYS D 466 21.88 -3.23 32.11
N ASN D 467 21.17 -2.72 33.13
CA ASN D 467 19.76 -2.30 33.06
C ASN D 467 19.58 -0.99 32.30
N PHE D 468 20.14 -0.94 31.10
CA PHE D 468 20.11 0.27 30.32
C PHE D 468 18.95 0.36 29.35
N HIS D 469 18.21 -0.73 29.10
CA HIS D 469 17.07 -0.68 28.20
C HIS D 469 16.08 0.35 28.71
N ASN D 470 15.52 1.14 27.79
CA ASN D 470 14.84 2.37 28.17
C ASN D 470 13.78 2.14 29.22
N TYR D 471 13.15 0.97 29.18
CA TYR D 471 12.05 0.63 30.09
C TYR D 471 12.44 -0.52 31.03
N ASP D 472 13.75 -0.67 31.28
CA ASP D 472 14.21 -1.44 32.43
C ASP D 472 13.84 -0.68 33.70
N ASN D 473 13.59 -1.41 34.78
CA ASN D 473 13.28 -0.77 36.04
C ASN D 473 14.59 -0.51 36.76
N LEU D 474 14.70 0.68 37.34
CA LEU D 474 15.93 1.07 38.04
C LEU D 474 16.00 0.53 39.47
N ARG D 475 14.91 -0.07 39.94
CA ARG D 475 14.79 -0.61 41.29
C ARG D 475 14.76 -2.14 41.31
N HIS D 476 13.92 -2.77 40.48
CA HIS D 476 13.84 -4.22 40.41
C HIS D 476 14.19 -4.63 38.99
N PHE D 477 15.41 -5.10 38.79
CA PHE D 477 15.91 -5.42 37.46
C PHE D 477 16.47 -6.84 37.39
N ALA D 478 16.06 -7.72 38.29
CA ALA D 478 16.35 -9.15 38.20
C ALA D 478 17.87 -9.36 38.23
N LYS D 479 18.45 -10.09 37.28
CA LYS D 479 19.83 -10.55 37.38
C LYS D 479 20.80 -9.68 36.57
N LYS D 480 20.42 -8.44 36.30
CA LYS D 480 21.27 -7.50 35.59
C LYS D 480 22.12 -6.71 36.59
N LEU D 481 23.06 -5.93 36.05
CA LEU D 481 24.06 -5.16 36.82
C LEU D 481 23.84 -3.68 36.55
N ASP D 482 23.56 -2.90 37.58
CA ASP D 482 23.36 -1.46 37.40
C ASP D 482 24.67 -0.74 37.72
N PRO D 483 25.41 -0.24 36.73
CA PRO D 483 26.68 0.44 37.03
C PRO D 483 26.50 1.78 37.73
N ARG D 484 25.28 2.27 37.86
CA ARG D 484 25.03 3.51 38.58
C ARG D 484 25.14 3.34 40.10
N ARG D 485 25.32 2.11 40.59
CA ARG D 485 25.43 1.80 42.01
C ARG D 485 26.71 1.01 42.29
N GLU D 486 27.05 0.91 43.58
CA GLU D 486 28.31 0.34 44.06
C GLU D 486 28.10 -0.95 44.84
N GLY D 487 29.22 -1.60 45.17
CA GLY D 487 29.21 -2.85 45.90
C GLY D 487 29.15 -4.07 45.00
#